data_5QXO
# 
_entry.id   5QXO 
# 
_audit_conform.dict_name       mmcif_pdbx.dic 
_audit_conform.dict_version    5.387 
_audit_conform.dict_location   http://mmcif.pdb.org/dictionaries/ascii/mmcif_pdbx.dic 
# 
loop_
_database_2.database_id 
_database_2.database_code 
_database_2.pdbx_database_accession 
_database_2.pdbx_DOI 
PDB   5QXO         pdb_00005qxo 10.2210/pdb5qxo/pdb 
WWPDB D_1001402446 ?            ?                   
# 
loop_
_pdbx_audit_revision_history.ordinal 
_pdbx_audit_revision_history.data_content_type 
_pdbx_audit_revision_history.major_revision 
_pdbx_audit_revision_history.minor_revision 
_pdbx_audit_revision_history.revision_date 
1 'Structure model' 1 0 2020-04-08 
2 'Structure model' 1 1 2024-03-06 
# 
_pdbx_audit_revision_details.ordinal             1 
_pdbx_audit_revision_details.revision_ordinal    1 
_pdbx_audit_revision_details.data_content_type   'Structure model' 
_pdbx_audit_revision_details.provider            repository 
_pdbx_audit_revision_details.type                'Initial release' 
_pdbx_audit_revision_details.description         ? 
_pdbx_audit_revision_details.details             ? 
# 
loop_
_pdbx_audit_revision_group.ordinal 
_pdbx_audit_revision_group.revision_ordinal 
_pdbx_audit_revision_group.data_content_type 
_pdbx_audit_revision_group.group 
1 2 'Structure model' 'Data collection'     
2 2 'Structure model' 'Database references' 
# 
loop_
_pdbx_audit_revision_category.ordinal 
_pdbx_audit_revision_category.revision_ordinal 
_pdbx_audit_revision_category.data_content_type 
_pdbx_audit_revision_category.category 
1 2 'Structure model' chem_comp_atom 
2 2 'Structure model' chem_comp_bond 
3 2 'Structure model' database_2     
# 
loop_
_pdbx_audit_revision_item.ordinal 
_pdbx_audit_revision_item.revision_ordinal 
_pdbx_audit_revision_item.data_content_type 
_pdbx_audit_revision_item.item 
1 2 'Structure model' '_database_2.pdbx_DOI'                
2 2 'Structure model' '_database_2.pdbx_database_accession' 
# 
_pdbx_database_status.entry_id                        5QXO 
_pdbx_database_status.status_code                     REL 
_pdbx_database_status.status_code_sf                  REL 
_pdbx_database_status.status_code_mr                  ? 
_pdbx_database_status.status_code_cs                  ? 
_pdbx_database_status.recvd_initial_deposition_date   2020-02-11 
_pdbx_database_status.deposit_site                    RCSB 
_pdbx_database_status.process_site                    RCSB 
_pdbx_database_status.SG_entry                        ? 
_pdbx_database_status.pdb_format_compatible           Y 
_pdbx_database_status.methods_development_category    ? 
_pdbx_database_status.status_code_nmr_data            ? 
# 
loop_
_audit_author.name 
_audit_author.pdbx_ordinal 
'Snee, M.'         1 
'Talon, R.'        2 
'Fowley, D.'       3 
'Collins, P.'      4 
'Nelson, A.'       5 
'Arrowsmith, C.H.' 6 
'Bountra, C.'      7 
'Edwards, A.'      8 
'Von-Delft, F.'    9 
# 
_citation.id                        primary 
_citation.title                     'PanDDA analysis group deposition - Bromodomain of human ATAD2 fragment screening' 
_citation.journal_abbrev            'To Be Published' 
_citation.journal_volume            ? 
_citation.page_first                ? 
_citation.page_last                 ? 
_citation.year                      ? 
_citation.journal_id_ASTM           ? 
_citation.country                   ? 
_citation.journal_id_ISSN           ? 
_citation.journal_id_CSD            0353 
_citation.book_publisher            ? 
_citation.pdbx_database_id_PubMed   ? 
_citation.pdbx_database_id_DOI      ? 
# 
loop_
_citation_author.citation_id 
_citation_author.name 
_citation_author.identifier_ORCID 
_citation_author.ordinal 
primary 'Snee, M.'         ? 1 
primary 'Talon, R.'        ? 2 
primary 'Fowley, D.'       ? 3 
primary 'Collins, P.'      ? 4 
primary 'Nelson, A.'       ? 5 
primary 'Arrowsmith, C.H.' ? 6 
primary 'Bountra, C.'      ? 7 
primary 'Edwards, A.'      ? 8 
primary 'Von-Delft, F.'    ? 9 
# 
loop_
_entity.id 
_entity.type 
_entity.src_method 
_entity.pdbx_description 
_entity.formula_weight 
_entity.pdbx_number_of_molecules 
_entity.pdbx_ec 
_entity.pdbx_mutation 
_entity.pdbx_fragment 
_entity.details 
1 polymer     man 'ATPase family AAA domain-containing protein 2' 15512.562 1   3.6.1.3 ? ? ? 
2 non-polymer syn 'SULFATE ION' 96.063    2   ?       ? ? ? 
3 non-polymer syn 1,2-ETHANEDIOL 62.068    4   ?       ? ? ? 
4 non-polymer syn 
;methyl (5aS,8aS,10S)-8,8a,9,10-tetrahydro-5H-5a,10-epoxypyrrolo[3',4':4,5]cyclohepta[1,2-b]pyrazine-7(6H)-carboxylate
;
261.276   1   ?       ? ? ? 
5 water       nat water 18.015    224 ?       ? ? ? 
# 
_entity_name_com.entity_id   1 
_entity_name_com.name        'AAA nuclear coregulator cancer-associated protein,ANCCA' 
# 
_entity_poly.entity_id                      1 
_entity_poly.type                           'polypeptide(L)' 
_entity_poly.nstd_linkage                   no 
_entity_poly.nstd_monomer                   no 
_entity_poly.pdbx_seq_one_letter_code       
;SMQEEDTFRELRIFLRNVTHRLAIDKRFRVFTKPVDPDEVPDYRTVIKEPMDLSSVISKIDLHKYLTVKDYLRDIDLICS
NALEYNPDRDPGDRLIRHRACALRDTAYAIIKEELDEDFEQLCEEIQESR
;
_entity_poly.pdbx_seq_one_letter_code_can   
;SMQEEDTFRELRIFLRNVTHRLAIDKRFRVFTKPVDPDEVPDYRTVIKEPMDLSSVISKIDLHKYLTVKDYLRDIDLICS
NALEYNPDRDPGDRLIRHRACALRDTAYAIIKEELDEDFEQLCEEIQESR
;
_entity_poly.pdbx_strand_id                 A 
_entity_poly.pdbx_target_identifier         ? 
# 
loop_
_pdbx_entity_nonpoly.entity_id 
_pdbx_entity_nonpoly.name 
_pdbx_entity_nonpoly.comp_id 
2 'SULFATE ION'                                                                                                           SO4 
3 1,2-ETHANEDIOL                                                                                                          EDO 
4 
;methyl (5aS,8aS,10S)-8,8a,9,10-tetrahydro-5H-5a,10-epoxypyrrolo[3',4':4,5]cyclohepta[1,2-b]pyrazine-7(6H)-carboxylate
;
RH7 
5 water                                                                                                                   HOH 
# 
loop_
_entity_poly_seq.entity_id 
_entity_poly_seq.num 
_entity_poly_seq.mon_id 
_entity_poly_seq.hetero 
1 1   SER n 
1 2   MET n 
1 3   GLN n 
1 4   GLU n 
1 5   GLU n 
1 6   ASP n 
1 7   THR n 
1 8   PHE n 
1 9   ARG n 
1 10  GLU n 
1 11  LEU n 
1 12  ARG n 
1 13  ILE n 
1 14  PHE n 
1 15  LEU n 
1 16  ARG n 
1 17  ASN n 
1 18  VAL n 
1 19  THR n 
1 20  HIS n 
1 21  ARG n 
1 22  LEU n 
1 23  ALA n 
1 24  ILE n 
1 25  ASP n 
1 26  LYS n 
1 27  ARG n 
1 28  PHE n 
1 29  ARG n 
1 30  VAL n 
1 31  PHE n 
1 32  THR n 
1 33  LYS n 
1 34  PRO n 
1 35  VAL n 
1 36  ASP n 
1 37  PRO n 
1 38  ASP n 
1 39  GLU n 
1 40  VAL n 
1 41  PRO n 
1 42  ASP n 
1 43  TYR n 
1 44  ARG n 
1 45  THR n 
1 46  VAL n 
1 47  ILE n 
1 48  LYS n 
1 49  GLU n 
1 50  PRO n 
1 51  MET n 
1 52  ASP n 
1 53  LEU n 
1 54  SER n 
1 55  SER n 
1 56  VAL n 
1 57  ILE n 
1 58  SER n 
1 59  LYS n 
1 60  ILE n 
1 61  ASP n 
1 62  LEU n 
1 63  HIS n 
1 64  LYS n 
1 65  TYR n 
1 66  LEU n 
1 67  THR n 
1 68  VAL n 
1 69  LYS n 
1 70  ASP n 
1 71  TYR n 
1 72  LEU n 
1 73  ARG n 
1 74  ASP n 
1 75  ILE n 
1 76  ASP n 
1 77  LEU n 
1 78  ILE n 
1 79  CYS n 
1 80  SER n 
1 81  ASN n 
1 82  ALA n 
1 83  LEU n 
1 84  GLU n 
1 85  TYR n 
1 86  ASN n 
1 87  PRO n 
1 88  ASP n 
1 89  ARG n 
1 90  ASP n 
1 91  PRO n 
1 92  GLY n 
1 93  ASP n 
1 94  ARG n 
1 95  LEU n 
1 96  ILE n 
1 97  ARG n 
1 98  HIS n 
1 99  ARG n 
1 100 ALA n 
1 101 CYS n 
1 102 ALA n 
1 103 LEU n 
1 104 ARG n 
1 105 ASP n 
1 106 THR n 
1 107 ALA n 
1 108 TYR n 
1 109 ALA n 
1 110 ILE n 
1 111 ILE n 
1 112 LYS n 
1 113 GLU n 
1 114 GLU n 
1 115 LEU n 
1 116 ASP n 
1 117 GLU n 
1 118 ASP n 
1 119 PHE n 
1 120 GLU n 
1 121 GLN n 
1 122 LEU n 
1 123 CYS n 
1 124 GLU n 
1 125 GLU n 
1 126 ILE n 
1 127 GLN n 
1 128 GLU n 
1 129 SER n 
1 130 ARG n 
# 
_entity_src_gen.entity_id                          1 
_entity_src_gen.pdbx_src_id                        1 
_entity_src_gen.pdbx_alt_source_flag               sample 
_entity_src_gen.pdbx_seq_type                      'Biological sequence' 
_entity_src_gen.pdbx_beg_seq_num                   1 
_entity_src_gen.pdbx_end_seq_num                   130 
_entity_src_gen.gene_src_common_name               Human 
_entity_src_gen.gene_src_genus                     ? 
_entity_src_gen.pdbx_gene_src_gene                 'ATAD2, L16, PRO2000' 
_entity_src_gen.gene_src_species                   ? 
_entity_src_gen.gene_src_strain                    ? 
_entity_src_gen.gene_src_tissue                    ? 
_entity_src_gen.gene_src_tissue_fraction           ? 
_entity_src_gen.gene_src_details                   ? 
_entity_src_gen.pdbx_gene_src_fragment             ? 
_entity_src_gen.pdbx_gene_src_scientific_name      'Homo sapiens' 
_entity_src_gen.pdbx_gene_src_ncbi_taxonomy_id     9606 
_entity_src_gen.pdbx_gene_src_variant              ? 
_entity_src_gen.pdbx_gene_src_cell_line            ? 
_entity_src_gen.pdbx_gene_src_atcc                 ? 
_entity_src_gen.pdbx_gene_src_organ                ? 
_entity_src_gen.pdbx_gene_src_organelle            ? 
_entity_src_gen.pdbx_gene_src_cell                 ? 
_entity_src_gen.pdbx_gene_src_cellular_location    ? 
_entity_src_gen.host_org_common_name               ? 
_entity_src_gen.pdbx_host_org_scientific_name      'Escherichia coli' 
_entity_src_gen.pdbx_host_org_ncbi_taxonomy_id     562 
_entity_src_gen.host_org_genus                     ? 
_entity_src_gen.pdbx_host_org_gene                 ? 
_entity_src_gen.pdbx_host_org_organ                ? 
_entity_src_gen.host_org_species                   ? 
_entity_src_gen.pdbx_host_org_tissue               ? 
_entity_src_gen.pdbx_host_org_tissue_fraction      ? 
_entity_src_gen.pdbx_host_org_strain               ? 
_entity_src_gen.pdbx_host_org_variant              ? 
_entity_src_gen.pdbx_host_org_cell_line            ? 
_entity_src_gen.pdbx_host_org_atcc                 ? 
_entity_src_gen.pdbx_host_org_culture_collection   ? 
_entity_src_gen.pdbx_host_org_cell                 ? 
_entity_src_gen.pdbx_host_org_organelle            ? 
_entity_src_gen.pdbx_host_org_cellular_location    ? 
_entity_src_gen.pdbx_host_org_vector_type          ? 
_entity_src_gen.pdbx_host_org_vector               ? 
_entity_src_gen.host_org_details                   ? 
_entity_src_gen.expression_system_id               ? 
_entity_src_gen.plasmid_name                       ? 
_entity_src_gen.plasmid_details                    ? 
_entity_src_gen.pdbx_description                   ? 
# 
loop_
_chem_comp.id 
_chem_comp.type 
_chem_comp.mon_nstd_flag 
_chem_comp.name 
_chem_comp.pdbx_synonyms 
_chem_comp.formula 
_chem_comp.formula_weight 
ALA 'L-peptide linking' y ALANINE ?                 'C3 H7 N O2'     89.093  
ARG 'L-peptide linking' y ARGININE ?                 'C6 H15 N4 O2 1' 175.209 
ASN 'L-peptide linking' y ASPARAGINE ?                 'C4 H8 N2 O3'    132.118 
ASP 'L-peptide linking' y 'ASPARTIC ACID' ?                 'C4 H7 N O4'     133.103 
CYS 'L-peptide linking' y CYSTEINE ?                 'C3 H7 N O2 S'   121.158 
EDO non-polymer         . 1,2-ETHANEDIOL 'ETHYLENE GLYCOL' 'C2 H6 O2'       62.068  
GLN 'L-peptide linking' y GLUTAMINE ?                 'C5 H10 N2 O3'   146.144 
GLU 'L-peptide linking' y 'GLUTAMIC ACID' ?                 'C5 H9 N O4'     147.129 
GLY 'peptide linking'   y GLYCINE ?                 'C2 H5 N O2'     75.067  
HIS 'L-peptide linking' y HISTIDINE ?                 'C6 H10 N3 O2 1' 156.162 
HOH non-polymer         . WATER ?                 'H2 O'           18.015  
ILE 'L-peptide linking' y ISOLEUCINE ?                 'C6 H13 N O2'    131.173 
LEU 'L-peptide linking' y LEUCINE ?                 'C6 H13 N O2'    131.173 
LYS 'L-peptide linking' y LYSINE ?                 'C6 H15 N2 O2 1' 147.195 
MET 'L-peptide linking' y METHIONINE ?                 'C5 H11 N O2 S'  149.211 
PHE 'L-peptide linking' y PHENYLALANINE ?                 'C9 H11 N O2'    165.189 
PRO 'L-peptide linking' y PROLINE ?                 'C5 H9 N O2'     115.130 
RH7 non-polymer         . 
;methyl (5aS,8aS,10S)-8,8a,9,10-tetrahydro-5H-5a,10-epoxypyrrolo[3',4':4,5]cyclohepta[1,2-b]pyrazine-7(6H)-carboxylate
;
?                 'C13 H15 N3 O3'  261.276 
SER 'L-peptide linking' y SERINE ?                 'C3 H7 N O3'     105.093 
SO4 non-polymer         . 'SULFATE ION' ?                 'O4 S -2'        96.063  
THR 'L-peptide linking' y THREONINE ?                 'C4 H9 N O3'     119.119 
TYR 'L-peptide linking' y TYROSINE ?                 'C9 H11 N O3'    181.189 
VAL 'L-peptide linking' y VALINE ?                 'C5 H11 N O2'    117.146 
# 
loop_
_pdbx_poly_seq_scheme.asym_id 
_pdbx_poly_seq_scheme.entity_id 
_pdbx_poly_seq_scheme.seq_id 
_pdbx_poly_seq_scheme.mon_id 
_pdbx_poly_seq_scheme.ndb_seq_num 
_pdbx_poly_seq_scheme.pdb_seq_num 
_pdbx_poly_seq_scheme.auth_seq_num 
_pdbx_poly_seq_scheme.pdb_mon_id 
_pdbx_poly_seq_scheme.auth_mon_id 
_pdbx_poly_seq_scheme.pdb_strand_id 
_pdbx_poly_seq_scheme.pdb_ins_code 
_pdbx_poly_seq_scheme.hetero 
A 1 1   SER 1   979  979  SER SER A . n 
A 1 2   MET 2   980  980  MET MET A . n 
A 1 3   GLN 3   981  981  GLN GLN A . n 
A 1 4   GLU 4   982  982  GLU GLU A . n 
A 1 5   GLU 5   983  983  GLU GLU A . n 
A 1 6   ASP 6   984  984  ASP ASP A . n 
A 1 7   THR 7   985  985  THR THR A . n 
A 1 8   PHE 8   986  986  PHE PHE A . n 
A 1 9   ARG 9   987  987  ARG ARG A . n 
A 1 10  GLU 10  988  988  GLU GLU A . n 
A 1 11  LEU 11  989  989  LEU LEU A . n 
A 1 12  ARG 12  990  990  ARG ARG A . n 
A 1 13  ILE 13  991  991  ILE ILE A . n 
A 1 14  PHE 14  992  992  PHE PHE A . n 
A 1 15  LEU 15  993  993  LEU LEU A . n 
A 1 16  ARG 16  994  994  ARG ARG A . n 
A 1 17  ASN 17  995  995  ASN ASN A . n 
A 1 18  VAL 18  996  996  VAL VAL A . n 
A 1 19  THR 19  997  997  THR THR A . n 
A 1 20  HIS 20  998  998  HIS HIS A . n 
A 1 21  ARG 21  999  999  ARG ARG A . n 
A 1 22  LEU 22  1000 1000 LEU LEU A . n 
A 1 23  ALA 23  1001 1001 ALA ALA A . n 
A 1 24  ILE 24  1002 1002 ILE ILE A . n 
A 1 25  ASP 25  1003 1003 ASP ASP A . n 
A 1 26  LYS 26  1004 1004 LYS LYS A . n 
A 1 27  ARG 27  1005 1005 ARG ARG A . n 
A 1 28  PHE 28  1006 1006 PHE PHE A . n 
A 1 29  ARG 29  1007 1007 ARG ARG A . n 
A 1 30  VAL 30  1008 1008 VAL VAL A . n 
A 1 31  PHE 31  1009 1009 PHE PHE A . n 
A 1 32  THR 32  1010 1010 THR THR A . n 
A 1 33  LYS 33  1011 1011 LYS LYS A . n 
A 1 34  PRO 34  1012 1012 PRO PRO A . n 
A 1 35  VAL 35  1013 1013 VAL VAL A . n 
A 1 36  ASP 36  1014 1014 ASP ASP A . n 
A 1 37  PRO 37  1015 1015 PRO PRO A . n 
A 1 38  ASP 38  1016 1016 ASP ASP A . n 
A 1 39  GLU 39  1017 1017 GLU GLU A . n 
A 1 40  VAL 40  1018 1018 VAL VAL A . n 
A 1 41  PRO 41  1019 1019 PRO PRO A . n 
A 1 42  ASP 42  1020 1020 ASP ASP A . n 
A 1 43  TYR 43  1021 1021 TYR TYR A . n 
A 1 44  ARG 44  1022 1022 ARG ARG A . n 
A 1 45  THR 45  1023 1023 THR THR A . n 
A 1 46  VAL 46  1024 1024 VAL VAL A . n 
A 1 47  ILE 47  1025 1025 ILE ILE A . n 
A 1 48  LYS 48  1026 1026 LYS LYS A . n 
A 1 49  GLU 49  1027 1027 GLU GLU A . n 
A 1 50  PRO 50  1028 1028 PRO PRO A . n 
A 1 51  MET 51  1029 1029 MET MET A . n 
A 1 52  ASP 52  1030 1030 ASP ASP A . n 
A 1 53  LEU 53  1031 1031 LEU LEU A . n 
A 1 54  SER 54  1032 1032 SER SER A . n 
A 1 55  SER 55  1033 1033 SER SER A . n 
A 1 56  VAL 56  1034 1034 VAL VAL A . n 
A 1 57  ILE 57  1035 1035 ILE ILE A . n 
A 1 58  SER 58  1036 1036 SER SER A . n 
A 1 59  LYS 59  1037 1037 LYS LYS A . n 
A 1 60  ILE 60  1038 1038 ILE ILE A . n 
A 1 61  ASP 61  1039 1039 ASP ASP A . n 
A 1 62  LEU 62  1040 1040 LEU LEU A . n 
A 1 63  HIS 63  1041 1041 HIS HIS A . n 
A 1 64  LYS 64  1042 1042 LYS LYS A . n 
A 1 65  TYR 65  1043 1043 TYR TYR A . n 
A 1 66  LEU 66  1044 1044 LEU LEU A . n 
A 1 67  THR 67  1045 1045 THR THR A . n 
A 1 68  VAL 68  1046 1046 VAL VAL A . n 
A 1 69  LYS 69  1047 1047 LYS LYS A . n 
A 1 70  ASP 70  1048 1048 ASP ASP A . n 
A 1 71  TYR 71  1049 1049 TYR TYR A . n 
A 1 72  LEU 72  1050 1050 LEU LEU A . n 
A 1 73  ARG 73  1051 1051 ARG ARG A . n 
A 1 74  ASP 74  1052 1052 ASP ASP A . n 
A 1 75  ILE 75  1053 1053 ILE ILE A . n 
A 1 76  ASP 76  1054 1054 ASP ASP A . n 
A 1 77  LEU 77  1055 1055 LEU LEU A . n 
A 1 78  ILE 78  1056 1056 ILE ILE A . n 
A 1 79  CYS 79  1057 1057 CYS CYS A . n 
A 1 80  SER 80  1058 1058 SER SER A . n 
A 1 81  ASN 81  1059 1059 ASN ASN A . n 
A 1 82  ALA 82  1060 1060 ALA ALA A . n 
A 1 83  LEU 83  1061 1061 LEU LEU A . n 
A 1 84  GLU 84  1062 1062 GLU GLU A . n 
A 1 85  TYR 85  1063 1063 TYR TYR A . n 
A 1 86  ASN 86  1064 1064 ASN ASN A . n 
A 1 87  PRO 87  1065 1065 PRO PRO A . n 
A 1 88  ASP 88  1066 1066 ASP ASP A . n 
A 1 89  ARG 89  1067 1067 ARG ARG A . n 
A 1 90  ASP 90  1068 1068 ASP ASP A . n 
A 1 91  PRO 91  1069 1069 PRO PRO A . n 
A 1 92  GLY 92  1070 1070 GLY GLY A . n 
A 1 93  ASP 93  1071 1071 ASP ASP A . n 
A 1 94  ARG 94  1072 1072 ARG ARG A . n 
A 1 95  LEU 95  1073 1073 LEU LEU A . n 
A 1 96  ILE 96  1074 1074 ILE ILE A . n 
A 1 97  ARG 97  1075 1075 ARG ARG A . n 
A 1 98  HIS 98  1076 1076 HIS HIS A . n 
A 1 99  ARG 99  1077 1077 ARG ARG A . n 
A 1 100 ALA 100 1078 1078 ALA ALA A . n 
A 1 101 CYS 101 1079 1079 CYS CYS A . n 
A 1 102 ALA 102 1080 1080 ALA ALA A . n 
A 1 103 LEU 103 1081 1081 LEU LEU A . n 
A 1 104 ARG 104 1082 1082 ARG ARG A . n 
A 1 105 ASP 105 1083 1083 ASP ASP A . n 
A 1 106 THR 106 1084 1084 THR THR A . n 
A 1 107 ALA 107 1085 1085 ALA ALA A . n 
A 1 108 TYR 108 1086 1086 TYR TYR A . n 
A 1 109 ALA 109 1087 1087 ALA ALA A . n 
A 1 110 ILE 110 1088 1088 ILE ILE A . n 
A 1 111 ILE 111 1089 1089 ILE ILE A . n 
A 1 112 LYS 112 1090 1090 LYS LYS A . n 
A 1 113 GLU 113 1091 1091 GLU GLU A . n 
A 1 114 GLU 114 1092 1092 GLU GLU A . n 
A 1 115 LEU 115 1093 1093 LEU LEU A . n 
A 1 116 ASP 116 1094 1094 ASP ASP A . n 
A 1 117 GLU 117 1095 1095 GLU GLU A . n 
A 1 118 ASP 118 1096 1096 ASP ASP A . n 
A 1 119 PHE 119 1097 1097 PHE PHE A . n 
A 1 120 GLU 120 1098 1098 GLU GLU A . n 
A 1 121 GLN 121 1099 1099 GLN GLN A . n 
A 1 122 LEU 122 1100 1100 LEU LEU A . n 
A 1 123 CYS 123 1101 1101 CYS CYS A . n 
A 1 124 GLU 124 1102 1102 GLU GLU A . n 
A 1 125 GLU 125 1103 1103 GLU GLU A . n 
A 1 126 ILE 126 1104 1104 ILE ILE A . n 
A 1 127 GLN 127 1105 1105 GLN GLN A . n 
A 1 128 GLU 128 1106 1106 GLU GLU A . n 
A 1 129 SER 129 1107 1107 SER SER A . n 
A 1 130 ARG 130 1108 1108 ARG ARG A . n 
# 
loop_
_pdbx_nonpoly_scheme.asym_id 
_pdbx_nonpoly_scheme.entity_id 
_pdbx_nonpoly_scheme.mon_id 
_pdbx_nonpoly_scheme.ndb_seq_num 
_pdbx_nonpoly_scheme.pdb_seq_num 
_pdbx_nonpoly_scheme.auth_seq_num 
_pdbx_nonpoly_scheme.pdb_mon_id 
_pdbx_nonpoly_scheme.auth_mon_id 
_pdbx_nonpoly_scheme.pdb_strand_id 
_pdbx_nonpoly_scheme.pdb_ins_code 
B 2 SO4 1   1201 1   SO4 SO4 A . 
C 2 SO4 1   1202 2   SO4 SO4 A . 
D 3 EDO 1   1203 3   EDO EDO A . 
E 3 EDO 1   1204 5   EDO EDO A . 
F 3 EDO 1   1205 6   EDO EDO A . 
G 4 RH7 1   1206 1   RH7 LIG A . 
H 3 EDO 1   1207 101 EDO EDO A . 
I 5 HOH 1   1301 32  HOH HOH A . 
I 5 HOH 2   1302 256 HOH HOH A . 
I 5 HOH 3   1303 155 HOH HOH A . 
I 5 HOH 4   1304 134 HOH HOH A . 
I 5 HOH 5   1305 184 HOH HOH A . 
I 5 HOH 6   1306 158 HOH HOH A . 
I 5 HOH 7   1307 68  HOH HOH A . 
I 5 HOH 8   1308 118 HOH HOH A . 
I 5 HOH 9   1309 161 HOH HOH A . 
I 5 HOH 10  1310 144 HOH HOH A . 
I 5 HOH 11  1311 79  HOH HOH A . 
I 5 HOH 12  1312 200 HOH HOH A . 
I 5 HOH 13  1313 128 HOH HOH A . 
I 5 HOH 14  1314 98  HOH HOH A . 
I 5 HOH 15  1315 27  HOH HOH A . 
I 5 HOH 16  1316 129 HOH HOH A . 
I 5 HOH 17  1317 191 HOH HOH A . 
I 5 HOH 18  1318 50  HOH HOH A . 
I 5 HOH 19  1319 28  HOH HOH A . 
I 5 HOH 20  1320 201 HOH HOH A . 
I 5 HOH 21  1321 5   HOH HOH A . 
I 5 HOH 22  1322 257 HOH HOH A . 
I 5 HOH 23  1323 34  HOH HOH A . 
I 5 HOH 24  1324 23  HOH HOH A . 
I 5 HOH 25  1325 59  HOH HOH A . 
I 5 HOH 26  1326 106 HOH HOH A . 
I 5 HOH 27  1327 13  HOH HOH A . 
I 5 HOH 28  1328 109 HOH HOH A . 
I 5 HOH 29  1329 113 HOH HOH A . 
I 5 HOH 30  1330 87  HOH HOH A . 
I 5 HOH 31  1331 100 HOH HOH A . 
I 5 HOH 32  1332 132 HOH HOH A . 
I 5 HOH 33  1333 64  HOH HOH A . 
I 5 HOH 34  1334 20  HOH HOH A . 
I 5 HOH 35  1335 16  HOH HOH A . 
I 5 HOH 36  1336 142 HOH HOH A . 
I 5 HOH 37  1337 77  HOH HOH A . 
I 5 HOH 38  1338 56  HOH HOH A . 
I 5 HOH 39  1339 171 HOH HOH A . 
I 5 HOH 40  1340 163 HOH HOH A . 
I 5 HOH 41  1341 75  HOH HOH A . 
I 5 HOH 42  1342 25  HOH HOH A . 
I 5 HOH 43  1343 189 HOH HOH A . 
I 5 HOH 44  1344 165 HOH HOH A . 
I 5 HOH 45  1345 9   HOH HOH A . 
I 5 HOH 46  1346 80  HOH HOH A . 
I 5 HOH 47  1347 42  HOH HOH A . 
I 5 HOH 48  1348 47  HOH HOH A . 
I 5 HOH 49  1349 55  HOH HOH A . 
I 5 HOH 50  1350 33  HOH HOH A . 
I 5 HOH 51  1351 22  HOH HOH A . 
I 5 HOH 52  1352 19  HOH HOH A . 
I 5 HOH 53  1353 21  HOH HOH A . 
I 5 HOH 54  1354 221 HOH HOH A . 
I 5 HOH 55  1355 61  HOH HOH A . 
I 5 HOH 56  1356 31  HOH HOH A . 
I 5 HOH 57  1357 17  HOH HOH A . 
I 5 HOH 58  1358 162 HOH HOH A . 
I 5 HOH 59  1359 202 HOH HOH A . 
I 5 HOH 60  1360 7   HOH HOH A . 
I 5 HOH 61  1361 99  HOH HOH A . 
I 5 HOH 62  1362 160 HOH HOH A . 
I 5 HOH 63  1363 43  HOH HOH A . 
I 5 HOH 64  1364 236 HOH HOH A . 
I 5 HOH 65  1365 197 HOH HOH A . 
I 5 HOH 66  1366 139 HOH HOH A . 
I 5 HOH 67  1367 58  HOH HOH A . 
I 5 HOH 68  1368 2   HOH HOH A . 
I 5 HOH 69  1369 203 HOH HOH A . 
I 5 HOH 70  1370 14  HOH HOH A . 
I 5 HOH 71  1371 40  HOH HOH A . 
I 5 HOH 72  1372 1   HOH HOH A . 
I 5 HOH 73  1373 88  HOH HOH A . 
I 5 HOH 74  1374 48  HOH HOH A . 
I 5 HOH 75  1375 24  HOH HOH A . 
I 5 HOH 76  1376 52  HOH HOH A . 
I 5 HOH 77  1377 76  HOH HOH A . 
I 5 HOH 78  1378 120 HOH HOH A . 
I 5 HOH 79  1379 29  HOH HOH A . 
I 5 HOH 80  1380 175 HOH HOH A . 
I 5 HOH 81  1381 141 HOH HOH A . 
I 5 HOH 82  1382 147 HOH HOH A . 
I 5 HOH 83  1383 67  HOH HOH A . 
I 5 HOH 84  1384 206 HOH HOH A . 
I 5 HOH 85  1385 187 HOH HOH A . 
I 5 HOH 86  1386 6   HOH HOH A . 
I 5 HOH 87  1387 101 HOH HOH A . 
I 5 HOH 88  1388 12  HOH HOH A . 
I 5 HOH 89  1389 46  HOH HOH A . 
I 5 HOH 90  1390 194 HOH HOH A . 
I 5 HOH 91  1391 104 HOH HOH A . 
I 5 HOH 92  1392 70  HOH HOH A . 
I 5 HOH 93  1393 85  HOH HOH A . 
I 5 HOH 94  1394 131 HOH HOH A . 
I 5 HOH 95  1395 172 HOH HOH A . 
I 5 HOH 96  1396 92  HOH HOH A . 
I 5 HOH 97  1397 30  HOH HOH A . 
I 5 HOH 98  1398 124 HOH HOH A . 
I 5 HOH 99  1399 154 HOH HOH A . 
I 5 HOH 100 1400 4   HOH HOH A . 
I 5 HOH 101 1401 83  HOH HOH A . 
I 5 HOH 102 1402 102 HOH HOH A . 
I 5 HOH 103 1403 36  HOH HOH A . 
I 5 HOH 104 1404 73  HOH HOH A . 
I 5 HOH 105 1405 89  HOH HOH A . 
I 5 HOH 106 1406 15  HOH HOH A . 
I 5 HOH 107 1407 45  HOH HOH A . 
I 5 HOH 108 1408 62  HOH HOH A . 
I 5 HOH 109 1409 176 HOH HOH A . 
I 5 HOH 110 1410 216 HOH HOH A . 
I 5 HOH 111 1411 177 HOH HOH A . 
I 5 HOH 112 1412 107 HOH HOH A . 
I 5 HOH 113 1413 54  HOH HOH A . 
I 5 HOH 114 1414 3   HOH HOH A . 
I 5 HOH 115 1415 111 HOH HOH A . 
I 5 HOH 116 1416 82  HOH HOH A . 
I 5 HOH 117 1417 116 HOH HOH A . 
I 5 HOH 118 1418 95  HOH HOH A . 
I 5 HOH 119 1419 39  HOH HOH A . 
I 5 HOH 120 1420 51  HOH HOH A . 
I 5 HOH 121 1421 49  HOH HOH A . 
I 5 HOH 122 1422 240 HOH HOH A . 
I 5 HOH 123 1423 11  HOH HOH A . 
I 5 HOH 124 1424 72  HOH HOH A . 
I 5 HOH 125 1425 259 HOH HOH A . 
I 5 HOH 126 1426 18  HOH HOH A . 
I 5 HOH 127 1427 190 HOH HOH A . 
I 5 HOH 128 1428 53  HOH HOH A . 
I 5 HOH 129 1429 105 HOH HOH A . 
I 5 HOH 130 1430 145 HOH HOH A . 
I 5 HOH 131 1431 130 HOH HOH A . 
I 5 HOH 132 1432 78  HOH HOH A . 
I 5 HOH 133 1433 90  HOH HOH A . 
I 5 HOH 134 1434 215 HOH HOH A . 
I 5 HOH 135 1435 10  HOH HOH A . 
I 5 HOH 136 1436 38  HOH HOH A . 
I 5 HOH 137 1437 97  HOH HOH A . 
I 5 HOH 138 1438 179 HOH HOH A . 
I 5 HOH 139 1439 247 HOH HOH A . 
I 5 HOH 140 1440 246 HOH HOH A . 
I 5 HOH 141 1441 26  HOH HOH A . 
I 5 HOH 142 1442 209 HOH HOH A . 
I 5 HOH 143 1443 57  HOH HOH A . 
I 5 HOH 144 1444 234 HOH HOH A . 
I 5 HOH 145 1445 123 HOH HOH A . 
I 5 HOH 146 1446 207 HOH HOH A . 
I 5 HOH 147 1447 196 HOH HOH A . 
I 5 HOH 148 1448 254 HOH HOH A . 
I 5 HOH 149 1449 164 HOH HOH A . 
I 5 HOH 150 1450 230 HOH HOH A . 
I 5 HOH 151 1451 180 HOH HOH A . 
I 5 HOH 152 1452 258 HOH HOH A . 
I 5 HOH 153 1453 237 HOH HOH A . 
I 5 HOH 154 1454 86  HOH HOH A . 
I 5 HOH 155 1455 178 HOH HOH A . 
I 5 HOH 156 1456 96  HOH HOH A . 
I 5 HOH 157 1457 66  HOH HOH A . 
I 5 HOH 158 1458 243 HOH HOH A . 
I 5 HOH 159 1459 93  HOH HOH A . 
I 5 HOH 160 1460 188 HOH HOH A . 
I 5 HOH 161 1461 41  HOH HOH A . 
I 5 HOH 162 1462 114 HOH HOH A . 
I 5 HOH 163 1463 122 HOH HOH A . 
I 5 HOH 164 1464 186 HOH HOH A . 
I 5 HOH 165 1465 199 HOH HOH A . 
I 5 HOH 166 1466 110 HOH HOH A . 
I 5 HOH 167 1467 81  HOH HOH A . 
I 5 HOH 168 1468 69  HOH HOH A . 
I 5 HOH 169 1469 224 HOH HOH A . 
I 5 HOH 170 1470 181 HOH HOH A . 
I 5 HOH 171 1471 152 HOH HOH A . 
I 5 HOH 172 1472 167 HOH HOH A . 
I 5 HOH 173 1473 91  HOH HOH A . 
I 5 HOH 174 1474 217 HOH HOH A . 
I 5 HOH 175 1475 60  HOH HOH A . 
I 5 HOH 176 1476 150 HOH HOH A . 
I 5 HOH 177 1477 220 HOH HOH A . 
I 5 HOH 178 1478 225 HOH HOH A . 
I 5 HOH 179 1479 159 HOH HOH A . 
I 5 HOH 180 1480 115 HOH HOH A . 
I 5 HOH 181 1481 135 HOH HOH A . 
I 5 HOH 182 1482 37  HOH HOH A . 
I 5 HOH 183 1483 151 HOH HOH A . 
I 5 HOH 184 1484 250 HOH HOH A . 
I 5 HOH 185 1485 157 HOH HOH A . 
I 5 HOH 186 1486 210 HOH HOH A . 
I 5 HOH 187 1487 112 HOH HOH A . 
I 5 HOH 188 1488 233 HOH HOH A . 
I 5 HOH 189 1489 103 HOH HOH A . 
I 5 HOH 190 1490 143 HOH HOH A . 
I 5 HOH 191 1491 84  HOH HOH A . 
I 5 HOH 192 1492 8   HOH HOH A . 
I 5 HOH 193 1493 248 HOH HOH A . 
I 5 HOH 194 1494 125 HOH HOH A . 
I 5 HOH 195 1495 119 HOH HOH A . 
I 5 HOH 196 1496 146 HOH HOH A . 
I 5 HOH 197 1497 174 HOH HOH A . 
I 5 HOH 198 1498 137 HOH HOH A . 
I 5 HOH 199 1499 74  HOH HOH A . 
I 5 HOH 200 1500 71  HOH HOH A . 
I 5 HOH 201 1501 249 HOH HOH A . 
I 5 HOH 202 1502 44  HOH HOH A . 
I 5 HOH 203 1503 185 HOH HOH A . 
I 5 HOH 204 1504 117 HOH HOH A . 
I 5 HOH 205 1505 192 HOH HOH A . 
I 5 HOH 206 1506 183 HOH HOH A . 
I 5 HOH 207 1507 63  HOH HOH A . 
I 5 HOH 208 1508 127 HOH HOH A . 
I 5 HOH 209 1509 244 HOH HOH A . 
I 5 HOH 210 1510 148 HOH HOH A . 
I 5 HOH 211 1511 149 HOH HOH A . 
I 5 HOH 212 1512 251 HOH HOH A . 
I 5 HOH 213 1513 35  HOH HOH A . 
I 5 HOH 214 1514 168 HOH HOH A . 
I 5 HOH 215 1515 211 HOH HOH A . 
I 5 HOH 216 1516 245 HOH HOH A . 
I 5 HOH 217 1517 255 HOH HOH A . 
I 5 HOH 218 1518 205 HOH HOH A . 
I 5 HOH 219 1519 219 HOH HOH A . 
I 5 HOH 220 1520 213 HOH HOH A . 
I 5 HOH 221 1521 121 HOH HOH A . 
I 5 HOH 222 1522 136 HOH HOH A . 
I 5 HOH 223 1523 214 HOH HOH A . 
I 5 HOH 224 1524 204 HOH HOH A . 
# 
loop_
_pdbx_unobs_or_zero_occ_atoms.id 
_pdbx_unobs_or_zero_occ_atoms.PDB_model_num 
_pdbx_unobs_or_zero_occ_atoms.polymer_flag 
_pdbx_unobs_or_zero_occ_atoms.occupancy_flag 
_pdbx_unobs_or_zero_occ_atoms.auth_asym_id 
_pdbx_unobs_or_zero_occ_atoms.auth_comp_id 
_pdbx_unobs_or_zero_occ_atoms.auth_seq_id 
_pdbx_unobs_or_zero_occ_atoms.PDB_ins_code 
_pdbx_unobs_or_zero_occ_atoms.auth_atom_id 
_pdbx_unobs_or_zero_occ_atoms.label_alt_id 
_pdbx_unobs_or_zero_occ_atoms.label_asym_id 
_pdbx_unobs_or_zero_occ_atoms.label_comp_id 
_pdbx_unobs_or_zero_occ_atoms.label_seq_id 
_pdbx_unobs_or_zero_occ_atoms.label_atom_id 
1 1 Y 1 A LYS 1004 ? CG ? A LYS 26 CG 
2 1 Y 1 A LYS 1004 ? CD ? A LYS 26 CD 
3 1 Y 1 A LYS 1004 ? CE ? A LYS 26 CE 
4 1 Y 1 A LYS 1004 ? NZ ? A LYS 26 NZ 
# 
loop_
_software.pdbx_ordinal 
_software.name 
_software.version 
_software.date 
_software.type 
_software.contact_author 
_software.contact_author_email 
_software.classification 
_software.location 
_software.language 
_software.citation_id 
1 REFMAC      5.8.0238 ?               program 'Garib N. Murshudov' garib@ysbl.york.ac.uk    refinement        
http://www.ccp4.ac.uk/dist/html/refmac5.html        Fortran_77 ? 
2 Aimless     0.5.23   02/02/16        program 'Phil Evans'         ?                        'data scaling'    
http://www.mrc-lmb.cam.ac.uk/harry/pre/aimless.html ?          ? 
3 PDB_EXTRACT 3.23     'SEP. 23, 2016' package PDB                  deposit@deposit.rcsb.org 'data extraction' 
http://sw-tools.pdb.org/apps/PDB_EXTRACT/           C++        ? 
4 XDS         .        ?               program ?                    ?                        'data reduction'  ? ?          ? 
5 REFMAC      .        ?               program ?                    ?                        phasing           ? ?          ? 
# 
_cell.entry_id           5QXO 
_cell.length_a           80.360 
_cell.length_b           80.360 
_cell.length_c           139.560 
_cell.angle_alpha        90.000 
_cell.angle_beta         90.000 
_cell.angle_gamma        120.000 
_cell.Z_PDB              12 
_cell.pdbx_unique_axis   ? 
# 
_symmetry.entry_id                         5QXO 
_symmetry.Int_Tables_number                179 
_symmetry.space_group_name_H-M             'P 65 2 2' 
_symmetry.pdbx_full_space_group_name_H-M   ? 
_symmetry.cell_setting                     ? 
# 
_exptl.crystals_number   1 
_exptl.entry_id          5QXO 
_exptl.method            'X-RAY DIFFRACTION' 
# 
_exptl_crystal.id                    1 
_exptl_crystal.pdbx_mosaicity        0.000 
_exptl_crystal.pdbx_mosaicity_esd    ? 
_exptl_crystal.density_Matthews      4.2 
_exptl_crystal.density_diffrn        ? 
_exptl_crystal.density_meas          ? 
_exptl_crystal.density_meas_temp     ? 
_exptl_crystal.density_percent_sol   70.7 
_exptl_crystal.size_max              ? 
_exptl_crystal.size_mid              ? 
_exptl_crystal.size_min              ? 
_exptl_crystal.size_rad              ? 
_exptl_crystal.description           ? 
# 
_exptl_crystal_grow.crystal_id      1 
_exptl_crystal_grow.method          'VAPOR DIFFUSION, SITTING DROP' 
_exptl_crystal_grow.pH              5.5 
_exptl_crystal_grow.temp            277 
_exptl_crystal_grow.pdbx_details    '1.6M Ammonium Sulfate, 0.1M bis-tris pH 5.5' 
_exptl_crystal_grow.temp_details    ? 
_exptl_crystal_grow.pdbx_pH_range   ? 
# 
_diffrn.id                     1 
_diffrn.ambient_temp           100 
_diffrn.crystal_id             1 
_diffrn.ambient_temp_details   ? 
# 
_diffrn_detector.detector               PIXEL 
_diffrn_detector.type                   'DECTRIS PILATUS 6M' 
_diffrn_detector.pdbx_collection_date   2016-04-23 
_diffrn_detector.diffrn_id              1 
_diffrn_detector.details                ? 
# 
_diffrn_radiation.diffrn_id                        1 
_diffrn_radiation.wavelength_id                    1 
_diffrn_radiation.pdbx_diffrn_protocol             'SINGLE WAVELENGTH' 
_diffrn_radiation.pdbx_monochromatic_or_laue_m_l   ? 
_diffrn_radiation.monochromator                    ? 
_diffrn_radiation.pdbx_scattering_type             x-ray 
# 
_diffrn_radiation_wavelength.id           1 
_diffrn_radiation_wavelength.wavelength   0.92819 
_diffrn_radiation_wavelength.wt           1.0 
# 
_diffrn_source.diffrn_id                   1 
_diffrn_source.source                      SYNCHROTRON 
_diffrn_source.type                        'DIAMOND BEAMLINE I04-1' 
_diffrn_source.pdbx_wavelength_list        0.92819 
_diffrn_source.pdbx_synchrotron_site       Diamond 
_diffrn_source.pdbx_synchrotron_beamline   I04-1 
_diffrn_source.pdbx_wavelength             ? 
# 
_reflns.entry_id                     5QXO 
_reflns.pdbx_diffrn_id               1 
_reflns.pdbx_ordinal                 1 
_reflns.observed_criterion_sigma_I   ? 
_reflns.observed_criterion_sigma_F   ? 
_reflns.d_resolution_low             69.590 
_reflns.d_resolution_high            1.470 
_reflns.number_obs                   46059 
_reflns.number_all                   ? 
_reflns.percent_possible_obs         100.000 
_reflns.pdbx_Rmerge_I_obs            0.122 
_reflns.pdbx_Rsym_value              ? 
_reflns.pdbx_netI_over_sigmaI        17.200 
_reflns.B_iso_Wilson_estimate        ? 
_reflns.pdbx_redundancy              19.300 
_reflns.pdbx_Rrim_I_all              0.125 
_reflns.pdbx_Rpim_I_all              0.028 
_reflns.pdbx_CC_half                 1.000 
_reflns.pdbx_netI_over_av_sigmaI     ? 
_reflns.pdbx_number_measured_all     888251 
_reflns.pdbx_scaling_rejects         0 
_reflns.pdbx_chi_squared             ? 
_reflns.Rmerge_F_all                 ? 
_reflns.Rmerge_F_obs                 ? 
_reflns.observed_criterion_F_max     ? 
_reflns.observed_criterion_F_min     ? 
_reflns.observed_criterion_I_max     ? 
_reflns.observed_criterion_I_min     ? 
_reflns.pdbx_d_res_high_opt          ? 
_reflns.pdbx_d_res_low_opt           ? 
_reflns.details                      ? 
# 
loop_
_reflns_shell.pdbx_diffrn_id 
_reflns_shell.pdbx_ordinal 
_reflns_shell.d_res_high 
_reflns_shell.d_res_low 
_reflns_shell.number_measured_obs 
_reflns_shell.number_measured_all 
_reflns_shell.number_unique_obs 
_reflns_shell.pdbx_rejects 
_reflns_shell.Rmerge_I_obs 
_reflns_shell.meanI_over_sigI_obs 
_reflns_shell.pdbx_Rsym_value 
_reflns_shell.pdbx_chi_squared 
_reflns_shell.pdbx_redundancy 
_reflns_shell.percent_possible_obs 
_reflns_shell.pdbx_netI_over_sigmaI_obs 
_reflns_shell.number_possible 
_reflns_shell.number_unique_all 
_reflns_shell.Rmerge_F_all 
_reflns_shell.Rmerge_F_obs 
_reflns_shell.Rmerge_I_all 
_reflns_shell.meanI_over_sigI_all 
_reflns_shell.percent_possible_all 
_reflns_shell.pdbx_Rrim_I_all 
_reflns_shell.pdbx_Rpim_I_all 
_reflns_shell.pdbx_CC_half 
1 1 1.470 1.510  ? 60087 ? ? 2.553 ? ? ? 18.000 ? 1.300  ? 3334 ? ? ? ? 100.000 2.627 0.615 0.532 
1 2 6.570 69.590 ? 11126 ? ? 0.030 ? ? ? 17.100 ? 71.300 ? 649  ? ? ? ? 100.000 0.031 0.007 1.000 
# 
_refine.entry_id                                 5QXO 
_refine.pdbx_refine_id                           'X-RAY DIFFRACTION' 
_refine.ls_d_res_high                            1.4700 
_refine.ls_d_res_low                             69.5900 
_refine.pdbx_ls_sigma_F                          0.000 
_refine.pdbx_data_cutoff_high_absF               ? 
_refine.pdbx_data_cutoff_low_absF                ? 
_refine.ls_percent_reflns_obs                    99.9700 
_refine.ls_number_reflns_obs                     43644 
_refine.ls_number_reflns_all                     ? 
_refine.pdbx_ls_cross_valid_method               THROUGHOUT 
_refine.ls_matrix_type                           ? 
_refine.pdbx_R_Free_selection_details            RANDOM 
_refine.details                                  
'HYDROGENS HAVE BEEN ADDED IN THE RIDING POSITIONS U VALUES      : REFINED INDIVIDUALLY' 
_refine.ls_R_factor_all                          ? 
_refine.ls_R_factor_obs                          0.1720 
_refine.ls_R_factor_R_work                       0.1712 
_refine.ls_wR_factor_R_work                      ? 
_refine.ls_R_factor_R_free                       0.1871 
_refine.ls_wR_factor_R_free                      ? 
_refine.ls_percent_reflns_R_free                 5.1000 
_refine.ls_number_reflns_R_free                  2343 
_refine.ls_number_reflns_R_work                  ? 
_refine.ls_R_factor_R_free_error                 ? 
_refine.B_iso_mean                               23.0110 
_refine.solvent_model_param_bsol                 ? 
_refine.solvent_model_param_ksol                 ? 
_refine.pdbx_isotropic_thermal_model             ? 
_refine.aniso_B[1][1]                            0.0100 
_refine.aniso_B[2][2]                            0.0100 
_refine.aniso_B[3][3]                            -0.0400 
_refine.aniso_B[1][2]                            0.0100 
_refine.aniso_B[1][3]                            -0.0000 
_refine.aniso_B[2][3]                            0.0000 
_refine.correlation_coeff_Fo_to_Fc               0.9700 
_refine.correlation_coeff_Fo_to_Fc_free          0.9650 
_refine.overall_SU_R_Cruickshank_DPI             ? 
_refine.pdbx_overall_SU_R_free_Cruickshank_DPI   ? 
_refine.pdbx_overall_SU_R_Blow_DPI               ? 
_refine.pdbx_overall_SU_R_free_Blow_DPI          ? 
_refine.overall_SU_R_free                        ? 
_refine.pdbx_overall_ESU_R                       0.0600 
_refine.pdbx_overall_ESU_R_Free                  0.0590 
_refine.overall_SU_ML                            0.0430 
_refine.overall_SU_B                             1.1930 
_refine.solvent_model_details                    MASK 
_refine.pdbx_solvent_vdw_probe_radii             1.2000 
_refine.pdbx_solvent_ion_probe_radii             0.8000 
_refine.pdbx_solvent_shrinkage_radii             0.8000 
_refine.ls_number_parameters                     ? 
_refine.ls_number_restraints                     ? 
_refine.pdbx_starting_model                      3DAI 
_refine.pdbx_method_to_determine_struct          'FOURIER SYNTHESIS' 
_refine.pdbx_stereochemistry_target_values       'MAXIMUM LIKELIHOOD' 
_refine.pdbx_stereochem_target_val_spec_case     ? 
_refine.overall_FOM_work_R_set                   ? 
_refine.B_iso_max                                80.870 
_refine.B_iso_min                                10.360 
_refine.pdbx_overall_phase_error                 ? 
_refine.occupancy_max                            ? 
_refine.occupancy_min                            ? 
_refine.pdbx_diffrn_id                           1 
_refine.pdbx_TLS_residual_ADP_flag               ? 
_refine.pdbx_ls_sigma_I                          ? 
_refine.pdbx_data_cutoff_high_rms_absF           ? 
_refine.ls_R_factor_R_free_error_details         ? 
# 
_refine_hist.cycle_id                         final 
_refine_hist.pdbx_refine_id                   'X-RAY DIFFRACTION' 
_refine_hist.d_res_high                       1.4700 
_refine_hist.d_res_low                        69.5900 
_refine_hist.pdbx_number_atoms_ligand         45 
_refine_hist.number_atoms_solvent             224 
_refine_hist.number_atoms_total               1353 
_refine_hist.pdbx_number_residues_total       130 
_refine_hist.pdbx_B_iso_mean_ligand           32.13 
_refine_hist.pdbx_B_iso_mean_solvent          37.52 
_refine_hist.pdbx_number_atoms_protein        1084 
_refine_hist.pdbx_number_atoms_nucleic_acid   0 
# 
loop_
_refine_ls_restr.pdbx_refine_id 
_refine_ls_restr.type 
_refine_ls_restr.number 
_refine_ls_restr.dev_ideal 
_refine_ls_restr.dev_ideal_target 
_refine_ls_restr.weight 
_refine_ls_restr.pdbx_restraint_function 
'X-RAY DIFFRACTION' r_bond_refined_d       2462 0.012  0.015  ? ? 
'X-RAY DIFFRACTION' r_bond_other_d         1542 0.001  0.017  ? ? 
'X-RAY DIFFRACTION' r_angle_refined_deg    2430 1.825  1.708  ? ? 
'X-RAY DIFFRACTION' r_angle_other_deg      3631 1.440  1.628  ? ? 
'X-RAY DIFFRACTION' r_dihedral_angle_1_deg 239  4.496  5.000  ? ? 
'X-RAY DIFFRACTION' r_dihedral_angle_2_deg 111  29.473 21.982 ? ? 
'X-RAY DIFFRACTION' r_dihedral_angle_3_deg 306  13.806 15.000 ? ? 
'X-RAY DIFFRACTION' r_dihedral_angle_4_deg 19   18.743 15.000 ? ? 
'X-RAY DIFFRACTION' r_chiral_restr         220  0.097  0.200  ? ? 
'X-RAY DIFFRACTION' r_gen_planes_refined   2170 0.008  0.020  ? ? 
'X-RAY DIFFRACTION' r_gen_planes_other     385  0.002  0.020  ? ? 
'X-RAY DIFFRACTION' r_mcbond_it            1136 1.481  1.981  ? ? 
'X-RAY DIFFRACTION' r_mcbond_other         1061 1.495  1.921  ? ? 
'X-RAY DIFFRACTION' r_mcangle_it           1087 2.694  2.810  ? ? 
# 
_refine_ls_shell.d_res_high                       1.4700 
_refine_ls_shell.d_res_low                        1.5080 
_refine_ls_shell.pdbx_total_number_of_bins_used   20 
_refine_ls_shell.percent_reflns_obs               99.9700 
_refine_ls_shell.number_reflns_R_work             3151 
_refine_ls_shell.R_factor_all                     ? 
_refine_ls_shell.R_factor_R_work                  0.3110 
_refine_ls_shell.R_factor_R_free                  0.3450 
_refine_ls_shell.percent_reflns_R_free            ? 
_refine_ls_shell.number_reflns_R_free             173 
_refine_ls_shell.R_factor_R_free_error            ? 
_refine_ls_shell.number_reflns_all                3324 
_refine_ls_shell.number_reflns_obs                ? 
_refine_ls_shell.pdbx_refine_id                   'X-RAY DIFFRACTION' 
# 
_struct.entry_id                  5QXO 
_struct.title                     'PanDDA analysis group deposition -- Crystal Structure of ATAD2 in complex with DF848' 
_struct.pdbx_model_details        ? 
_struct.pdbx_CASP_flag            ? 
_struct.pdbx_model_type_details   ? 
# 
_struct_keywords.entry_id        5QXO 
_struct_keywords.text            
'SGC - Diamond I04-1 fragment screening, PanDDA, XChemExplorer, HYDROLASE-HYDROLASE INHIBITOR complex' 
_struct_keywords.pdbx_keywords   'HYDROLASE/HYDROLASE INHIBITOR' 
# 
loop_
_struct_asym.id 
_struct_asym.pdbx_blank_PDB_chainid_flag 
_struct_asym.pdbx_modified 
_struct_asym.entity_id 
_struct_asym.details 
A N N 1 ? 
B N N 2 ? 
C N N 2 ? 
D N N 3 ? 
E N N 3 ? 
F N N 3 ? 
G N N 4 ? 
H N N 3 ? 
I N N 5 ? 
# 
_struct_ref.id                         1 
_struct_ref.db_name                    UNP 
_struct_ref.db_code                    ATAD2_HUMAN 
_struct_ref.pdbx_db_accession          Q6PL18 
_struct_ref.pdbx_db_isoform            ? 
_struct_ref.entity_id                  1 
_struct_ref.pdbx_seq_one_letter_code   
;QEEDTFRELRIFLRNVTHRLAIDKRFRVFTKPVDPDEVPDYVTVIKQPMDLSSVISKIDLHKYLTVKDYLRDIDLICSNA
LEYNPDRDPGDRLIRHRACALRDTAYAIIKEELDEDFEQLCEEIQESR
;
_struct_ref.pdbx_align_begin           981 
# 
_struct_ref_seq.align_id                      1 
_struct_ref_seq.ref_id                        1 
_struct_ref_seq.pdbx_PDB_id_code              5QXO 
_struct_ref_seq.pdbx_strand_id                A 
_struct_ref_seq.seq_align_beg                 3 
_struct_ref_seq.pdbx_seq_align_beg_ins_code   ? 
_struct_ref_seq.seq_align_end                 130 
_struct_ref_seq.pdbx_seq_align_end_ins_code   ? 
_struct_ref_seq.pdbx_db_accession             Q6PL18 
_struct_ref_seq.db_align_beg                  981 
_struct_ref_seq.pdbx_db_align_beg_ins_code    ? 
_struct_ref_seq.db_align_end                  1108 
_struct_ref_seq.pdbx_db_align_end_ins_code    ? 
_struct_ref_seq.pdbx_auth_seq_align_beg       981 
_struct_ref_seq.pdbx_auth_seq_align_end       1108 
# 
loop_
_struct_ref_seq_dif.align_id 
_struct_ref_seq_dif.pdbx_pdb_id_code 
_struct_ref_seq_dif.mon_id 
_struct_ref_seq_dif.pdbx_pdb_strand_id 
_struct_ref_seq_dif.seq_num 
_struct_ref_seq_dif.pdbx_pdb_ins_code 
_struct_ref_seq_dif.pdbx_seq_db_name 
_struct_ref_seq_dif.pdbx_seq_db_accession_code 
_struct_ref_seq_dif.db_mon_id 
_struct_ref_seq_dif.pdbx_seq_db_seq_num 
_struct_ref_seq_dif.details 
_struct_ref_seq_dif.pdbx_auth_seq_num 
_struct_ref_seq_dif.pdbx_ordinal 
1 5QXO SER A 1  ? UNP Q6PL18 ?   ?    'expression tag' 979  1 
1 5QXO MET A 2  ? UNP Q6PL18 ?   ?    'expression tag' 980  2 
1 5QXO ARG A 44 ? UNP Q6PL18 VAL 1022 conflict         1022 3 
1 5QXO GLU A 49 ? UNP Q6PL18 GLN 1027 conflict         1027 4 
# 
_pdbx_struct_assembly.id                   1 
_pdbx_struct_assembly.details              author_and_software_defined_assembly 
_pdbx_struct_assembly.method_details       PISA 
_pdbx_struct_assembly.oligomeric_details   monomeric 
_pdbx_struct_assembly.oligomeric_count     1 
# 
_pdbx_struct_assembly_gen.assembly_id       1 
_pdbx_struct_assembly_gen.oper_expression   1 
_pdbx_struct_assembly_gen.asym_id_list      A,B,C,D,E,F,G,H,I 
# 
_pdbx_struct_oper_list.id                   1 
_pdbx_struct_oper_list.type                 'identity operation' 
_pdbx_struct_oper_list.name                 1_555 
_pdbx_struct_oper_list.symmetry_operation   x,y,z 
_pdbx_struct_oper_list.matrix[1][1]         1.0000000000 
_pdbx_struct_oper_list.matrix[1][2]         0.0000000000 
_pdbx_struct_oper_list.matrix[1][3]         0.0000000000 
_pdbx_struct_oper_list.vector[1]            0.0000000000 
_pdbx_struct_oper_list.matrix[2][1]         0.0000000000 
_pdbx_struct_oper_list.matrix[2][2]         1.0000000000 
_pdbx_struct_oper_list.matrix[2][3]         0.0000000000 
_pdbx_struct_oper_list.vector[2]            0.0000000000 
_pdbx_struct_oper_list.matrix[3][1]         0.0000000000 
_pdbx_struct_oper_list.matrix[3][2]         0.0000000000 
_pdbx_struct_oper_list.matrix[3][3]         1.0000000000 
_pdbx_struct_oper_list.vector[3]            0.0000000000 
# 
loop_
_struct_conf.conf_type_id 
_struct_conf.id 
_struct_conf.pdbx_PDB_helix_id 
_struct_conf.beg_label_comp_id 
_struct_conf.beg_label_asym_id 
_struct_conf.beg_label_seq_id 
_struct_conf.pdbx_beg_PDB_ins_code 
_struct_conf.end_label_comp_id 
_struct_conf.end_label_asym_id 
_struct_conf.end_label_seq_id 
_struct_conf.pdbx_end_PDB_ins_code 
_struct_conf.beg_auth_comp_id 
_struct_conf.beg_auth_asym_id 
_struct_conf.beg_auth_seq_id 
_struct_conf.end_auth_comp_id 
_struct_conf.end_auth_asym_id 
_struct_conf.end_auth_seq_id 
_struct_conf.pdbx_PDB_helix_class 
_struct_conf.details 
_struct_conf.pdbx_PDB_helix_length 
HELX_P HELX_P1 AA1 SER A 1   ? ILE A 24  ? SER A 979  ILE A 1002 1 ? 24 
HELX_P HELX_P2 AA2 ASP A 25  ? THR A 32  ? ASP A 1003 THR A 1010 5 ? 8  
HELX_P HELX_P3 AA3 ASP A 42  ? ILE A 47  ? ASP A 1020 ILE A 1025 1 ? 6  
HELX_P HELX_P4 AA4 ASP A 52  ? LEU A 62  ? ASP A 1030 LEU A 1040 1 ? 11 
HELX_P HELX_P5 AA5 THR A 67  ? ASN A 86  ? THR A 1045 ASN A 1064 1 ? 20 
HELX_P HELX_P6 AA6 ASP A 90  ? LEU A 115 ? ASP A 1068 LEU A 1093 1 ? 26 
HELX_P HELX_P7 AA7 ASP A 116 ? SER A 129 ? ASP A 1094 SER A 1107 1 ? 14 
# 
_struct_conf_type.id          HELX_P 
_struct_conf_type.criteria    ? 
_struct_conf_type.reference   ? 
# 
loop_
_struct_site.id 
_struct_site.pdbx_evidence_code 
_struct_site.pdbx_auth_asym_id 
_struct_site.pdbx_auth_comp_id 
_struct_site.pdbx_auth_seq_id 
_struct_site.pdbx_auth_ins_code 
_struct_site.pdbx_num_residues 
_struct_site.details 
AC1 Software A SO4 1201 ? 8 'binding site for residue SO4 A 1201' 
AC2 Software A SO4 1202 ? 7 'binding site for residue SO4 A 1202' 
AC3 Software A EDO 1203 ? 6 'binding site for residue EDO A 1203' 
AC4 Software A EDO 1204 ? 3 'binding site for residue EDO A 1204' 
AC5 Software A EDO 1205 ? 5 'binding site for residue EDO A 1205' 
AC6 Software A RH7 1206 ? 8 'binding site for residue RH7 A 1206' 
AC7 Software A EDO 1207 ? 7 'binding site for residue EDO A 1207' 
# 
loop_
_struct_site_gen.id 
_struct_site_gen.site_id 
_struct_site_gen.pdbx_num_res 
_struct_site_gen.label_comp_id 
_struct_site_gen.label_asym_id 
_struct_site_gen.label_seq_id 
_struct_site_gen.pdbx_auth_ins_code 
_struct_site_gen.auth_comp_id 
_struct_site_gen.auth_asym_id 
_struct_site_gen.auth_seq_id 
_struct_site_gen.label_atom_id 
_struct_site_gen.label_alt_id 
_struct_site_gen.symmetry 
_struct_site_gen.details 
1  AC1 8 ARG A 9   ? ARG A 987  . ? 6_654  ? 
2  AC1 8 ARG A 12  ? ARG A 990  . ? 6_654  ? 
3  AC1 8 ARG A 16  ? ARG A 994  . ? 6_654  ? 
4  AC1 8 ARG A 89  ? ARG A 1067 . ? 1_555  ? 
5  AC1 8 ARG A 94  ? ARG A 1072 . ? 1_555  ? 
6  AC1 8 HOH I .   ? HOH A 1302 . ? 1_555  ? 
7  AC1 8 HOH I .   ? HOH A 1384 . ? 1_555  ? 
8  AC1 8 HOH I .   ? HOH A 1431 . ? 1_555  ? 
9  AC2 7 LYS A 64  ? LYS A 1042 . ? 12_564 ? 
10 AC2 7 LYS A 64  ? LYS A 1042 . ? 1_555  ? 
11 AC2 7 HOH I .   ? HOH A 1323 . ? 12_564 ? 
12 AC2 7 HOH I .   ? HOH A 1323 . ? 1_555  ? 
13 AC2 7 HOH I .   ? HOH A 1332 . ? 1_555  ? 
14 AC2 7 HOH I .   ? HOH A 1336 . ? 1_555  ? 
15 AC2 7 HOH I .   ? HOH A 1336 . ? 12_564 ? 
16 AC3 6 GLU A 10  ? GLU A 988  . ? 1_555  ? 
17 AC3 6 LEU A 115 ? LEU A 1093 . ? 1_555  ? 
18 AC3 6 ASP A 116 ? ASP A 1094 . ? 1_555  ? 
19 AC3 6 PHE A 119 ? PHE A 1097 . ? 1_555  ? 
20 AC3 6 HOH I .   ? HOH A 1368 . ? 1_555  ? 
21 AC3 6 HOH I .   ? HOH A 1439 . ? 1_555  ? 
22 AC4 3 GLU A 113 ? GLU A 1091 . ? 1_555  ? 
23 AC4 3 GLU A 114 ? GLU A 1092 . ? 1_555  ? 
24 AC4 3 ASP A 116 ? ASP A 1094 . ? 1_555  ? 
25 AC5 5 PRO A 50  ? PRO A 1028 . ? 12_564 ? 
26 AC5 5 SER A 58  ? SER A 1036 . ? 1_555  ? 
27 AC5 5 HOH I .   ? HOH A 1324 . ? 1_555  ? 
28 AC5 5 HOH I .   ? HOH A 1377 . ? 1_555  ? 
29 AC5 5 HOH I .   ? HOH A 1430 . ? 1_555  ? 
30 AC6 8 VAL A 30  ? VAL A 1008 . ? 1_555  ? 
31 AC6 8 VAL A 35  ? VAL A 1013 . ? 1_555  ? 
32 AC6 8 VAL A 40  ? VAL A 1018 . ? 1_555  ? 
33 AC6 8 ASN A 86  ? ASN A 1064 . ? 1_555  ? 
34 AC6 8 ILE A 96  ? ILE A 1074 . ? 1_555  ? 
35 AC6 8 EDO H .   ? EDO A 1207 . ? 1_555  ? 
36 AC6 8 HOH I .   ? HOH A 1321 . ? 1_555  ? 
37 AC6 8 HOH I .   ? HOH A 1322 . ? 1_555  ? 
38 AC7 7 VAL A 30  ? VAL A 1008 . ? 1_555  ? 
39 AC7 7 LYS A 33  ? LYS A 1011 . ? 1_555  ? 
40 AC7 7 PRO A 34  ? PRO A 1012 . ? 1_555  ? 
41 AC7 7 RH7 G .   ? RH7 A 1206 . ? 1_555  ? 
42 AC7 7 HOH I .   ? HOH A 1303 . ? 1_555  ? 
43 AC7 7 HOH I .   ? HOH A 1359 . ? 1_555  ? 
44 AC7 7 HOH I .   ? HOH A 1398 . ? 1_555  ? 
# 
loop_
_pdbx_validate_close_contact.id 
_pdbx_validate_close_contact.PDB_model_num 
_pdbx_validate_close_contact.auth_atom_id_1 
_pdbx_validate_close_contact.auth_asym_id_1 
_pdbx_validate_close_contact.auth_comp_id_1 
_pdbx_validate_close_contact.auth_seq_id_1 
_pdbx_validate_close_contact.PDB_ins_code_1 
_pdbx_validate_close_contact.label_alt_id_1 
_pdbx_validate_close_contact.auth_atom_id_2 
_pdbx_validate_close_contact.auth_asym_id_2 
_pdbx_validate_close_contact.auth_comp_id_2 
_pdbx_validate_close_contact.auth_seq_id_2 
_pdbx_validate_close_contact.PDB_ins_code_2 
_pdbx_validate_close_contact.label_alt_id_2 
_pdbx_validate_close_contact.dist 
1 1 O   A HOH 1387 ? ? O A HOH 1478 ? ? 2.01 
2 1 O   A HOH 1382 ? ? O A HOH 1432 ? ? 2.17 
3 1 OD2 A ASP 1054 ? ? O A HOH 1301 ? ? 2.18 
# 
loop_
_pdbx_validate_rmsd_angle.id 
_pdbx_validate_rmsd_angle.PDB_model_num 
_pdbx_validate_rmsd_angle.auth_atom_id_1 
_pdbx_validate_rmsd_angle.auth_asym_id_1 
_pdbx_validate_rmsd_angle.auth_comp_id_1 
_pdbx_validate_rmsd_angle.auth_seq_id_1 
_pdbx_validate_rmsd_angle.PDB_ins_code_1 
_pdbx_validate_rmsd_angle.label_alt_id_1 
_pdbx_validate_rmsd_angle.auth_atom_id_2 
_pdbx_validate_rmsd_angle.auth_asym_id_2 
_pdbx_validate_rmsd_angle.auth_comp_id_2 
_pdbx_validate_rmsd_angle.auth_seq_id_2 
_pdbx_validate_rmsd_angle.PDB_ins_code_2 
_pdbx_validate_rmsd_angle.label_alt_id_2 
_pdbx_validate_rmsd_angle.auth_atom_id_3 
_pdbx_validate_rmsd_angle.auth_asym_id_3 
_pdbx_validate_rmsd_angle.auth_comp_id_3 
_pdbx_validate_rmsd_angle.auth_seq_id_3 
_pdbx_validate_rmsd_angle.PDB_ins_code_3 
_pdbx_validate_rmsd_angle.label_alt_id_3 
_pdbx_validate_rmsd_angle.angle_value 
_pdbx_validate_rmsd_angle.angle_target_value 
_pdbx_validate_rmsd_angle.angle_deviation 
_pdbx_validate_rmsd_angle.angle_standard_deviation 
_pdbx_validate_rmsd_angle.linker_flag 
1 1 NE A ARG 987  ? B CZ A ARG 987  ? B NH1 A ARG 987  ? B 116.48 120.30 -3.82 0.50 N 
2 1 NE A ARG 987  ? B CZ A ARG 987  ? B NH2 A ARG 987  ? B 123.51 120.30 3.21  0.50 N 
3 1 NE A ARG 994  ? ? CZ A ARG 994  ? ? NH1 A ARG 994  ? ? 124.04 120.30 3.74  0.50 N 
4 1 NE A ARG 1067 ? ? CZ A ARG 1067 ? ? NH2 A ARG 1067 ? ? 116.89 120.30 -3.41 0.50 N 
# 
loop_
_pdbx_struct_special_symmetry.id 
_pdbx_struct_special_symmetry.PDB_model_num 
_pdbx_struct_special_symmetry.auth_asym_id 
_pdbx_struct_special_symmetry.auth_comp_id 
_pdbx_struct_special_symmetry.auth_seq_id 
_pdbx_struct_special_symmetry.PDB_ins_code 
_pdbx_struct_special_symmetry.label_asym_id 
_pdbx_struct_special_symmetry.label_comp_id 
_pdbx_struct_special_symmetry.label_seq_id 
1 1 A SO4 1202 ? C SO4 . 
2 1 A HOH 1333 ? I HOH . 
# 
_phasing.method   MR 
# 
_pdbx_entry_details.entry_id                 5QXO 
_pdbx_entry_details.has_ligand_of_interest   Y 
_pdbx_entry_details.compound_details         ? 
_pdbx_entry_details.source_details           ? 
_pdbx_entry_details.nonpolymer_details       ? 
_pdbx_entry_details.sequence_details         ? 
# 
loop_
_pdbx_distant_solvent_atoms.id 
_pdbx_distant_solvent_atoms.PDB_model_num 
_pdbx_distant_solvent_atoms.auth_atom_id 
_pdbx_distant_solvent_atoms.label_alt_id 
_pdbx_distant_solvent_atoms.auth_asym_id 
_pdbx_distant_solvent_atoms.auth_comp_id 
_pdbx_distant_solvent_atoms.auth_seq_id 
_pdbx_distant_solvent_atoms.PDB_ins_code 
_pdbx_distant_solvent_atoms.neighbor_macromolecule_distance 
_pdbx_distant_solvent_atoms.neighbor_ligand_distance 
1 1 O ? A HOH 1523 ? 5.82 . 
2 1 O ? A HOH 1524 ? 6.39 . 
# 
loop_
_chem_comp_atom.comp_id 
_chem_comp_atom.atom_id 
_chem_comp_atom.type_symbol 
_chem_comp_atom.pdbx_aromatic_flag 
_chem_comp_atom.pdbx_stereo_config 
_chem_comp_atom.pdbx_ordinal 
ALA N    N N N 1   
ALA CA   C N S 2   
ALA C    C N N 3   
ALA O    O N N 4   
ALA CB   C N N 5   
ALA OXT  O N N 6   
ALA H    H N N 7   
ALA H2   H N N 8   
ALA HA   H N N 9   
ALA HB1  H N N 10  
ALA HB2  H N N 11  
ALA HB3  H N N 12  
ALA HXT  H N N 13  
ARG N    N N N 14  
ARG CA   C N S 15  
ARG C    C N N 16  
ARG O    O N N 17  
ARG CB   C N N 18  
ARG CG   C N N 19  
ARG CD   C N N 20  
ARG NE   N N N 21  
ARG CZ   C N N 22  
ARG NH1  N N N 23  
ARG NH2  N N N 24  
ARG OXT  O N N 25  
ARG H    H N N 26  
ARG H2   H N N 27  
ARG HA   H N N 28  
ARG HB2  H N N 29  
ARG HB3  H N N 30  
ARG HG2  H N N 31  
ARG HG3  H N N 32  
ARG HD2  H N N 33  
ARG HD3  H N N 34  
ARG HE   H N N 35  
ARG HH11 H N N 36  
ARG HH12 H N N 37  
ARG HH21 H N N 38  
ARG HH22 H N N 39  
ARG HXT  H N N 40  
ASN N    N N N 41  
ASN CA   C N S 42  
ASN C    C N N 43  
ASN O    O N N 44  
ASN CB   C N N 45  
ASN CG   C N N 46  
ASN OD1  O N N 47  
ASN ND2  N N N 48  
ASN OXT  O N N 49  
ASN H    H N N 50  
ASN H2   H N N 51  
ASN HA   H N N 52  
ASN HB2  H N N 53  
ASN HB3  H N N 54  
ASN HD21 H N N 55  
ASN HD22 H N N 56  
ASN HXT  H N N 57  
ASP N    N N N 58  
ASP CA   C N S 59  
ASP C    C N N 60  
ASP O    O N N 61  
ASP CB   C N N 62  
ASP CG   C N N 63  
ASP OD1  O N N 64  
ASP OD2  O N N 65  
ASP OXT  O N N 66  
ASP H    H N N 67  
ASP H2   H N N 68  
ASP HA   H N N 69  
ASP HB2  H N N 70  
ASP HB3  H N N 71  
ASP HD2  H N N 72  
ASP HXT  H N N 73  
CYS N    N N N 74  
CYS CA   C N R 75  
CYS C    C N N 76  
CYS O    O N N 77  
CYS CB   C N N 78  
CYS SG   S N N 79  
CYS OXT  O N N 80  
CYS H    H N N 81  
CYS H2   H N N 82  
CYS HA   H N N 83  
CYS HB2  H N N 84  
CYS HB3  H N N 85  
CYS HG   H N N 86  
CYS HXT  H N N 87  
EDO C1   C N N 88  
EDO O1   O N N 89  
EDO C2   C N N 90  
EDO O2   O N N 91  
EDO H11  H N N 92  
EDO H12  H N N 93  
EDO HO1  H N N 94  
EDO H21  H N N 95  
EDO H22  H N N 96  
EDO HO2  H N N 97  
GLN N    N N N 98  
GLN CA   C N S 99  
GLN C    C N N 100 
GLN O    O N N 101 
GLN CB   C N N 102 
GLN CG   C N N 103 
GLN CD   C N N 104 
GLN OE1  O N N 105 
GLN NE2  N N N 106 
GLN OXT  O N N 107 
GLN H    H N N 108 
GLN H2   H N N 109 
GLN HA   H N N 110 
GLN HB2  H N N 111 
GLN HB3  H N N 112 
GLN HG2  H N N 113 
GLN HG3  H N N 114 
GLN HE21 H N N 115 
GLN HE22 H N N 116 
GLN HXT  H N N 117 
GLU N    N N N 118 
GLU CA   C N S 119 
GLU C    C N N 120 
GLU O    O N N 121 
GLU CB   C N N 122 
GLU CG   C N N 123 
GLU CD   C N N 124 
GLU OE1  O N N 125 
GLU OE2  O N N 126 
GLU OXT  O N N 127 
GLU H    H N N 128 
GLU H2   H N N 129 
GLU HA   H N N 130 
GLU HB2  H N N 131 
GLU HB3  H N N 132 
GLU HG2  H N N 133 
GLU HG3  H N N 134 
GLU HE2  H N N 135 
GLU HXT  H N N 136 
GLY N    N N N 137 
GLY CA   C N N 138 
GLY C    C N N 139 
GLY O    O N N 140 
GLY OXT  O N N 141 
GLY H    H N N 142 
GLY H2   H N N 143 
GLY HA2  H N N 144 
GLY HA3  H N N 145 
GLY HXT  H N N 146 
HIS N    N N N 147 
HIS CA   C N S 148 
HIS C    C N N 149 
HIS O    O N N 150 
HIS CB   C N N 151 
HIS CG   C Y N 152 
HIS ND1  N Y N 153 
HIS CD2  C Y N 154 
HIS CE1  C Y N 155 
HIS NE2  N Y N 156 
HIS OXT  O N N 157 
HIS H    H N N 158 
HIS H2   H N N 159 
HIS HA   H N N 160 
HIS HB2  H N N 161 
HIS HB3  H N N 162 
HIS HD1  H N N 163 
HIS HD2  H N N 164 
HIS HE1  H N N 165 
HIS HE2  H N N 166 
HIS HXT  H N N 167 
HOH O    O N N 168 
HOH H1   H N N 169 
HOH H2   H N N 170 
ILE N    N N N 171 
ILE CA   C N S 172 
ILE C    C N N 173 
ILE O    O N N 174 
ILE CB   C N S 175 
ILE CG1  C N N 176 
ILE CG2  C N N 177 
ILE CD1  C N N 178 
ILE OXT  O N N 179 
ILE H    H N N 180 
ILE H2   H N N 181 
ILE HA   H N N 182 
ILE HB   H N N 183 
ILE HG12 H N N 184 
ILE HG13 H N N 185 
ILE HG21 H N N 186 
ILE HG22 H N N 187 
ILE HG23 H N N 188 
ILE HD11 H N N 189 
ILE HD12 H N N 190 
ILE HD13 H N N 191 
ILE HXT  H N N 192 
LEU N    N N N 193 
LEU CA   C N S 194 
LEU C    C N N 195 
LEU O    O N N 196 
LEU CB   C N N 197 
LEU CG   C N N 198 
LEU CD1  C N N 199 
LEU CD2  C N N 200 
LEU OXT  O N N 201 
LEU H    H N N 202 
LEU H2   H N N 203 
LEU HA   H N N 204 
LEU HB2  H N N 205 
LEU HB3  H N N 206 
LEU HG   H N N 207 
LEU HD11 H N N 208 
LEU HD12 H N N 209 
LEU HD13 H N N 210 
LEU HD21 H N N 211 
LEU HD22 H N N 212 
LEU HD23 H N N 213 
LEU HXT  H N N 214 
LYS N    N N N 215 
LYS CA   C N S 216 
LYS C    C N N 217 
LYS O    O N N 218 
LYS CB   C N N 219 
LYS CG   C N N 220 
LYS CD   C N N 221 
LYS CE   C N N 222 
LYS NZ   N N N 223 
LYS OXT  O N N 224 
LYS H    H N N 225 
LYS H2   H N N 226 
LYS HA   H N N 227 
LYS HB2  H N N 228 
LYS HB3  H N N 229 
LYS HG2  H N N 230 
LYS HG3  H N N 231 
LYS HD2  H N N 232 
LYS HD3  H N N 233 
LYS HE2  H N N 234 
LYS HE3  H N N 235 
LYS HZ1  H N N 236 
LYS HZ2  H N N 237 
LYS HZ3  H N N 238 
LYS HXT  H N N 239 
MET N    N N N 240 
MET CA   C N S 241 
MET C    C N N 242 
MET O    O N N 243 
MET CB   C N N 244 
MET CG   C N N 245 
MET SD   S N N 246 
MET CE   C N N 247 
MET OXT  O N N 248 
MET H    H N N 249 
MET H2   H N N 250 
MET HA   H N N 251 
MET HB2  H N N 252 
MET HB3  H N N 253 
MET HG2  H N N 254 
MET HG3  H N N 255 
MET HE1  H N N 256 
MET HE2  H N N 257 
MET HE3  H N N 258 
MET HXT  H N N 259 
PHE N    N N N 260 
PHE CA   C N S 261 
PHE C    C N N 262 
PHE O    O N N 263 
PHE CB   C N N 264 
PHE CG   C Y N 265 
PHE CD1  C Y N 266 
PHE CD2  C Y N 267 
PHE CE1  C Y N 268 
PHE CE2  C Y N 269 
PHE CZ   C Y N 270 
PHE OXT  O N N 271 
PHE H    H N N 272 
PHE H2   H N N 273 
PHE HA   H N N 274 
PHE HB2  H N N 275 
PHE HB3  H N N 276 
PHE HD1  H N N 277 
PHE HD2  H N N 278 
PHE HE1  H N N 279 
PHE HE2  H N N 280 
PHE HZ   H N N 281 
PHE HXT  H N N 282 
PRO N    N N N 283 
PRO CA   C N S 284 
PRO C    C N N 285 
PRO O    O N N 286 
PRO CB   C N N 287 
PRO CG   C N N 288 
PRO CD   C N N 289 
PRO OXT  O N N 290 
PRO H    H N N 291 
PRO HA   H N N 292 
PRO HB2  H N N 293 
PRO HB3  H N N 294 
PRO HG2  H N N 295 
PRO HG3  H N N 296 
PRO HD2  H N N 297 
PRO HD3  H N N 298 
PRO HXT  H N N 299 
RH7 C13  C Y N 300 
RH7 C15  C Y N 301 
RH7 C01  C N N 302 
RH7 C03  C N N 303 
RH7 C06  C N N 304 
RH7 C07  C N S 305 
RH7 C08  C N N 306 
RH7 C09  C N S 307 
RH7 C11  C N S 308 
RH7 C12  C N N 309 
RH7 C16  C Y N 310 
RH7 C18  C Y N 311 
RH7 C19  C N N 312 
RH7 N05  N N N 313 
RH7 N14  N Y N 314 
RH7 N17  N Y N 315 
RH7 O02  O N N 316 
RH7 O04  O N N 317 
RH7 O10  O N N 318 
RH7 H1   H N N 319 
RH7 H2   H N N 320 
RH7 H3   H N N 321 
RH7 H4   H N N 322 
RH7 H5   H N N 323 
RH7 H6   H N N 324 
RH7 H7   H N N 325 
RH7 H8   H N N 326 
RH7 H9   H N N 327 
RH7 H10  H N N 328 
RH7 H11  H N N 329 
RH7 H12  H N N 330 
RH7 H13  H N N 331 
RH7 H14  H N N 332 
RH7 H15  H N N 333 
SER N    N N N 334 
SER CA   C N S 335 
SER C    C N N 336 
SER O    O N N 337 
SER CB   C N N 338 
SER OG   O N N 339 
SER OXT  O N N 340 
SER H    H N N 341 
SER H2   H N N 342 
SER HA   H N N 343 
SER HB2  H N N 344 
SER HB3  H N N 345 
SER HG   H N N 346 
SER HXT  H N N 347 
SO4 S    S N N 348 
SO4 O1   O N N 349 
SO4 O2   O N N 350 
SO4 O3   O N N 351 
SO4 O4   O N N 352 
THR N    N N N 353 
THR CA   C N S 354 
THR C    C N N 355 
THR O    O N N 356 
THR CB   C N R 357 
THR OG1  O N N 358 
THR CG2  C N N 359 
THR OXT  O N N 360 
THR H    H N N 361 
THR H2   H N N 362 
THR HA   H N N 363 
THR HB   H N N 364 
THR HG1  H N N 365 
THR HG21 H N N 366 
THR HG22 H N N 367 
THR HG23 H N N 368 
THR HXT  H N N 369 
TYR N    N N N 370 
TYR CA   C N S 371 
TYR C    C N N 372 
TYR O    O N N 373 
TYR CB   C N N 374 
TYR CG   C Y N 375 
TYR CD1  C Y N 376 
TYR CD2  C Y N 377 
TYR CE1  C Y N 378 
TYR CE2  C Y N 379 
TYR CZ   C Y N 380 
TYR OH   O N N 381 
TYR OXT  O N N 382 
TYR H    H N N 383 
TYR H2   H N N 384 
TYR HA   H N N 385 
TYR HB2  H N N 386 
TYR HB3  H N N 387 
TYR HD1  H N N 388 
TYR HD2  H N N 389 
TYR HE1  H N N 390 
TYR HE2  H N N 391 
TYR HH   H N N 392 
TYR HXT  H N N 393 
VAL N    N N N 394 
VAL CA   C N S 395 
VAL C    C N N 396 
VAL O    O N N 397 
VAL CB   C N N 398 
VAL CG1  C N N 399 
VAL CG2  C N N 400 
VAL OXT  O N N 401 
VAL H    H N N 402 
VAL H2   H N N 403 
VAL HA   H N N 404 
VAL HB   H N N 405 
VAL HG11 H N N 406 
VAL HG12 H N N 407 
VAL HG13 H N N 408 
VAL HG21 H N N 409 
VAL HG22 H N N 410 
VAL HG23 H N N 411 
VAL HXT  H N N 412 
# 
loop_
_chem_comp_bond.comp_id 
_chem_comp_bond.atom_id_1 
_chem_comp_bond.atom_id_2 
_chem_comp_bond.value_order 
_chem_comp_bond.pdbx_aromatic_flag 
_chem_comp_bond.pdbx_stereo_config 
_chem_comp_bond.pdbx_ordinal 
ALA N   CA   sing N N 1   
ALA N   H    sing N N 2   
ALA N   H2   sing N N 3   
ALA CA  C    sing N N 4   
ALA CA  CB   sing N N 5   
ALA CA  HA   sing N N 6   
ALA C   O    doub N N 7   
ALA C   OXT  sing N N 8   
ALA CB  HB1  sing N N 9   
ALA CB  HB2  sing N N 10  
ALA CB  HB3  sing N N 11  
ALA OXT HXT  sing N N 12  
ARG N   CA   sing N N 13  
ARG N   H    sing N N 14  
ARG N   H2   sing N N 15  
ARG CA  C    sing N N 16  
ARG CA  CB   sing N N 17  
ARG CA  HA   sing N N 18  
ARG C   O    doub N N 19  
ARG C   OXT  sing N N 20  
ARG CB  CG   sing N N 21  
ARG CB  HB2  sing N N 22  
ARG CB  HB3  sing N N 23  
ARG CG  CD   sing N N 24  
ARG CG  HG2  sing N N 25  
ARG CG  HG3  sing N N 26  
ARG CD  NE   sing N N 27  
ARG CD  HD2  sing N N 28  
ARG CD  HD3  sing N N 29  
ARG NE  CZ   sing N N 30  
ARG NE  HE   sing N N 31  
ARG CZ  NH1  sing N N 32  
ARG CZ  NH2  doub N N 33  
ARG NH1 HH11 sing N N 34  
ARG NH1 HH12 sing N N 35  
ARG NH2 HH21 sing N N 36  
ARG NH2 HH22 sing N N 37  
ARG OXT HXT  sing N N 38  
ASN N   CA   sing N N 39  
ASN N   H    sing N N 40  
ASN N   H2   sing N N 41  
ASN CA  C    sing N N 42  
ASN CA  CB   sing N N 43  
ASN CA  HA   sing N N 44  
ASN C   O    doub N N 45  
ASN C   OXT  sing N N 46  
ASN CB  CG   sing N N 47  
ASN CB  HB2  sing N N 48  
ASN CB  HB3  sing N N 49  
ASN CG  OD1  doub N N 50  
ASN CG  ND2  sing N N 51  
ASN ND2 HD21 sing N N 52  
ASN ND2 HD22 sing N N 53  
ASN OXT HXT  sing N N 54  
ASP N   CA   sing N N 55  
ASP N   H    sing N N 56  
ASP N   H2   sing N N 57  
ASP CA  C    sing N N 58  
ASP CA  CB   sing N N 59  
ASP CA  HA   sing N N 60  
ASP C   O    doub N N 61  
ASP C   OXT  sing N N 62  
ASP CB  CG   sing N N 63  
ASP CB  HB2  sing N N 64  
ASP CB  HB3  sing N N 65  
ASP CG  OD1  doub N N 66  
ASP CG  OD2  sing N N 67  
ASP OD2 HD2  sing N N 68  
ASP OXT HXT  sing N N 69  
CYS N   CA   sing N N 70  
CYS N   H    sing N N 71  
CYS N   H2   sing N N 72  
CYS CA  C    sing N N 73  
CYS CA  CB   sing N N 74  
CYS CA  HA   sing N N 75  
CYS C   O    doub N N 76  
CYS C   OXT  sing N N 77  
CYS CB  SG   sing N N 78  
CYS CB  HB2  sing N N 79  
CYS CB  HB3  sing N N 80  
CYS SG  HG   sing N N 81  
CYS OXT HXT  sing N N 82  
EDO C1  O1   sing N N 83  
EDO C1  C2   sing N N 84  
EDO C1  H11  sing N N 85  
EDO C1  H12  sing N N 86  
EDO O1  HO1  sing N N 87  
EDO C2  O2   sing N N 88  
EDO C2  H21  sing N N 89  
EDO C2  H22  sing N N 90  
EDO O2  HO2  sing N N 91  
GLN N   CA   sing N N 92  
GLN N   H    sing N N 93  
GLN N   H2   sing N N 94  
GLN CA  C    sing N N 95  
GLN CA  CB   sing N N 96  
GLN CA  HA   sing N N 97  
GLN C   O    doub N N 98  
GLN C   OXT  sing N N 99  
GLN CB  CG   sing N N 100 
GLN CB  HB2  sing N N 101 
GLN CB  HB3  sing N N 102 
GLN CG  CD   sing N N 103 
GLN CG  HG2  sing N N 104 
GLN CG  HG3  sing N N 105 
GLN CD  OE1  doub N N 106 
GLN CD  NE2  sing N N 107 
GLN NE2 HE21 sing N N 108 
GLN NE2 HE22 sing N N 109 
GLN OXT HXT  sing N N 110 
GLU N   CA   sing N N 111 
GLU N   H    sing N N 112 
GLU N   H2   sing N N 113 
GLU CA  C    sing N N 114 
GLU CA  CB   sing N N 115 
GLU CA  HA   sing N N 116 
GLU C   O    doub N N 117 
GLU C   OXT  sing N N 118 
GLU CB  CG   sing N N 119 
GLU CB  HB2  sing N N 120 
GLU CB  HB3  sing N N 121 
GLU CG  CD   sing N N 122 
GLU CG  HG2  sing N N 123 
GLU CG  HG3  sing N N 124 
GLU CD  OE1  doub N N 125 
GLU CD  OE2  sing N N 126 
GLU OE2 HE2  sing N N 127 
GLU OXT HXT  sing N N 128 
GLY N   CA   sing N N 129 
GLY N   H    sing N N 130 
GLY N   H2   sing N N 131 
GLY CA  C    sing N N 132 
GLY CA  HA2  sing N N 133 
GLY CA  HA3  sing N N 134 
GLY C   O    doub N N 135 
GLY C   OXT  sing N N 136 
GLY OXT HXT  sing N N 137 
HIS N   CA   sing N N 138 
HIS N   H    sing N N 139 
HIS N   H2   sing N N 140 
HIS CA  C    sing N N 141 
HIS CA  CB   sing N N 142 
HIS CA  HA   sing N N 143 
HIS C   O    doub N N 144 
HIS C   OXT  sing N N 145 
HIS CB  CG   sing N N 146 
HIS CB  HB2  sing N N 147 
HIS CB  HB3  sing N N 148 
HIS CG  ND1  sing Y N 149 
HIS CG  CD2  doub Y N 150 
HIS ND1 CE1  doub Y N 151 
HIS ND1 HD1  sing N N 152 
HIS CD2 NE2  sing Y N 153 
HIS CD2 HD2  sing N N 154 
HIS CE1 NE2  sing Y N 155 
HIS CE1 HE1  sing N N 156 
HIS NE2 HE2  sing N N 157 
HIS OXT HXT  sing N N 158 
HOH O   H1   sing N N 159 
HOH O   H2   sing N N 160 
ILE N   CA   sing N N 161 
ILE N   H    sing N N 162 
ILE N   H2   sing N N 163 
ILE CA  C    sing N N 164 
ILE CA  CB   sing N N 165 
ILE CA  HA   sing N N 166 
ILE C   O    doub N N 167 
ILE C   OXT  sing N N 168 
ILE CB  CG1  sing N N 169 
ILE CB  CG2  sing N N 170 
ILE CB  HB   sing N N 171 
ILE CG1 CD1  sing N N 172 
ILE CG1 HG12 sing N N 173 
ILE CG1 HG13 sing N N 174 
ILE CG2 HG21 sing N N 175 
ILE CG2 HG22 sing N N 176 
ILE CG2 HG23 sing N N 177 
ILE CD1 HD11 sing N N 178 
ILE CD1 HD12 sing N N 179 
ILE CD1 HD13 sing N N 180 
ILE OXT HXT  sing N N 181 
LEU N   CA   sing N N 182 
LEU N   H    sing N N 183 
LEU N   H2   sing N N 184 
LEU CA  C    sing N N 185 
LEU CA  CB   sing N N 186 
LEU CA  HA   sing N N 187 
LEU C   O    doub N N 188 
LEU C   OXT  sing N N 189 
LEU CB  CG   sing N N 190 
LEU CB  HB2  sing N N 191 
LEU CB  HB3  sing N N 192 
LEU CG  CD1  sing N N 193 
LEU CG  CD2  sing N N 194 
LEU CG  HG   sing N N 195 
LEU CD1 HD11 sing N N 196 
LEU CD1 HD12 sing N N 197 
LEU CD1 HD13 sing N N 198 
LEU CD2 HD21 sing N N 199 
LEU CD2 HD22 sing N N 200 
LEU CD2 HD23 sing N N 201 
LEU OXT HXT  sing N N 202 
LYS N   CA   sing N N 203 
LYS N   H    sing N N 204 
LYS N   H2   sing N N 205 
LYS CA  C    sing N N 206 
LYS CA  CB   sing N N 207 
LYS CA  HA   sing N N 208 
LYS C   O    doub N N 209 
LYS C   OXT  sing N N 210 
LYS CB  CG   sing N N 211 
LYS CB  HB2  sing N N 212 
LYS CB  HB3  sing N N 213 
LYS CG  CD   sing N N 214 
LYS CG  HG2  sing N N 215 
LYS CG  HG3  sing N N 216 
LYS CD  CE   sing N N 217 
LYS CD  HD2  sing N N 218 
LYS CD  HD3  sing N N 219 
LYS CE  NZ   sing N N 220 
LYS CE  HE2  sing N N 221 
LYS CE  HE3  sing N N 222 
LYS NZ  HZ1  sing N N 223 
LYS NZ  HZ2  sing N N 224 
LYS NZ  HZ3  sing N N 225 
LYS OXT HXT  sing N N 226 
MET N   CA   sing N N 227 
MET N   H    sing N N 228 
MET N   H2   sing N N 229 
MET CA  C    sing N N 230 
MET CA  CB   sing N N 231 
MET CA  HA   sing N N 232 
MET C   O    doub N N 233 
MET C   OXT  sing N N 234 
MET CB  CG   sing N N 235 
MET CB  HB2  sing N N 236 
MET CB  HB3  sing N N 237 
MET CG  SD   sing N N 238 
MET CG  HG2  sing N N 239 
MET CG  HG3  sing N N 240 
MET SD  CE   sing N N 241 
MET CE  HE1  sing N N 242 
MET CE  HE2  sing N N 243 
MET CE  HE3  sing N N 244 
MET OXT HXT  sing N N 245 
PHE N   CA   sing N N 246 
PHE N   H    sing N N 247 
PHE N   H2   sing N N 248 
PHE CA  C    sing N N 249 
PHE CA  CB   sing N N 250 
PHE CA  HA   sing N N 251 
PHE C   O    doub N N 252 
PHE C   OXT  sing N N 253 
PHE CB  CG   sing N N 254 
PHE CB  HB2  sing N N 255 
PHE CB  HB3  sing N N 256 
PHE CG  CD1  doub Y N 257 
PHE CG  CD2  sing Y N 258 
PHE CD1 CE1  sing Y N 259 
PHE CD1 HD1  sing N N 260 
PHE CD2 CE2  doub Y N 261 
PHE CD2 HD2  sing N N 262 
PHE CE1 CZ   doub Y N 263 
PHE CE1 HE1  sing N N 264 
PHE CE2 CZ   sing Y N 265 
PHE CE2 HE2  sing N N 266 
PHE CZ  HZ   sing N N 267 
PHE OXT HXT  sing N N 268 
PRO N   CA   sing N N 269 
PRO N   CD   sing N N 270 
PRO N   H    sing N N 271 
PRO CA  C    sing N N 272 
PRO CA  CB   sing N N 273 
PRO CA  HA   sing N N 274 
PRO C   O    doub N N 275 
PRO C   OXT  sing N N 276 
PRO CB  CG   sing N N 277 
PRO CB  HB2  sing N N 278 
PRO CB  HB3  sing N N 279 
PRO CG  CD   sing N N 280 
PRO CG  HG2  sing N N 281 
PRO CG  HG3  sing N N 282 
PRO CD  HD2  sing N N 283 
PRO CD  HD3  sing N N 284 
PRO OXT HXT  sing N N 285 
RH7 C08 C07  sing N N 286 
RH7 C08 C09  sing N N 287 
RH7 N17 C16  doub Y N 288 
RH7 N17 C18  sing Y N 289 
RH7 C16 C15  sing Y N 290 
RH7 C07 C06  sing N N 291 
RH7 C07 C11  sing N N 292 
RH7 C06 N05  sing N N 293 
RH7 C09 C18  sing N N 294 
RH7 C09 O10  sing N N 295 
RH7 C18 C13  doub Y N 296 
RH7 C15 N14  doub Y N 297 
RH7 C13 N14  sing Y N 298 
RH7 C13 C12  sing N N 299 
RH7 O04 C03  doub N N 300 
RH7 N05 C03  sing N N 301 
RH7 N05 C19  sing N N 302 
RH7 C11 O10  sing N N 303 
RH7 C11 C12  sing N N 304 
RH7 C11 C19  sing N N 305 
RH7 C03 O02  sing N N 306 
RH7 O02 C01  sing N N 307 
RH7 C15 H1   sing N N 308 
RH7 C01 H2   sing N N 309 
RH7 C01 H3   sing N N 310 
RH7 C01 H4   sing N N 311 
RH7 C06 H5   sing N N 312 
RH7 C06 H6   sing N N 313 
RH7 C07 H7   sing N N 314 
RH7 C08 H8   sing N N 315 
RH7 C08 H9   sing N N 316 
RH7 C09 H10  sing N N 317 
RH7 C12 H11  sing N N 318 
RH7 C12 H12  sing N N 319 
RH7 C16 H13  sing N N 320 
RH7 C19 H14  sing N N 321 
RH7 C19 H15  sing N N 322 
SER N   CA   sing N N 323 
SER N   H    sing N N 324 
SER N   H2   sing N N 325 
SER CA  C    sing N N 326 
SER CA  CB   sing N N 327 
SER CA  HA   sing N N 328 
SER C   O    doub N N 329 
SER C   OXT  sing N N 330 
SER CB  OG   sing N N 331 
SER CB  HB2  sing N N 332 
SER CB  HB3  sing N N 333 
SER OG  HG   sing N N 334 
SER OXT HXT  sing N N 335 
SO4 S   O1   doub N N 336 
SO4 S   O2   doub N N 337 
SO4 S   O3   sing N N 338 
SO4 S   O4   sing N N 339 
THR N   CA   sing N N 340 
THR N   H    sing N N 341 
THR N   H2   sing N N 342 
THR CA  C    sing N N 343 
THR CA  CB   sing N N 344 
THR CA  HA   sing N N 345 
THR C   O    doub N N 346 
THR C   OXT  sing N N 347 
THR CB  OG1  sing N N 348 
THR CB  CG2  sing N N 349 
THR CB  HB   sing N N 350 
THR OG1 HG1  sing N N 351 
THR CG2 HG21 sing N N 352 
THR CG2 HG22 sing N N 353 
THR CG2 HG23 sing N N 354 
THR OXT HXT  sing N N 355 
TYR N   CA   sing N N 356 
TYR N   H    sing N N 357 
TYR N   H2   sing N N 358 
TYR CA  C    sing N N 359 
TYR CA  CB   sing N N 360 
TYR CA  HA   sing N N 361 
TYR C   O    doub N N 362 
TYR C   OXT  sing N N 363 
TYR CB  CG   sing N N 364 
TYR CB  HB2  sing N N 365 
TYR CB  HB3  sing N N 366 
TYR CG  CD1  doub Y N 367 
TYR CG  CD2  sing Y N 368 
TYR CD1 CE1  sing Y N 369 
TYR CD1 HD1  sing N N 370 
TYR CD2 CE2  doub Y N 371 
TYR CD2 HD2  sing N N 372 
TYR CE1 CZ   doub Y N 373 
TYR CE1 HE1  sing N N 374 
TYR CE2 CZ   sing Y N 375 
TYR CE2 HE2  sing N N 376 
TYR CZ  OH   sing N N 377 
TYR OH  HH   sing N N 378 
TYR OXT HXT  sing N N 379 
VAL N   CA   sing N N 380 
VAL N   H    sing N N 381 
VAL N   H2   sing N N 382 
VAL CA  C    sing N N 383 
VAL CA  CB   sing N N 384 
VAL CA  HA   sing N N 385 
VAL C   O    doub N N 386 
VAL C   OXT  sing N N 387 
VAL CB  CG1  sing N N 388 
VAL CB  CG2  sing N N 389 
VAL CB  HB   sing N N 390 
VAL CG1 HG11 sing N N 391 
VAL CG1 HG12 sing N N 392 
VAL CG1 HG13 sing N N 393 
VAL CG2 HG21 sing N N 394 
VAL CG2 HG22 sing N N 395 
VAL CG2 HG23 sing N N 396 
VAL OXT HXT  sing N N 397 
# 
_pdbx_deposit_group.group_id            G_1002118 
_pdbx_deposit_group.group_description   
;Bromodomain of human ATAD2 screened against the Leeds 3D Fragment Library by X-ray Crystallography at the XChem
facility of Diamond Light Source beamline I04-1
;
_pdbx_deposit_group.group_title         'PanDDA analysis group deposition - Bromodomain of human ATAD2 fragment screening' 
_pdbx_deposit_group.group_type          'changed state' 
# 
_pdbx_entity_instance_feature.ordinal        1 
_pdbx_entity_instance_feature.comp_id        RH7 
_pdbx_entity_instance_feature.asym_id        ? 
_pdbx_entity_instance_feature.seq_num        ? 
_pdbx_entity_instance_feature.auth_comp_id   RH7 
_pdbx_entity_instance_feature.auth_asym_id   ? 
_pdbx_entity_instance_feature.auth_seq_num   ? 
_pdbx_entity_instance_feature.feature_type   'SUBJECT OF INVESTIGATION' 
_pdbx_entity_instance_feature.details        ? 
# 
_atom_sites.entry_id                    5QXO 
_atom_sites.fract_transf_matrix[1][1]   -0.00882500 
_atom_sites.fract_transf_matrix[1][2]   0.00768375 
_atom_sites.fract_transf_matrix[1][3]   -0.00834007 
_atom_sites.fract_transf_matrix[2][1]   -0.01142330 
_atom_sites.fract_transf_matrix[2][2]   -0.00626336 
_atom_sites.fract_transf_matrix[2][3]   -0.00606191 
_atom_sites.fract_transf_matrix[3][1]   -0.00395961 
_atom_sites.fract_transf_matrix[3][2]   0.00167395 
_atom_sites.fract_transf_matrix[3][3]   0.00573206 
_atom_sites.fract_transf_vector[1]      0.446602 
_atom_sites.fract_transf_vector[2]      0.601423 
_atom_sites.fract_transf_vector[3]      -0.025614 
# 
loop_
_atom_type.symbol 
C 
N 
O 
S 
# 
loop_
_atom_site.group_PDB 
_atom_site.id 
_atom_site.type_symbol 
_atom_site.label_atom_id 
_atom_site.label_alt_id 
_atom_site.label_comp_id 
_atom_site.label_asym_id 
_atom_site.label_entity_id 
_atom_site.label_seq_id 
_atom_site.pdbx_PDB_ins_code 
_atom_site.Cartn_x 
_atom_site.Cartn_y 
_atom_site.Cartn_z 
_atom_site.occupancy 
_atom_site.B_iso_or_equiv 
_atom_site.pdbx_formal_charge 
_atom_site.auth_seq_id 
_atom_site.auth_comp_id 
_atom_site.auth_asym_id 
_atom_site.auth_atom_id 
_atom_site.pdbx_PDB_model_num 
ATOM   1    N N   . SER A 1 1   ? -1.336  -22.198 14.338  1.00 31.28 ? 979  SER A N   1 
ATOM   2    C CA  . SER A 1 1   ? -2.161  -22.236 15.549  1.00 34.43 ? 979  SER A CA  1 
ATOM   3    C C   . SER A 1 1   ? -3.294  -21.201 15.414  1.00 40.24 ? 979  SER A C   1 
ATOM   4    O O   . SER A 1 1   ? -3.203  -20.322 14.508  1.00 29.91 ? 979  SER A O   1 
ATOM   5    C CB  . SER A 1 1   ? -1.324  -21.960 16.766  1.00 39.12 ? 979  SER A CB  1 
ATOM   6    O OG  . SER A 1 1   ? -0.823  -20.607 16.766  1.00 34.36 ? 979  SER A OG  1 
ATOM   7    N N   . MET A 1 2   ? -4.301  -21.279 16.285  1.00 37.74 ? 980  MET A N   1 
ATOM   8    C CA  . MET A 1 2   ? -5.426  -20.306 16.320  1.00 41.79 ? 980  MET A CA  1 
ATOM   9    C C   . MET A 1 2   ? -4.857  -18.949 16.737  1.00 34.48 ? 980  MET A C   1 
ATOM   10   O O   . MET A 1 2   ? -5.317  -17.929 16.239  1.00 29.92 ? 980  MET A O   1 
ATOM   11   C CB  . MET A 1 2   ? -6.511  -20.718 17.327  1.00 47.68 ? 980  MET A CB  1 
ATOM   12   C CG  . MET A 1 2   ? -7.607  -19.658 17.543  1.00 55.53 ? 980  MET A CG  1 
ATOM   13   S SD  . MET A 1 2   ? -8.901  -19.729 16.258  1.00 80.87 ? 980  MET A SD  1 
ATOM   14   C CE  . MET A 1 2   ? -8.126  -18.991 14.819  1.00 67.96 ? 980  MET A CE  1 
ATOM   15   N N   . GLN A 1 3   ? -3.913  -18.936 17.655  1.00 29.68 ? 981  GLN A N   1 
ATOM   16   C CA  . GLN A 1 3   ? -3.257  -17.701 18.142  1.00 33.94 ? 981  GLN A CA  1 
ATOM   17   C C   . GLN A 1 3   ? -2.566  -17.022 16.948  1.00 25.56 ? 981  GLN A C   1 
ATOM   18   O O   . GLN A 1 3   ? -2.650  -15.770 16.871  1.00 24.61 ? 981  GLN A O   1 
ATOM   19   C CB  . GLN A 1 3   ? -2.316  -18.007 19.306  1.00 40.33 ? 981  GLN A CB  1 
ATOM   20   C CG  . GLN A 1 3   ? -2.998  -18.838 20.400  1.00 53.58 ? 981  GLN A CG  1 
ATOM   21   C CD  . GLN A 1 3   ? -2.737  -20.322 20.233  1.00 60.47 ? 981  GLN A CD  1 
ATOM   22   O OE1 . GLN A 1 3   ? -3.528  -21.080 19.643  1.00 58.66 ? 981  GLN A OE1 1 
ATOM   23   N NE2 . GLN A 1 3   ? -1.574  -20.742 20.710  1.00 69.20 ? 981  GLN A NE2 1 
ATOM   24   N N   . GLU A 1 4   ? -1.888  -17.766 16.082  1.00 22.55 ? 982  GLU A N   1 
ATOM   25   C CA  . GLU A 1 4   ? -1.220  -17.187 14.879  1.00 20.57 ? 982  GLU A CA  1 
ATOM   26   C C   . GLU A 1 4   ? -2.308  -16.653 13.940  1.00 18.86 ? 982  GLU A C   1 
ATOM   27   O O   . GLU A 1 4   ? -2.100  -15.524 13.362  1.00 16.46 ? 982  GLU A O   1 
ATOM   28   C CB  . GLU A 1 4   ? -0.289  -18.202 14.200  1.00 20.60 ? 982  GLU A CB  1 
ATOM   29   C CG  . GLU A 1 4   ? 0.962   -18.464 15.057  1.00 22.67 ? 982  GLU A CG  1 
ATOM   30   C CD  . GLU A 1 4   ? 1.816   -19.634 14.592  1.00 28.86 ? 982  GLU A CD  1 
ATOM   31   O OE1 . GLU A 1 4   ? 1.292   -20.443 13.804  1.00 28.56 ? 982  GLU A OE1 1 
ATOM   32   O OE2 . GLU A 1 4   ? 3.048   -19.692 14.948  1.00 25.12 ? 982  GLU A OE2 1 
ATOM   33   N N   . GLU A 1 5   ? -3.406  -17.363 13.680  1.00 18.16 ? 983  GLU A N   1 
ATOM   34   C CA  . GLU A 1 5   ? -4.480  -16.822 12.814  1.00 20.63 ? 983  GLU A CA  1 
ATOM   35   C C   . GLU A 1 5   ? -5.089  -15.539 13.441  1.00 19.77 ? 983  GLU A C   1 
ATOM   36   O O   . GLU A 1 5   ? -5.359  -14.608 12.653  1.00 17.87 ? 983  GLU A O   1 
ATOM   37   C CB  . GLU A 1 5   ? -5.560  -17.886 12.526  1.00 26.85 ? 983  GLU A CB  1 
ATOM   38   C CG  . GLU A 1 5   ? -4.989  -19.073 11.737  1.00 31.89 ? 983  GLU A CG  1 
ATOM   39   C CD  . GLU A 1 5   ? -4.275  -18.689 10.445  1.00 45.09 ? 983  GLU A CD  1 
ATOM   40   O OE1 . GLU A 1 5   ? -4.897  -17.933 9.656   1.00 54.86 ? 983  GLU A OE1 1 
ATOM   41   O OE2 . GLU A 1 5   ? -3.052  -19.056 10.253  1.00 55.77 ? 983  GLU A OE2 1 
ATOM   42   N N   . ASP A 1 6   ? -5.214  -15.433 14.753  1.00 17.48 ? 984  ASP A N   1 
ATOM   43   C CA  . ASP A 1 6   ? -5.677  -14.207 15.446  1.00 18.57 ? 984  ASP A CA  1 
ATOM   44   C C   . ASP A 1 6   ? -4.659  -13.058 15.173  1.00 16.47 ? 984  ASP A C   1 
ATOM   45   O O   . ASP A 1 6   ? -5.087  -11.852 15.001  1.00 15.66 ? 984  ASP A O   1 
ATOM   46   C CB  . ASP A 1 6   ? -5.903  -14.425 16.950  1.00 22.47 ? 984  ASP A CB  1 
ATOM   47   C CG  . ASP A 1 6   ? -7.167  -15.230 17.307  1.00 26.60 ? 984  ASP A CG  1 
ATOM   48   O OD1 . ASP A 1 6   ? -7.972  -15.500 16.409  1.00 31.36 ? 984  ASP A OD1 1 
ATOM   49   O OD2 . ASP A 1 6   ? -7.275  -15.587 18.454  1.00 39.35 ? 984  ASP A OD2 1 
ATOM   50   N N   . THR A 1 7   ? -3.362  -13.320 15.186  1.00 14.95 ? 985  THR A N   1 
ATOM   51   C CA  . THR A 1 7   ? -2.299  -12.321 14.908  1.00 13.62 ? 985  THR A CA  1 
ATOM   52   C C   . THR A 1 7   ? -2.534  -11.767 13.488  1.00 13.23 ? 985  THR A C   1 
ATOM   53   O O   . THR A 1 7   ? -2.595  -10.500 13.303  1.00 12.23 ? 985  THR A O   1 
ATOM   54   C CB  . THR A 1 7   ? -0.867  -12.843 15.090  1.00 14.28 ? 985  THR A CB  1 
ATOM   55   O OG1 . THR A 1 7   ? -0.760  -13.303 16.467  1.00 17.98 ? 985  THR A OG1 1 
ATOM   56   C CG2 . THR A 1 7   ? 0.194   -11.816 14.771  1.00 15.60 ? 985  THR A CG2 1 
ATOM   57   N N   . PHE A 1 8   ? -2.679  -12.603 12.473  1.00 13.60 ? 986  PHE A N   1 
ATOM   58   C CA  . PHE A 1 8   ? -2.876  -12.125 11.085  1.00 13.86 ? 986  PHE A CA  1 
ATOM   59   C C   . PHE A 1 8   ? -4.207  -11.375 10.924  1.00 13.67 ? 986  PHE A C   1 
ATOM   60   O O   . PHE A 1 8   ? -4.275  -10.427 10.133  1.00 14.16 ? 986  PHE A O   1 
ATOM   61   C CB  . PHE A 1 8   ? -2.651  -13.240 10.046  1.00 14.84 ? 986  PHE A CB  1 
ATOM   62   C CG  . PHE A 1 8   ? -1.264  -13.811 9.970   1.00 15.95 ? 986  PHE A CG  1 
ATOM   63   C CD1 . PHE A 1 8   ? -0.159  -13.000 9.835   1.00 15.70 ? 986  PHE A CD1 1 
ATOM   64   C CD2 . PHE A 1 8   ? -1.057  -15.177 9.930   1.00 17.61 ? 986  PHE A CD2 1 
ATOM   65   C CE1 . PHE A 1 8   ? 1.133   -13.491 9.732   1.00 18.44 ? 986  PHE A CE1 1 
ATOM   66   C CE2 . PHE A 1 8   ? 0.233   -15.673 9.769   1.00 18.48 ? 986  PHE A CE2 1 
ATOM   67   C CZ  . PHE A 1 8   ? 1.324   -14.846 9.672   1.00 19.70 ? 986  PHE A CZ  1 
ATOM   68   N N   A ARG A 1 9   ? -5.258  -11.746 11.666  0.23 13.15 ? 987  ARG A N   1 
ATOM   69   N N   B ARG A 1 9   ? -5.253  -11.797 11.637  0.23 12.47 ? 987  ARG A N   1 
ATOM   70   N N   C ARG A 1 9   ? -5.259  -11.742 11.662  0.04 12.65 ? 987  ARG A N   1 
ATOM   71   C CA  A ARG A 1 9   ? -6.570  -11.046 11.609  0.23 14.35 ? 987  ARG A CA  1 
ATOM   72   C CA  B ARG A 1 9   ? -6.546  -11.079 11.621  0.23 13.12 ? 987  ARG A CA  1 
ATOM   73   C CA  C ARG A 1 9   ? -6.559  -11.022 11.552  0.04 12.20 ? 987  ARG A CA  1 
ATOM   74   C C   A ARG A 1 9   ? -6.424  -9.627  12.182  0.23 12.78 ? 987  ARG A C   1 
ATOM   75   C C   B ARG A 1 9   ? -6.289  -9.642  12.087  0.23 11.96 ? 987  ARG A C   1 
ATOM   76   C C   C ARG A 1 9   ? -6.431  -9.624  12.175  0.04 11.99 ? 987  ARG A C   1 
ATOM   77   O O   A ARG A 1 9   ? -7.071  -8.682  11.664  0.23 11.66 ? 987  ARG A O   1 
ATOM   78   O O   B ARG A 1 9   ? -6.665  -8.723  11.346  0.23 10.99 ? 987  ARG A O   1 
ATOM   79   O O   C ARG A 1 9   ? -7.086  -8.696  11.659  0.04 11.83 ? 987  ARG A O   1 
ATOM   80   C CB  A ARG A 1 9   ? -7.635  -11.856 12.344  0.23 16.41 ? 987  ARG A CB  1 
ATOM   81   C CB  B ARG A 1 9   ? -7.602  -11.789 12.462  0.23 14.17 ? 987  ARG A CB  1 
ATOM   82   C CB  C ARG A 1 9   ? -7.718  -11.802 12.176  0.04 11.87 ? 987  ARG A CB  1 
ATOM   83   C CG  A ARG A 1 9   ? -9.060  -11.513 11.940  0.23 18.74 ? 987  ARG A CG  1 
ATOM   84   C CG  B ARG A 1 9   ? -8.955  -11.102 12.414  0.23 15.19 ? 987  ARG A CG  1 
ATOM   85   C CG  C ARG A 1 9   ? -9.085  -11.281 11.750  0.04 11.59 ? 987  ARG A CG  1 
ATOM   86   C CD  A ARG A 1 9   ? -10.082 -12.473 12.544  0.23 21.13 ? 987  ARG A CD  1 
ATOM   87   C CD  B ARG A 1 9   ? -10.115 -12.041 12.669  0.23 16.78 ? 987  ARG A CD  1 
ATOM   88   C CD  C ARG A 1 9   ? -10.191 -12.212 12.199  0.04 11.35 ? 987  ARG A CD  1 
ATOM   89   N NE  A ARG A 1 9   ? -9.800  -13.875 12.285  0.23 25.52 ? 987  ARG A NE  1 
ATOM   90   N NE  B ARG A 1 9   ? -11.359 -11.317 12.475  0.23 17.60 ? 987  ARG A NE  1 
ATOM   91   N NE  C ARG A 1 9   ? -11.562 -11.870 11.834  0.04 11.28 ? 987  ARG A NE  1 
ATOM   92   C CZ  A ARG A 1 9   ? -9.396  -14.776 13.189  0.23 23.78 ? 987  ARG A CZ  1 
ATOM   93   C CZ  B ARG A 1 9   ? -12.027 -10.638 13.407  0.23 16.25 ? 987  ARG A CZ  1 
ATOM   94   C CZ  C ARG A 1 9   ? -12.198 -10.735 12.121  0.04 10.98 ? 987  ARG A CZ  1 
ATOM   95   N NH1 A ARG A 1 9   ? -9.242  -14.454 14.459  0.23 24.51 ? 987  ARG A NH1 1 
ATOM   96   N NH1 B ARG A 1 9   ? -13.131 -10.032 13.015  0.23 18.79 ? 987  ARG A NH1 1 
ATOM   97   N NH1 C ARG A 1 9   ? -13.465 -10.602 11.767  0.04 10.72 ? 987  ARG A NH1 1 
ATOM   98   N NH2 A ARG A 1 9   ? -9.151  -16.011 12.802  0.23 23.07 ? 987  ARG A NH2 1 
ATOM   99   N NH2 B ARG A 1 9   ? -11.597 -10.490 14.662  0.23 15.44 ? 987  ARG A NH2 1 
ATOM   100  N NH2 C ARG A 1 9   ? -11.573 -9.717  12.689  0.04 10.81 ? 987  ARG A NH2 1 
ATOM   101  N N   . GLU A 1 10  ? -5.636  -9.474  13.242  1.00 11.88 ? 988  GLU A N   1 
ATOM   102  C CA  . GLU A 1 10  ? -5.356  -8.133  13.821  1.00 11.56 ? 988  GLU A CA  1 
ATOM   103  C C   . GLU A 1 10  ? -4.533  -7.325  12.807  1.00 10.88 ? 988  GLU A C   1 
ATOM   104  O O   . GLU A 1 10  ? -4.849  -6.109  12.581  1.00 10.62 ? 988  GLU A O   1 
ATOM   105  C CB  . GLU A 1 10  ? -4.633  -8.233  15.174  1.00 11.18 ? 988  GLU A CB  1 
ATOM   106  C CG  . GLU A 1 10  ? -4.262  -6.876  15.748  1.00 12.58 ? 988  GLU A CG  1 
ATOM   107  C CD  . GLU A 1 10  ? -3.942  -6.765  17.218  1.00 16.59 ? 988  GLU A CD  1 
ATOM   108  O OE1 . GLU A 1 10  ? -3.561  -5.608  17.638  1.00 18.24 ? 988  GLU A OE1 1 
ATOM   109  O OE2 . GLU A 1 10  ? -4.044  -7.830  17.895  1.00 17.98 ? 988  GLU A OE2 1 
ATOM   110  N N   . LEU A 1 11  ? -3.564  -7.920  12.109  1.00 10.89 ? 989  LEU A N   1 
ATOM   111  C CA  . LEU A 1 11  ? -2.812  -7.204  11.051  1.00 11.33 ? 989  LEU A CA  1 
ATOM   112  C C   . LEU A 1 11  ? -3.783  -6.720  9.979   1.00 10.93 ? 989  LEU A C   1 
ATOM   113  O O   . LEU A 1 11  ? -3.706  -5.492  9.587   1.00 11.65 ? 989  LEU A O   1 
ATOM   114  C CB  . LEU A 1 11  ? -1.754  -8.114  10.418  1.00 13.27 ? 989  LEU A CB  1 
ATOM   115  C CG  . LEU A 1 11  ? -1.034  -7.533  9.211   1.00 14.43 ? 989  LEU A CG  1 
ATOM   116  C CD1 . LEU A 1 11  ? -0.173  -6.363  9.616   1.00 16.13 ? 989  LEU A CD1 1 
ATOM   117  C CD2 . LEU A 1 11  ? -0.221  -8.652  8.542   1.00 18.58 ? 989  LEU A CD2 1 
ATOM   118  N N   . ARG A 1 12  ? -4.693  -7.549  9.490   1.00 10.81 ? 990  ARG A N   1 
ATOM   119  C CA  . ARG A 1 12  ? -5.630  -7.110  8.424   1.00 10.70 ? 990  ARG A CA  1 
ATOM   120  C C   . ARG A 1 12  ? -6.508  -5.946  8.904   1.00 11.13 ? 990  ARG A C   1 
ATOM   121  O O   . ARG A 1 12  ? -6.763  -4.985  8.120   1.00 10.43 ? 990  ARG A O   1 
ATOM   122  C CB  . ARG A 1 12  ? -6.495  -8.270  7.912   1.00 11.73 ? 990  ARG A CB  1 
ATOM   123  C CG  . ARG A 1 12  ? -5.684  -9.318  7.191   1.00 12.36 ? 990  ARG A CG  1 
ATOM   124  C CD  . ARG A 1 12  ? -6.536  -10.418 6.528   1.00 13.05 ? 990  ARG A CD  1 
ATOM   125  N NE  . ARG A 1 12  ? -7.415  -11.171 7.414   1.00 13.62 ? 990  ARG A NE  1 
ATOM   126  C CZ  . ARG A 1 12  ? -7.048  -12.311 8.025   1.00 14.13 ? 990  ARG A CZ  1 
ATOM   127  N NH1 . ARG A 1 12  ? -7.923  -12.952 8.801   1.00 17.27 ? 990  ARG A NH1 1 
ATOM   128  N NH2 . ARG A 1 12  ? -5.863  -12.793 7.847   1.00 14.65 ? 990  ARG A NH2 1 
ATOM   129  N N   . ILE A 1 13  ? -7.049  -5.967  10.125  1.00 10.45 ? 991  ILE A N   1 
ATOM   130  C CA  . ILE A 1 13  ? -7.882  -4.889  10.702  1.00 10.50 ? 991  ILE A CA  1 
ATOM   131  C C   . ILE A 1 13  ? -7.052  -3.583  10.682  1.00 10.36 ? 991  ILE A C   1 
ATOM   132  O O   . ILE A 1 13  ? -7.566  -2.516  10.212  1.00 11.92 ? 991  ILE A O   1 
ATOM   133  C CB  . ILE A 1 13  ? -8.399  -5.273  12.094  1.00 12.43 ? 991  ILE A CB  1 
ATOM   134  C CG1 . ILE A 1 13  ? -9.398  -6.440  11.946  1.00 15.82 ? 991  ILE A CG1 1 
ATOM   135  C CG2 . ILE A 1 13  ? -9.057  -4.066  12.749  1.00 14.69 ? 991  ILE A CG2 1 
ATOM   136  C CD1 . ILE A 1 13  ? -9.643  -7.198  13.244  1.00 17.71 ? 991  ILE A CD1 1 
ATOM   137  N N   . PHE A 1 14  ? -5.819  -3.633  11.144  1.00 10.77 ? 992  PHE A N   1 
ATOM   138  C CA  . PHE A 1 14  ? -4.908  -2.466  11.170  1.00 11.60 ? 992  PHE A CA  1 
ATOM   139  C C   . PHE A 1 14  ? -4.722  -1.943  9.733   1.00 11.31 ? 992  PHE A C   1 
ATOM   140  O O   . PHE A 1 14  ? -4.831  -0.684  9.492   1.00 11.51 ? 992  PHE A O   1 
ATOM   141  C CB  . PHE A 1 14  ? -3.571  -2.829  11.835  1.00 12.21 ? 992  PHE A CB  1 
ATOM   142  C CG  . PHE A 1 14  ? -2.522  -1.724  11.798  1.00 13.89 ? 992  PHE A CG  1 
ATOM   143  C CD1 . PHE A 1 14  ? -2.658  -0.602  12.591  1.00 17.16 ? 992  PHE A CD1 1 
ATOM   144  C CD2 . PHE A 1 14  ? -1.415  -1.878  11.001  1.00 15.11 ? 992  PHE A CD2 1 
ATOM   145  C CE1 . PHE A 1 14  ? -1.698  0.426   12.555  1.00 17.68 ? 992  PHE A CE1 1 
ATOM   146  C CE2 . PHE A 1 14  ? -0.478  -0.839  10.933  1.00 17.81 ? 992  PHE A CE2 1 
ATOM   147  C CZ  . PHE A 1 14  ? -0.642  0.288   11.708  1.00 16.93 ? 992  PHE A CZ  1 
ATOM   148  N N   . LEU A 1 15  ? -4.377  -2.805  8.782   1.00 11.00 ? 993  LEU A N   1 
ATOM   149  C CA  . LEU A 1 15  ? -4.093  -2.376  7.389   1.00 10.68 ? 993  LEU A CA  1 
ATOM   150  C C   . LEU A 1 15  ? -5.336  -1.791  6.744   1.00 10.97 ? 993  LEU A C   1 
ATOM   151  O O   . LEU A 1 15  ? -5.221  -0.768  5.978   1.00 11.54 ? 993  LEU A O   1 
ATOM   152  C CB  . LEU A 1 15  ? -3.535  -3.522  6.543   1.00 11.81 ? 993  LEU A CB  1 
ATOM   153  C CG  . LEU A 1 15  ? -2.185  -4.088  6.999   1.00 13.22 ? 993  LEU A CG  1 
ATOM   154  C CD1 . LEU A 1 15  ? -1.759  -5.247  6.066   1.00 13.90 ? 993  LEU A CD1 1 
ATOM   155  C CD2 . LEU A 1 15  ? -1.122  -2.983  7.063   1.00 14.28 ? 993  LEU A CD2 1 
ATOM   156  N N   . ARG A 1 16  ? -6.534  -2.317  6.945   1.00 11.09 ? 994  ARG A N   1 
ATOM   157  C CA  . ARG A 1 16  ? -7.770  -1.750  6.372   1.00 11.21 ? 994  ARG A CA  1 
ATOM   158  C C   . ARG A 1 16  ? -7.980  -0.326  6.895   1.00 12.51 ? 994  ARG A C   1 
ATOM   159  O O   . ARG A 1 16  ? -8.392  0.569   6.125   1.00 12.79 ? 994  ARG A O   1 
ATOM   160  C CB  . ARG A 1 16  ? -9.034  -2.574  6.667   1.00 14.28 ? 994  ARG A CB  1 
ATOM   161  C CG  . ARG A 1 16  ? -9.101  -3.935  6.018   1.00 15.28 ? 994  ARG A CG  1 
ATOM   162  C CD  . ARG A 1 16  ? -10.559 -4.486  6.131   1.00 15.53 ? 994  ARG A CD  1 
ATOM   163  N NE  . ARG A 1 16  ? -10.457 -5.880  5.830   1.00 16.23 ? 994  ARG A NE  1 
ATOM   164  C CZ  . ARG A 1 16  ? -10.148 -6.855  6.658   1.00 16.33 ? 994  ARG A CZ  1 
ATOM   165  N NH1 . ARG A 1 16  ? -10.172 -6.743  7.981   1.00 15.15 ? 994  ARG A NH1 1 
ATOM   166  N NH2 . ARG A 1 16  ? -9.948  -8.061  6.136   1.00 18.99 ? 994  ARG A NH2 1 
ATOM   167  N N   . ASN A 1 17  ? -7.714  -0.087  8.169   1.00 11.28 ? 995  ASN A N   1 
ATOM   168  C CA  . ASN A 1 17  ? -7.929  1.232   8.807   1.00 12.39 ? 995  ASN A CA  1 
ATOM   169  C C   . ASN A 1 17  ? -6.927  2.239   8.232   1.00 11.11 ? 995  ASN A C   1 
ATOM   170  O O   . ASN A 1 17  ? -7.402  3.365   7.833   1.00 11.69 ? 995  ASN A O   1 
ATOM   171  C CB  . ASN A 1 17  ? -7.859  1.116   10.328  1.00 12.82 ? 995  ASN A CB  1 
ATOM   172  C CG  . ASN A 1 17  ? -8.017  2.482   10.954  1.00 16.75 ? 995  ASN A CG  1 
ATOM   173  O OD1 . ASN A 1 17  ? -7.019  3.059   11.241  1.00 16.75 ? 995  ASN A OD1 1 
ATOM   174  N ND2 . ASN A 1 17  ? -9.243  2.974   11.113  1.00 19.47 ? 995  ASN A ND2 1 
ATOM   175  N N   . VAL A 1 18  ? -5.668  1.911   8.126   1.00 11.43 ? 996  VAL A N   1 
ATOM   176  C CA  . VAL A 1 18  ? -4.665  2.830   7.527   1.00 11.32 ? 996  VAL A CA  1 
ATOM   177  C C   . VAL A 1 18  ? -5.103  3.157   6.089   1.00 11.37 ? 996  VAL A C   1 
ATOM   178  O O   . VAL A 1 18  ? -5.103  4.338   5.648   1.00 11.30 ? 996  VAL A O   1 
ATOM   179  C CB  . VAL A 1 18  ? -3.250  2.229   7.542   1.00 12.34 ? 996  VAL A CB  1 
ATOM   180  C CG1 . VAL A 1 18  ? -2.271  3.132   6.765   1.00 12.66 ? 996  VAL A CG1 1 
ATOM   181  C CG2 . VAL A 1 18  ? -2.766  1.993   8.983   1.00 14.04 ? 996  VAL A CG2 1 
ATOM   182  N N   . THR A 1 19  ? -5.453  2.148   5.284   1.00 10.75 ? 997  THR A N   1 
ATOM   183  C CA  . THR A 1 19  ? -5.784  2.303   3.840   1.00 11.02 ? 997  THR A CA  1 
ATOM   184  C C   . THR A 1 19  ? -7.019  3.220   3.728   1.00 11.90 ? 997  THR A C   1 
ATOM   185  O O   . THR A 1 19  ? -7.036  4.090   2.805   1.00 12.24 ? 997  THR A O   1 
ATOM   186  C CB  . THR A 1 19  ? -5.961  0.938   3.152   1.00 11.14 ? 997  THR A CB  1 
ATOM   187  O OG1 . THR A 1 19  ? -4.801  0.139   3.394   1.00 11.50 ? 997  THR A OG1 1 
ATOM   188  C CG2 . THR A 1 19  ? -6.105  1.098   1.660   1.00 13.63 ? 997  THR A CG2 1 
ATOM   189  N N   . HIS A 1 20  ? -8.061  3.004   4.523   1.00 11.43 ? 998  HIS A N   1 
ATOM   190  C CA  . HIS A 1 20  ? -9.255  3.871   4.483   1.00 13.35 ? 998  HIS A CA  1 
ATOM   191  C C   . HIS A 1 20  ? -8.867  5.318   4.766   1.00 12.37 ? 998  HIS A C   1 
ATOM   192  O O   . HIS A 1 20  ? -9.420  6.237   4.100   1.00 13.80 ? 998  HIS A O   1 
ATOM   193  C CB  . HIS A 1 20  ? -10.277 3.394   5.542   1.00 16.16 ? 998  HIS A CB  1 
ATOM   194  C CG  . HIS A 1 20  ? -11.525 4.186   5.567   1.00 19.82 ? 998  HIS A CG  1 
ATOM   195  N ND1 . HIS A 1 20  ? -11.898 5.021   6.632   1.00 26.29 ? 998  HIS A ND1 1 
ATOM   196  C CD2 . HIS A 1 20  ? -12.503 4.286   4.642   1.00 20.34 ? 998  HIS A CD2 1 
ATOM   197  C CE1 . HIS A 1 20  ? -13.058 5.601   6.346   1.00 25.06 ? 998  HIS A CE1 1 
ATOM   198  N NE2 . HIS A 1 20  ? -13.442 5.173   5.114   1.00 25.45 ? 998  HIS A NE2 1 
ATOM   199  N N   . ARG A 1 21  ? -8.022  5.592   5.755   1.00 11.76 ? 999  ARG A N   1 
ATOM   200  C CA  . ARG A 1 21  ? -7.643  6.977   6.122   1.00 13.28 ? 999  ARG A CA  1 
ATOM   201  C C   . ARG A 1 21  ? -6.907  7.621   4.928   1.00 14.10 ? 999  ARG A C   1 
ATOM   202  O O   . ARG A 1 21  ? -7.082  8.828   4.682   1.00 14.40 ? 999  ARG A O   1 
ATOM   203  C CB  . ARG A 1 21  ? -6.845  7.016   7.415   1.00 13.97 ? 999  ARG A CB  1 
ATOM   204  C CG  . ARG A 1 21  ? -7.755  6.695   8.617   1.00 15.31 ? 999  ARG A CG  1 
ATOM   205  C CD  . ARG A 1 21  ? -7.023  6.093   9.837   1.00 16.59 ? 999  ARG A CD  1 
ATOM   206  N NE  . ARG A 1 21  ? -6.062  7.005   10.363  1.00 17.30 ? 999  ARG A NE  1 
ATOM   207  C CZ  . ARG A 1 21  ? -5.155  6.645   11.257  1.00 14.90 ? 999  ARG A CZ  1 
ATOM   208  N NH1 . ARG A 1 21  ? -4.299  7.526   11.711  1.00 15.64 ? 999  ARG A NH1 1 
ATOM   209  N NH2 . ARG A 1 21  ? -5.090  5.391   11.691  1.00 15.81 ? 999  ARG A NH2 1 
ATOM   210  N N   . LEU A 1 22  ? -6.070  6.902   4.201   1.00 12.81 ? 1000 LEU A N   1 
ATOM   211  C CA  . LEU A 1 22  ? -5.402  7.448   2.978   1.00 12.03 ? 1000 LEU A CA  1 
ATOM   212  C C   . LEU A 1 22  ? -6.463  7.692   1.906   1.00 13.24 ? 1000 LEU A C   1 
ATOM   213  O O   . LEU A 1 22  ? -6.459  8.788   1.249   1.00 13.90 ? 1000 LEU A O   1 
ATOM   214  C CB  . LEU A 1 22  ? -4.346  6.448   2.490   1.00 12.04 ? 1000 LEU A CB  1 
ATOM   215  C CG  . LEU A 1 22  ? -3.181  6.164   3.444   1.00 12.78 ? 1000 LEU A CG  1 
ATOM   216  C CD1 . LEU A 1 22  ? -2.283  5.056   2.893   1.00 14.30 ? 1000 LEU A CD1 1 
ATOM   217  C CD2 . LEU A 1 22  ? -2.370  7.437   3.788   1.00 14.62 ? 1000 LEU A CD2 1 
ATOM   218  N N   . ALA A 1 23  ? -7.415  6.795   1.683   1.00 13.23 ? 1001 ALA A N   1 
ATOM   219  C CA  . ALA A 1 23  ? -8.363  6.841   0.556   1.00 13.01 ? 1001 ALA A CA  1 
ATOM   220  C C   . ALA A 1 23  ? -9.378  7.979   0.693   1.00 15.61 ? 1001 ALA A C   1 
ATOM   221  O O   . ALA A 1 23  ? -9.887  8.407   -0.389  1.00 17.21 ? 1001 ALA A O   1 
ATOM   222  C CB  . ALA A 1 23  ? -9.018  5.515   0.391   1.00 14.56 ? 1001 ALA A CB  1 
ATOM   223  N N   . ILE A 1 24  ? -9.669  8.428   1.913   1.00 15.57 ? 1002 ILE A N   1 
ATOM   224  C CA  . ILE A 1 24  ? -10.644 9.550   2.095   1.00 16.81 ? 1002 ILE A CA  1 
ATOM   225  C C   . ILE A 1 24  ? -9.949  10.902  2.017   1.00 19.32 ? 1002 ILE A C   1 
ATOM   226  O O   . ILE A 1 24  ? -10.665 11.953  2.031   1.00 20.82 ? 1002 ILE A O   1 
ATOM   227  C CB  . ILE A 1 24  ? -11.485 9.380   3.383   1.00 17.79 ? 1002 ILE A CB  1 
ATOM   228  C CG1 . ILE A 1 24  ? -10.622 9.511   4.631   1.00 19.80 ? 1002 ILE A CG1 1 
ATOM   229  C CG2 . ILE A 1 24  ? -12.272 8.093   3.326   1.00 20.79 ? 1002 ILE A CG2 1 
ATOM   230  C CD1 . ILE A 1 24  ? -11.429 9.390   5.958   1.00 26.01 ? 1002 ILE A CD1 1 
ATOM   231  N N   . ASP A 1 25  ? -8.631  11.004  2.017   1.00 15.34 ? 1003 ASP A N   1 
ATOM   232  C CA  . ASP A 1 25  ? -7.910  12.297  1.933   1.00 16.40 ? 1003 ASP A CA  1 
ATOM   233  C C   . ASP A 1 25  ? -8.029  12.818  0.500   1.00 18.85 ? 1003 ASP A C   1 
ATOM   234  O O   . ASP A 1 25  ? -7.644  12.126  -0.453  1.00 17.06 ? 1003 ASP A O   1 
ATOM   235  C CB  . ASP A 1 25  ? -6.451  12.129  2.324   1.00 17.39 ? 1003 ASP A CB  1 
ATOM   236  C CG  . ASP A 1 25  ? -5.631  13.391  2.507   1.00 19.40 ? 1003 ASP A CG  1 
ATOM   237  O OD1 . ASP A 1 25  ? -5.572  14.200  1.556   1.00 20.20 ? 1003 ASP A OD1 1 
ATOM   238  O OD2 . ASP A 1 25  ? -4.947  13.481  3.515   1.00 22.73 ? 1003 ASP A OD2 1 
ATOM   239  N N   . LYS A 1 26  ? -8.564  14.035  0.322   1.00 18.58 ? 1004 LYS A N   1 
ATOM   240  C CA  . LYS A 1 26  ? -8.795  14.588  -1.038  1.00 20.56 ? 1004 LYS A CA  1 
ATOM   241  C C   . LYS A 1 26  ? -7.512  14.648  -1.892  1.00 17.49 ? 1004 LYS A C   1 
ATOM   242  O O   . LYS A 1 26  ? -7.667  14.566  -3.151  1.00 19.53 ? 1004 LYS A O   1 
ATOM   243  C CB  . LYS A 1 26  ? -9.406  16.013  -0.960  1.00 23.76 ? 1004 LYS A CB  1 
ATOM   244  N N   . ARG A 1 27  ? -6.335  14.806  -1.297  1.00 16.23 ? 1005 ARG A N   1 
ATOM   245  C CA  . ARG A 1 27  ? -5.050  14.892  -2.059  1.00 16.93 ? 1005 ARG A CA  1 
ATOM   246  C C   . ARG A 1 27  ? -4.815  13.575  -2.818  1.00 17.54 ? 1005 ARG A C   1 
ATOM   247  O O   . ARG A 1 27  ? -4.097  13.583  -3.824  1.00 17.29 ? 1005 ARG A O   1 
ATOM   248  C CB  . ARG A 1 27  ? -3.821  15.129  -1.205  1.00 17.22 ? 1005 ARG A CB  1 
ATOM   249  C CG  . ARG A 1 27  ? -3.766  16.494  -0.508  1.00 19.70 ? 1005 ARG A CG  1 
ATOM   250  C CD  . ARG A 1 27  ? -2.646  16.551  0.506   1.00 18.94 ? 1005 ARG A CD  1 
ATOM   251  N NE  . ARG A 1 27  ? -2.896  15.678  1.672   1.00 19.63 ? 1005 ARG A NE  1 
ATOM   252  C CZ  . ARG A 1 27  ? -2.004  15.373  2.592   1.00 19.17 ? 1005 ARG A CZ  1 
ATOM   253  N NH1 . ARG A 1 27  ? -0.761  15.826  2.539   1.00 20.88 ? 1005 ARG A NH1 1 
ATOM   254  N NH2 . ARG A 1 27  ? -2.335  14.583  3.601   1.00 21.21 ? 1005 ARG A NH2 1 
ATOM   255  N N   . PHE A 1 28  ? -5.374  12.470  -2.322  1.00 15.09 ? 1006 PHE A N   1 
ATOM   256  C CA  . PHE A 1 28  ? -4.967  11.133  -2.824  1.00 14.88 ? 1006 PHE A CA  1 
ATOM   257  C C   . PHE A 1 28  ? -6.052  10.519  -3.682  1.00 15.82 ? 1006 PHE A C   1 
ATOM   258  O O   . PHE A 1 28  ? -5.957  9.288   -4.041  1.00 15.14 ? 1006 PHE A O   1 
ATOM   259  C CB  . PHE A 1 28  ? -4.604  10.246  -1.625  1.00 13.00 ? 1006 PHE A CB  1 
ATOM   260  C CG  . PHE A 1 28  ? -3.536  10.820  -0.722  1.00 13.96 ? 1006 PHE A CG  1 
ATOM   261  C CD1 . PHE A 1 28  ? -2.484  11.623  -1.184  1.00 13.64 ? 1006 PHE A CD1 1 
ATOM   262  C CD2 . PHE A 1 28  ? -3.555  10.537  0.639   1.00 13.04 ? 1006 PHE A CD2 1 
ATOM   263  C CE1 . PHE A 1 28  ? -1.549  12.135  -0.309  1.00 14.34 ? 1006 PHE A CE1 1 
ATOM   264  C CE2 . PHE A 1 28  ? -2.641  11.062  1.517   1.00 14.13 ? 1006 PHE A CE2 1 
ATOM   265  C CZ  . PHE A 1 28  ? -1.612  11.868  1.058   1.00 15.01 ? 1006 PHE A CZ  1 
ATOM   266  N N   . ARG A 1 29  ? -7.066  11.271  -4.108  1.00 15.35 ? 1007 ARG A N   1 
ATOM   267  C CA  . ARG A 1 29  ? -8.142  10.740  -4.954  1.00 15.47 ? 1007 ARG A CA  1 
ATOM   268  C C   . ARG A 1 29  ? -7.594  10.034  -6.210  1.00 15.76 ? 1007 ARG A C   1 
ATOM   269  O O   . ARG A 1 29  ? -8.160  9.009   -6.638  1.00 16.33 ? 1007 ARG A O   1 
ATOM   270  C CB  . ARG A 1 29  ? -9.081  11.888  -5.370  1.00 20.69 ? 1007 ARG A CB  1 
ATOM   271  C CG  . ARG A 1 29  ? -10.300 11.413  -6.115  1.00 25.23 ? 1007 ARG A CG  1 
ATOM   272  C CD  . ARG A 1 29  ? -11.229 12.581  -6.423  1.00 39.37 ? 1007 ARG A CD  1 
ATOM   273  N NE  . ARG A 1 29  ? -12.469 12.090  -7.027  1.00 52.63 ? 1007 ARG A NE  1 
ATOM   274  C CZ  . ARG A 1 29  ? -12.592 11.585  -8.265  1.00 71.64 ? 1007 ARG A CZ  1 
ATOM   275  N NH1 . ARG A 1 29  ? -13.776 11.183  -8.701  1.00 77.07 ? 1007 ARG A NH1 1 
ATOM   276  N NH2 . ARG A 1 29  ? -11.542 11.462  -9.066  1.00 79.38 ? 1007 ARG A NH2 1 
ATOM   277  N N   . VAL A 1 30  ? -6.561  10.583  -6.834  1.00 15.19 ? 1008 VAL A N   1 
ATOM   278  C CA  . VAL A 1 30  ? -6.008  10.039  -8.111  1.00 16.59 ? 1008 VAL A CA  1 
ATOM   279  C C   . VAL A 1 30  ? -5.427  8.622   -7.896  1.00 17.05 ? 1008 VAL A C   1 
ATOM   280  O O   . VAL A 1 30  ? -5.223  7.921   -8.891  1.00 18.77 ? 1008 VAL A O   1 
ATOM   281  C CB  . VAL A 1 30  ? -4.948  11.017  -8.663  1.00 19.43 ? 1008 VAL A CB  1 
ATOM   282  C CG1 . VAL A 1 30  ? -3.704  11.151  -7.797  1.00 19.78 ? 1008 VAL A CG1 1 
ATOM   283  C CG2 . VAL A 1 30  ? -4.573  10.772  -10.099 1.00 24.36 ? 1008 VAL A CG2 1 
ATOM   284  N N   . PHE A 1 31  ? -5.154  8.240   -6.641  1.00 14.84 ? 1009 PHE A N   1 
ATOM   285  C CA  . PHE A 1 31  ? -4.538  6.933   -6.319  1.00 13.97 ? 1009 PHE A CA  1 
ATOM   286  C C   . PHE A 1 31  ? -5.619  5.931   -5.857  1.00 14.59 ? 1009 PHE A C   1 
ATOM   287  O O   . PHE A 1 31  ? -5.219  4.809   -5.467  1.00 14.44 ? 1009 PHE A O   1 
ATOM   288  C CB  . PHE A 1 31  ? -3.422  7.069   -5.285  1.00 13.14 ? 1009 PHE A CB  1 
ATOM   289  C CG  . PHE A 1 31  ? -2.365  8.093   -5.628  1.00 12.75 ? 1009 PHE A CG  1 
ATOM   290  C CD1 . PHE A 1 31  ? -1.550  7.932   -6.733  1.00 13.81 ? 1009 PHE A CD1 1 
ATOM   291  C CD2 . PHE A 1 31  ? -2.142  9.199   -4.820  1.00 15.11 ? 1009 PHE A CD2 1 
ATOM   292  C CE1 . PHE A 1 31  ? -0.620  8.899   -7.106  1.00 13.78 ? 1009 PHE A CE1 1 
ATOM   293  C CE2 . PHE A 1 31  ? -1.203  10.182  -5.166  1.00 16.78 ? 1009 PHE A CE2 1 
ATOM   294  C CZ  . PHE A 1 31  ? -0.450  10.047  -6.324  1.00 15.59 ? 1009 PHE A CZ  1 
ATOM   295  N N   . THR A 1 32  ? -6.910  6.267   -5.850  1.00 14.59 ? 1010 THR A N   1 
ATOM   296  C CA  . THR A 1 32  ? -7.987  5.409   -5.256  1.00 15.90 ? 1010 THR A CA  1 
ATOM   297  C C   . THR A 1 32  ? -8.502  4.311   -6.191  1.00 18.59 ? 1010 THR A C   1 
ATOM   298  O O   . THR A 1 32  ? -8.999  3.335   -5.636  1.00 20.62 ? 1010 THR A O   1 
ATOM   299  C CB  . THR A 1 32  ? -9.151  6.215   -4.698  1.00 16.87 ? 1010 THR A CB  1 
ATOM   300  O OG1 . THR A 1 32  ? -9.803  6.965   -5.731  1.00 17.11 ? 1010 THR A OG1 1 
ATOM   301  C CG2 . THR A 1 32  ? -8.699  7.129   -3.586  1.00 16.70 ? 1010 THR A CG2 1 
ATOM   302  N N   . LYS A 1 33  ? -8.300  4.419   -7.496  1.00 17.01 ? 1011 LYS A N   1 
ATOM   303  C CA  . LYS A 1 33  ? -8.793  3.413   -8.472  1.00 18.05 ? 1011 LYS A CA  1 
ATOM   304  C C   . LYS A 1 33  ? -7.709  3.239   -9.527  1.00 16.76 ? 1011 LYS A C   1 
ATOM   305  O O   . LYS A 1 33  ? -6.863  4.122   -9.741  1.00 16.97 ? 1011 LYS A O   1 
ATOM   306  C CB  . LYS A 1 33  ? -10.091 3.921   -9.129  1.00 23.50 ? 1011 LYS A CB  1 
ATOM   307  C CG  . LYS A 1 33  ? -11.250 4.162   -8.164  1.00 29.83 ? 1011 LYS A CG  1 
ATOM   308  C CD  . LYS A 1 33  ? -12.584 4.454   -8.853  1.00 44.54 ? 1011 LYS A CD  1 
ATOM   309  C CE  . LYS A 1 33  ? -12.526 5.559   -9.892  1.00 53.14 ? 1011 LYS A CE  1 
ATOM   310  N NZ  . LYS A 1 33  ? -13.884 5.895   -10.401 1.00 64.24 ? 1011 LYS A NZ  1 
ATOM   311  N N   . PRO A 1 34  ? -7.740  2.117   -10.276 1.00 18.78 ? 1012 PRO A N   1 
ATOM   312  C CA  . PRO A 1 34  ? -6.745  1.921   -11.322 1.00 20.12 ? 1012 PRO A CA  1 
ATOM   313  C C   . PRO A 1 34  ? -6.849  3.029   -12.383 1.00 22.78 ? 1012 PRO A C   1 
ATOM   314  O O   . PRO A 1 34  ? -7.932  3.543   -12.631 1.00 23.16 ? 1012 PRO A O   1 
ATOM   315  C CB  . PRO A 1 34  ? -7.071  0.563   -11.954 1.00 20.24 ? 1012 PRO A CB  1 
ATOM   316  C CG  . PRO A 1 34  ? -7.952  -0.133  -10.936 1.00 21.78 ? 1012 PRO A CG  1 
ATOM   317  C CD  . PRO A 1 34  ? -8.633  0.963   -10.105 1.00 20.18 ? 1012 PRO A CD  1 
ATOM   318  N N   . VAL A 1 35  ? -5.717  3.376   -13.000 0.78 23.50 ? 1013 VAL A N   1 
ATOM   319  C CA  . VAL A 1 35  ? -5.668  4.315   -14.161 0.78 25.65 ? 1013 VAL A CA  1 
ATOM   320  C C   . VAL A 1 35  ? -6.467  3.661   -15.296 0.78 28.13 ? 1013 VAL A C   1 
ATOM   321  O O   . VAL A 1 35  ? -6.167  2.491   -15.616 0.78 29.40 ? 1013 VAL A O   1 
ATOM   322  C CB  . VAL A 1 35  ? -4.223  4.653   -14.583 0.78 25.17 ? 1013 VAL A CB  1 
ATOM   323  C CG1 . VAL A 1 35  ? -4.201  5.495   -15.856 0.78 27.30 ? 1013 VAL A CG1 1 
ATOM   324  C CG2 . VAL A 1 35  ? -3.457  5.363   -13.478 0.78 26.43 ? 1013 VAL A CG2 1 
ATOM   325  N N   . ASP A 1 36  ? -7.434  4.383   -15.875 1.00 29.18 ? 1014 ASP A N   1 
ATOM   326  C CA  . ASP A 1 36  ? -8.381  3.827   -16.887 1.00 34.04 ? 1014 ASP A CA  1 
ATOM   327  C C   . ASP A 1 36  ? -7.669  3.508   -18.202 1.00 37.82 ? 1014 ASP A C   1 
ATOM   328  O O   . ASP A 1 36  ? -7.137  4.403   -18.850 1.00 37.33 ? 1014 ASP A O   1 
ATOM   329  C CB  . ASP A 1 36  ? -9.540  4.791   -17.116 1.00 41.50 ? 1014 ASP A CB  1 
ATOM   330  C CG  . ASP A 1 36  ? -10.707 4.145   -17.847 1.00 51.58 ? 1014 ASP A CG  1 
ATOM   331  O OD1 . ASP A 1 36  ? -10.470 3.265   -18.714 1.00 51.33 ? 1014 ASP A OD1 1 
ATOM   332  O OD2 . ASP A 1 36  ? -11.836 4.493   -17.509 1.00 61.22 ? 1014 ASP A OD2 1 
ATOM   333  N N   . PRO A 1 37  ? -7.608  2.231   -18.644 1.00 40.94 ? 1015 PRO A N   1 
ATOM   334  C CA  . PRO A 1 37  ? -6.817  1.895   -19.825 1.00 46.84 ? 1015 PRO A CA  1 
ATOM   335  C C   . PRO A 1 37  ? -7.465  2.431   -21.113 1.00 50.55 ? 1015 PRO A C   1 
ATOM   336  O O   . PRO A 1 37  ? -6.768  2.618   -22.092 1.00 54.57 ? 1015 PRO A O   1 
ATOM   337  C CB  . PRO A 1 37  ? -6.724  0.361   -19.783 1.00 46.81 ? 1015 PRO A CB  1 
ATOM   338  C CG  . PRO A 1 37  ? -7.960  -0.076  -19.015 1.00 48.16 ? 1015 PRO A CG  1 
ATOM   339  C CD  . PRO A 1 37  ? -8.281  1.061   -18.059 1.00 44.97 ? 1015 PRO A CD  1 
ATOM   340  N N   . ASP A 1 38  ? -8.758  2.748   -21.067 1.00 52.61 ? 1016 ASP A N   1 
ATOM   341  C CA  . ASP A 1 38  ? -9.468  3.369   -22.218 1.00 56.00 ? 1016 ASP A CA  1 
ATOM   342  C C   . ASP A 1 38  ? -8.979  4.810   -22.392 1.00 53.74 ? 1016 ASP A C   1 
ATOM   343  O O   . ASP A 1 38  ? -8.580  5.189   -23.516 1.00 57.55 ? 1016 ASP A O   1 
ATOM   344  C CB  . ASP A 1 38  ? -10.986 3.255   -22.074 1.00 58.98 ? 1016 ASP A CB  1 
ATOM   345  C CG  . ASP A 1 38  ? -11.452 1.814   -22.150 1.00 63.36 ? 1016 ASP A CG  1 
ATOM   346  O OD1 . ASP A 1 38  ? -10.861 1.044   -22.936 1.00 60.99 ? 1016 ASP A OD1 1 
ATOM   347  O OD2 . ASP A 1 38  ? -12.367 1.459   -21.390 1.00 71.45 ? 1016 ASP A OD2 1 
ATOM   348  N N   . GLU A 1 39  ? -8.984  5.592   -21.310 0.78 52.37 ? 1017 GLU A N   1 
ATOM   349  C CA  . GLU A 1 39  ? -8.618  7.035   -21.332 0.78 50.74 ? 1017 GLU A CA  1 
ATOM   350  C C   . GLU A 1 39  ? -7.096  7.216   -21.406 0.78 47.83 ? 1017 GLU A C   1 
ATOM   351  O O   . GLU A 1 39  ? -6.663  8.292   -21.870 0.78 46.08 ? 1017 GLU A O   1 
ATOM   352  C CB  . GLU A 1 39  ? -9.202  7.747   -20.111 0.78 54.94 ? 1017 GLU A CB  1 
ATOM   353  C CG  . GLU A 1 39  ? -10.719 7.808   -20.125 0.78 59.76 ? 1017 GLU A CG  1 
ATOM   354  C CD  . GLU A 1 39  ? -11.311 8.971   -19.347 0.78 63.34 ? 1017 GLU A CD  1 
ATOM   355  O OE1 . GLU A 1 39  ? -12.232 8.731   -18.538 0.78 68.00 ? 1017 GLU A OE1 1 
ATOM   356  O OE2 . GLU A 1 39  ? -10.853 10.114  -19.552 0.78 65.65 ? 1017 GLU A OE2 1 
ATOM   357  N N   . VAL A 1 40  ? -6.306  6.236   -20.946 1.00 42.05 ? 1018 VAL A N   1 
ATOM   358  C CA  . VAL A 1 40  ? -4.812  6.345   -20.986 1.00 38.71 ? 1018 VAL A CA  1 
ATOM   359  C C   . VAL A 1 40  ? -4.210  5.062   -21.542 1.00 41.43 ? 1018 VAL A C   1 
ATOM   360  O O   . VAL A 1 40  ? -3.675  4.256   -20.793 1.00 29.58 ? 1018 VAL A O   1 
ATOM   361  C CB  . VAL A 1 40  ? -4.247  6.678   -19.585 1.00 38.28 ? 1018 VAL A CB  1 
ATOM   362  C CG1 . VAL A 1 40  ? -2.801  7.124   -19.663 1.00 36.17 ? 1018 VAL A CG1 1 
ATOM   363  C CG2 . VAL A 1 40  ? -5.078  7.718   -18.834 1.00 37.86 ? 1018 VAL A CG2 1 
ATOM   364  N N   . PRO A 1 41  ? -4.266  4.817   -22.875 1.00 45.72 ? 1019 PRO A N   1 
ATOM   365  C CA  . PRO A 1 41  ? -3.884  3.515   -23.433 1.00 40.85 ? 1019 PRO A CA  1 
ATOM   366  C C   . PRO A 1 41  ? -2.381  3.210   -23.368 1.00 35.27 ? 1019 PRO A C   1 
ATOM   367  O O   . PRO A 1 41  ? -1.963  2.053   -23.378 1.00 38.33 ? 1019 PRO A O   1 
ATOM   368  C CB  . PRO A 1 41  ? -4.365  3.609   -24.895 1.00 48.93 ? 1019 PRO A CB  1 
ATOM   369  C CG  . PRO A 1 41  ? -4.296  5.098   -25.201 1.00 50.55 ? 1019 PRO A CG  1 
ATOM   370  C CD  . PRO A 1 41  ? -4.707  5.777   -23.906 1.00 52.66 ? 1019 PRO A CD  1 
ATOM   371  N N   . ASP A 1 42  ? -1.559  4.233   -23.245 1.00 31.52 ? 1020 ASP A N   1 
ATOM   372  C CA  . ASP A 1 42  ? -0.097  4.066   -23.143 1.00 32.52 ? 1020 ASP A CA  1 
ATOM   373  C C   . ASP A 1 42  ? 0.295   3.672   -21.687 1.00 25.28 ? 1020 ASP A C   1 
ATOM   374  O O   . ASP A 1 42  ? 1.437   3.233   -21.479 1.00 27.65 ? 1020 ASP A O   1 
ATOM   375  C CB  . ASP A 1 42  ? 0.492   5.345   -23.743 1.00 39.12 ? 1020 ASP A CB  1 
ATOM   376  C CG  . ASP A 1 42  ? 1.656   5.943   -23.013 1.00 45.72 ? 1020 ASP A CG  1 
ATOM   377  O OD1 . ASP A 1 42  ? 2.791   5.638   -23.400 1.00 63.65 ? 1020 ASP A OD1 1 
ATOM   378  O OD2 . ASP A 1 42  ? 1.410   6.740   -22.104 1.00 49.98 ? 1020 ASP A OD2 1 
ATOM   379  N N   . TYR A 1 43  ? -0.617  3.768   -20.714 1.00 26.67 ? 1021 TYR A N   1 
ATOM   380  C CA  . TYR A 1 43  ? -0.222  3.607   -19.273 1.00 23.41 ? 1021 TYR A CA  1 
ATOM   381  C C   . TYR A 1 43  ? 0.393   2.218   -19.061 1.00 21.42 ? 1021 TYR A C   1 
ATOM   382  O O   . TYR A 1 43  ? 1.487   2.124   -18.500 1.00 21.32 ? 1021 TYR A O   1 
ATOM   383  C CB  . TYR A 1 43  ? -1.383  3.890   -18.301 1.00 21.66 ? 1021 TYR A CB  1 
ATOM   384  C CG  . TYR A 1 43  ? -0.944  3.921   -16.836 1.00 19.63 ? 1021 TYR A CG  1 
ATOM   385  C CD1 . TYR A 1 43  ? -0.261  5.011   -16.315 1.00 18.39 ? 1021 TYR A CD1 1 
ATOM   386  C CD2 . TYR A 1 43  ? -1.128  2.809   -16.015 1.00 19.32 ? 1021 TYR A CD2 1 
ATOM   387  C CE1 . TYR A 1 43  ? 0.201   5.030   -14.996 1.00 18.76 ? 1021 TYR A CE1 1 
ATOM   388  C CE2 . TYR A 1 43  ? -0.654  2.807   -14.698 1.00 18.80 ? 1021 TYR A CE2 1 
ATOM   389  C CZ  . TYR A 1 43  ? 0.008   3.912   -14.203 1.00 18.44 ? 1021 TYR A CZ  1 
ATOM   390  O OH  . TYR A 1 43  ? 0.472   3.922   -12.914 1.00 17.97 ? 1021 TYR A OH  1 
ATOM   391  N N   . ARG A 1 44  ? -0.294  1.180   -19.499 1.00 24.46 ? 1022 ARG A N   1 
ATOM   392  C CA  . ARG A 1 44  ? 0.133   -0.224  -19.261 1.00 25.18 ? 1022 ARG A CA  1 
ATOM   393  C C   . ARG A 1 44  ? 1.282   -0.657  -20.186 1.00 29.20 ? 1022 ARG A C   1 
ATOM   394  O O   . ARG A 1 44  ? 1.881   -1.696  -19.870 1.00 32.29 ? 1022 ARG A O   1 
ATOM   395  C CB  . ARG A 1 44  ? -1.096  -1.124  -19.265 1.00 26.84 ? 1022 ARG A CB  1 
ATOM   396  C CG  . ARG A 1 44  ? -1.919  -0.982  -17.993 1.00 30.15 ? 1022 ARG A CG  1 
ATOM   397  C CD  . ARG A 1 44  ? -3.282  -1.644  -18.037 1.00 36.21 ? 1022 ARG A CD  1 
ATOM   398  N NE  . ARG A 1 44  ? -3.927  -1.415  -16.751 1.00 38.08 ? 1022 ARG A NE  1 
ATOM   399  C CZ  . ARG A 1 44  ? -4.457  -0.253  -16.352 1.00 50.34 ? 1022 ARG A CZ  1 
ATOM   400  N NH1 . ARG A 1 44  ? -4.503  0.792   -17.177 1.00 40.91 ? 1022 ARG A NH1 1 
ATOM   401  N NH2 . ARG A 1 44  ? -4.968  -0.155  -15.128 1.00 50.13 ? 1022 ARG A NH2 1 
ATOM   402  N N   . THR A 1 45  ? 1.701   0.142   -21.161 1.00 30.47 ? 1023 THR A N   1 
ATOM   403  C CA  . THR A 1 45  ? 2.968   -0.128  -21.886 1.00 34.85 ? 1023 THR A CA  1 
ATOM   404  C C   . THR A 1 45  ? 4.153   0.369   -21.069 1.00 34.19 ? 1023 THR A C   1 
ATOM   405  O O   . THR A 1 45  ? 5.178   -0.324  -21.050 1.00 34.19 ? 1023 THR A O   1 
ATOM   406  C CB  . THR A 1 45  ? 2.874   0.359   -23.335 1.00 38.47 ? 1023 THR A CB  1 
ATOM   407  O OG1 . THR A 1 45  ? 2.900   1.786   -23.459 1.00 43.53 ? 1023 THR A OG1 1 
ATOM   408  C CG2 . THR A 1 45  ? 1.608   -0.177  -23.946 1.00 37.85 ? 1023 THR A CG2 1 
ATOM   409  N N   . VAL A 1 46  ? 4.015   1.481   -20.344 1.00 23.88 ? 1024 VAL A N   1 
ATOM   410  C CA  . VAL A 1 46  ? 5.124   2.047   -19.561 1.00 21.52 ? 1024 VAL A CA  1 
ATOM   411  C C   . VAL A 1 46  ? 5.191   1.336   -18.193 1.00 20.57 ? 1024 VAL A C   1 
ATOM   412  O O   . VAL A 1 46  ? 6.317   1.071   -17.703 1.00 21.73 ? 1024 VAL A O   1 
ATOM   413  C CB  . VAL A 1 46  ? 4.938   3.573   -19.400 1.00 23.05 ? 1024 VAL A CB  1 
ATOM   414  C CG1 . VAL A 1 46  ? 6.024   4.197   -18.544 1.00 24.15 ? 1024 VAL A CG1 1 
ATOM   415  C CG2 . VAL A 1 46  ? 4.836   4.259   -20.777 1.00 28.71 ? 1024 VAL A CG2 1 
ATOM   416  N N   . ILE A 1 47  ? 4.034   1.248   -17.519 1.00 19.27 ? 1025 ILE A N   1 
ATOM   417  C CA  . ILE A 1 47  ? 3.948   0.773   -16.119 1.00 17.04 ? 1025 ILE A CA  1 
ATOM   418  C C   . ILE A 1 47  ? 3.588   -0.744  -16.132 1.00 15.06 ? 1025 ILE A C   1 
ATOM   419  O O   . ILE A 1 47  ? 2.487   -1.120  -16.459 1.00 18.03 ? 1025 ILE A O   1 
ATOM   420  C CB  . ILE A 1 47  ? 2.985   1.661   -15.297 1.00 16.33 ? 1025 ILE A CB  1 
ATOM   421  C CG1 . ILE A 1 47  ? 3.469   3.120   -15.246 1.00 15.75 ? 1025 ILE A CG1 1 
ATOM   422  C CG2 . ILE A 1 47  ? 2.801   1.079   -13.897 1.00 15.39 ? 1025 ILE A CG2 1 
ATOM   423  C CD1 . ILE A 1 47  ? 4.778   3.319   -14.622 1.00 17.22 ? 1025 ILE A CD1 1 
ATOM   424  N N   . LYS A 1 48  ? 4.555   -1.502  -15.715 1.00 17.37 ? 1026 LYS A N   1 
ATOM   425  C CA  . LYS A 1 48  ? 4.476   -2.988  -15.819 1.00 17.70 ? 1026 LYS A CA  1 
ATOM   426  C C   . LYS A 1 48  ? 3.694   -3.592  -14.653 1.00 18.54 ? 1026 LYS A C   1 
ATOM   427  O O   . LYS A 1 48  ? 3.092   -4.660  -14.886 1.00 18.98 ? 1026 LYS A O   1 
ATOM   428  C CB  . LYS A 1 48  ? 5.875   -3.570  -15.851 1.00 20.21 ? 1026 LYS A CB  1 
ATOM   429  C CG  . LYS A 1 48  ? 6.716   -3.156  -17.064 1.00 23.00 ? 1026 LYS A CG  1 
ATOM   430  C CD  . LYS A 1 48  ? 6.029   -3.335  -18.367 1.00 26.25 ? 1026 LYS A CD  1 
ATOM   431  C CE  . LYS A 1 48  ? 6.842   -2.864  -19.572 1.00 27.85 ? 1026 LYS A CE  1 
ATOM   432  N NZ  . LYS A 1 48  ? 6.034   -3.015  -20.805 1.00 29.39 ? 1026 LYS A NZ  1 
ATOM   433  N N   . GLU A 1 49  ? 3.614   -2.943  -13.480 1.00 16.36 ? 1027 GLU A N   1 
ATOM   434  C CA  . GLU A 1 49  ? 2.817   -3.492  -12.339 1.00 15.54 ? 1027 GLU A CA  1 
ATOM   435  C C   . GLU A 1 49  ? 1.968   -2.340  -11.749 1.00 14.13 ? 1027 GLU A C   1 
ATOM   436  O O   . GLU A 1 49  ? 2.383   -1.731  -10.744 1.00 14.67 ? 1027 GLU A O   1 
ATOM   437  C CB  . GLU A 1 49  ? 3.689   -4.139  -11.280 1.00 15.55 ? 1027 GLU A CB  1 
ATOM   438  C CG  . GLU A 1 49  ? 2.864   -4.995  -10.323 1.00 16.27 ? 1027 GLU A CG  1 
ATOM   439  C CD  . GLU A 1 49  ? 3.551   -5.860  -9.274  1.00 17.52 ? 1027 GLU A CD  1 
ATOM   440  O OE1 . GLU A 1 49  ? 4.776   -5.847  -9.229  1.00 20.42 ? 1027 GLU A OE1 1 
ATOM   441  O OE2 . GLU A 1 49  ? 2.765   -6.572  -8.505  1.00 20.03 ? 1027 GLU A OE2 1 
ATOM   442  N N   . PRO A 1 50  ? 0.833   -2.019  -12.374 1.00 13.55 ? 1028 PRO A N   1 
ATOM   443  C CA  . PRO A 1 50  ? -0.068  -1.000  -11.836 1.00 14.39 ? 1028 PRO A CA  1 
ATOM   444  C C   . PRO A 1 50  ? -0.507  -1.335  -10.402 1.00 14.61 ? 1028 PRO A C   1 
ATOM   445  O O   . PRO A 1 50  ? -0.653  -2.540  -10.027 1.00 15.15 ? 1028 PRO A O   1 
ATOM   446  C CB  . PRO A 1 50  ? -1.248  -1.003  -12.783 1.00 16.51 ? 1028 PRO A CB  1 
ATOM   447  C CG  . PRO A 1 50  ? -0.754  -1.593  -14.084 1.00 18.52 ? 1028 PRO A CG  1 
ATOM   448  C CD  . PRO A 1 50  ? 0.301   -2.573  -13.645 1.00 16.15 ? 1028 PRO A CD  1 
ATOM   449  N N   . MET A 1 51  ? -0.707  -0.289  -9.572  1.00 13.35 ? 1029 MET A N   1 
ATOM   450  C CA  . MET A 1 51  ? -1.214  -0.521  -8.185  1.00 12.76 ? 1029 MET A CA  1 
ATOM   451  C C   . MET A 1 51  ? -1.999  0.726   -7.737  1.00 12.26 ? 1029 MET A C   1 
ATOM   452  O O   . MET A 1 51  ? -1.670  1.833   -8.209  1.00 13.14 ? 1029 MET A O   1 
ATOM   453  C CB  . MET A 1 51  ? -0.064  -0.826  -7.234  1.00 13.35 ? 1029 MET A CB  1 
ATOM   454  C CG  . MET A 1 51  ? -0.427  -1.292  -5.822  1.00 12.99 ? 1029 MET A CG  1 
ATOM   455  S SD  . MET A 1 51  ? -1.542  -2.695  -5.718  1.00 15.76 ? 1029 MET A SD  1 
ATOM   456  C CE  . MET A 1 51  ? -0.592  -3.975  -6.569  1.00 17.36 ? 1029 MET A CE  1 
ATOM   457  N N   . ASP A 1 52  ? -3.013  0.534   -6.895  1.00 12.87 ? 1030 ASP A N   1 
ATOM   458  C CA  . ASP A 1 52  ? -3.898  1.643   -6.429  1.00 12.07 ? 1030 ASP A CA  1 
ATOM   459  C C   . ASP A 1 52  ? -4.524  1.208   -5.104  1.00 12.08 ? 1030 ASP A C   1 
ATOM   460  O O   . ASP A 1 52  ? -4.433  -0.007  -4.727  1.00 13.02 ? 1030 ASP A O   1 
ATOM   461  C CB  . ASP A 1 52  ? -4.995  1.938   -7.463  1.00 13.61 ? 1030 ASP A CB  1 
ATOM   462  C CG  . ASP A 1 52  ? -5.950  0.750   -7.589  1.00 17.47 ? 1030 ASP A CG  1 
ATOM   463  O OD1 . ASP A 1 52  ? -5.597  -0.233  -8.330  1.00 20.69 ? 1030 ASP A OD1 1 
ATOM   464  O OD2 . ASP A 1 52  ? -6.953  0.760   -6.871  1.00 20.57 ? 1030 ASP A OD2 1 
ATOM   465  N N   . LEU A 1 53  ? -5.160  2.130   -4.380  1.00 12.83 ? 1031 LEU A N   1 
ATOM   466  C CA  . LEU A 1 53  ? -5.683  1.830   -3.019  1.00 12.79 ? 1031 LEU A CA  1 
ATOM   467  C C   . LEU A 1 53  ? -6.873  0.835   -3.017  1.00 13.63 ? 1031 LEU A C   1 
ATOM   468  O O   . LEU A 1 53  ? -7.020  0.077   -2.036  1.00 13.80 ? 1031 LEU A O   1 
ATOM   469  C CB  . LEU A 1 53  ? -5.977  3.142   -2.257  1.00 12.67 ? 1031 LEU A CB  1 
ATOM   470  C CG  . LEU A 1 53  ? -4.783  4.065   -2.025  1.00 12.82 ? 1031 LEU A CG  1 
ATOM   471  C CD1 . LEU A 1 53  ? -5.261  5.405   -1.462  1.00 15.27 ? 1031 LEU A CD1 1 
ATOM   472  C CD2 . LEU A 1 53  ? -3.739  3.464   -1.099  1.00 13.22 ? 1031 LEU A CD2 1 
ATOM   473  N N   A SER A 1 54  ? -7.708  0.811   -4.061  0.18 14.41 ? 1032 SER A N   1 
ATOM   474  N N   B SER A 1 54  ? -7.694  0.807   -4.076  0.10 13.89 ? 1032 SER A N   1 
ATOM   475  N N   C SER A 1 54  ? -7.707  0.811   -4.068  0.22 14.12 ? 1032 SER A N   1 
ATOM   476  C CA  A SER A 1 54  ? -8.807  -0.188  -4.175  0.18 15.04 ? 1032 SER A CA  1 
ATOM   477  C CA  B SER A 1 54  ? -8.813  -0.168  -4.218  0.10 14.17 ? 1032 SER A CA  1 
ATOM   478  C CA  C SER A 1 54  ? -8.809  -0.186  -4.189  0.22 14.58 ? 1032 SER A CA  1 
ATOM   479  C C   A SER A 1 54  ? -8.213  -1.595  -4.331  0.18 14.65 ? 1032 SER A C   1 
ATOM   480  C C   B SER A 1 54  ? -8.255  -1.589  -4.386  0.10 14.07 ? 1032 SER A C   1 
ATOM   481  C C   C SER A 1 54  ? -8.215  -1.595  -4.338  0.22 14.38 ? 1032 SER A C   1 
ATOM   482  O O   A SER A 1 54  ? -8.723  -2.555  -3.688  0.18 14.88 ? 1032 SER A O   1 
ATOM   483  O O   B SER A 1 54  ? -8.860  -2.545  -3.837  0.10 13.99 ? 1032 SER A O   1 
ATOM   484  O O   C SER A 1 54  ? -8.717  -2.557  -3.689  0.22 14.57 ? 1032 SER A O   1 
ATOM   485  C CB  A SER A 1 54  ? -9.761  0.143   -5.300  0.18 16.64 ? 1032 SER A CB  1 
ATOM   486  C CB  B SER A 1 54  ? -9.740  0.191   -5.359  0.10 14.84 ? 1032 SER A CB  1 
ATOM   487  C CB  C SER A 1 54  ? -9.782  0.147   -5.316  0.22 15.95 ? 1032 SER A CB  1 
ATOM   488  O OG  A SER A 1 54  ? -10.580 1.249   -4.955  0.18 18.18 ? 1032 SER A OG  1 
ATOM   489  O OG  B SER A 1 54  ? -10.880 -0.660  -5.374  0.10 15.23 ? 1032 SER A OG  1 
ATOM   490  O OG  C SER A 1 54  ? -9.214  -0.081  -6.602  0.22 16.56 ? 1032 SER A OG  1 
ATOM   491  N N   . SER A 1 55  ? -7.158  -1.731  -5.137  1.00 13.87 ? 1033 SER A N   1 
ATOM   492  C CA  . SER A 1 55  ? -6.452  -3.032  -5.305  1.00 13.73 ? 1033 SER A CA  1 
ATOM   493  C C   . SER A 1 55  ? -5.843  -3.443  -3.959  1.00 11.96 ? 1033 SER A C   1 
ATOM   494  O O   . SER A 1 55  ? -5.851  -4.644  -3.614  1.00 13.24 ? 1033 SER A O   1 
ATOM   495  C CB  . SER A 1 55  ? -5.435  -3.017  -6.386  1.00 15.07 ? 1033 SER A CB  1 
ATOM   496  O OG  . SER A 1 55  ? -6.108  -2.766  -7.632  1.00 20.48 ? 1033 SER A OG  1 
ATOM   497  N N   . VAL A 1 56  ? -5.247  -2.510  -3.228  1.00 12.09 ? 1034 VAL A N   1 
ATOM   498  C CA  . VAL A 1 56  ? -4.653  -2.810  -1.880  1.00 12.46 ? 1034 VAL A CA  1 
ATOM   499  C C   . VAL A 1 56  ? -5.730  -3.392  -0.931  1.00 12.42 ? 1034 VAL A C   1 
ATOM   500  O O   . VAL A 1 56  ? -5.455  -4.393  -0.249  1.00 12.52 ? 1034 VAL A O   1 
ATOM   501  C CB  . VAL A 1 56  ? -3.891  -1.577  -1.327  1.00 12.37 ? 1034 VAL A CB  1 
ATOM   502  C CG1 . VAL A 1 56  ? -3.487  -1.777  0.139   1.00 13.42 ? 1034 VAL A CG1 1 
ATOM   503  C CG2 . VAL A 1 56  ? -2.644  -1.293  -2.092  1.00 13.16 ? 1034 VAL A CG2 1 
ATOM   504  N N   A ILE A 1 57  ? -6.918  -2.776  -0.872  0.14 12.57 ? 1035 ILE A N   1 
ATOM   505  N N   B ILE A 1 57  ? -6.914  -2.789  -0.818  0.22 12.86 ? 1035 ILE A N   1 
ATOM   506  N N   C ILE A 1 57  ? -6.918  -2.776  -0.872  0.14 12.57 ? 1035 ILE A N   1 
ATOM   507  C CA  A ILE A 1 57  ? -8.063  -3.269  -0.039  0.14 13.03 ? 1035 ILE A CA  1 
ATOM   508  C CA  B ILE A 1 57  ? -7.969  -3.394  0.056   0.22 13.69 ? 1035 ILE A CA  1 
ATOM   509  C CA  C ILE A 1 57  ? -8.063  -3.269  -0.039  0.14 13.03 ? 1035 ILE A CA  1 
ATOM   510  C C   A ILE A 1 57  ? -8.432  -4.702  -0.454  0.14 13.18 ? 1035 ILE A C   1 
ATOM   511  C C   B ILE A 1 57  ? -8.286  -4.808  -0.452  0.22 13.32 ? 1035 ILE A C   1 
ATOM   512  C C   C ILE A 1 57  ? -8.432  -4.702  -0.454  0.14 13.18 ? 1035 ILE A C   1 
ATOM   513  O O   A ILE A 1 57  ? -8.682  -5.535  0.440   0.14 12.93 ? 1035 ILE A O   1 
ATOM   514  O O   B ILE A 1 57  ? -8.286  -5.766  0.368   0.22 12.61 ? 1035 ILE A O   1 
ATOM   515  O O   C ILE A 1 57  ? -8.682  -5.535  0.440   0.14 12.93 ? 1035 ILE A O   1 
ATOM   516  C CB  A ILE A 1 57  ? -9.280  -2.332  -0.146  0.14 13.96 ? 1035 ILE A CB  1 
ATOM   517  C CB  B ILE A 1 57  ? -9.226  -2.519  0.147   0.22 15.89 ? 1035 ILE A CB  1 
ATOM   518  C CB  C ILE A 1 57  ? -9.280  -2.332  -0.146  0.14 13.96 ? 1035 ILE A CB  1 
ATOM   519  C CG1 A ILE A 1 57  ? -9.051  -1.039  0.640   0.14 14.46 ? 1035 ILE A CG1 1 
ATOM   520  C CG1 B ILE A 1 57  ? -8.864  -1.161  0.747   0.22 17.88 ? 1035 ILE A CG1 1 
ATOM   521  C CG1 C ILE A 1 57  ? -9.051  -1.039  0.640   0.14 14.46 ? 1035 ILE A CG1 1 
ATOM   522  C CG2 A ILE A 1 57  ? -10.547 -3.050  0.295   0.14 14.60 ? 1035 ILE A CG2 1 
ATOM   523  C CG2 B ILE A 1 57  ? -10.318 -3.239  0.935   0.22 16.57 ? 1035 ILE A CG2 1 
ATOM   524  C CG2 C ILE A 1 57  ? -10.547 -3.050  0.295   0.14 14.60 ? 1035 ILE A CG2 1 
ATOM   525  C CD1 A ILE A 1 57  ? -8.878  -1.240  2.133   0.14 14.77 ? 1035 ILE A CD1 1 
ATOM   526  C CD1 B ILE A 1 57  ? -9.902  -0.100  0.526   0.22 20.23 ? 1035 ILE A CD1 1 
ATOM   527  C CD1 C ILE A 1 57  ? -8.878  -1.240  2.133   0.14 14.77 ? 1035 ILE A CD1 1 
ATOM   528  N N   . SER A 1 58  ? -8.501  -4.968  -1.764  1.00 13.24 ? 1036 SER A N   1 
ATOM   529  C CA  . SER A 1 58  ? -8.801  -6.330  -2.280  1.00 13.90 ? 1036 SER A CA  1 
ATOM   530  C C   . SER A 1 58  ? -7.703  -7.304  -1.825  1.00 13.30 ? 1036 SER A C   1 
ATOM   531  O O   . SER A 1 58  ? -8.003  -8.468  -1.401  1.00 14.30 ? 1036 SER A O   1 
ATOM   532  C CB  . SER A 1 58  ? -8.923  -6.368  -3.802  1.00 14.90 ? 1036 SER A CB  1 
ATOM   533  O OG  . SER A 1 58  ? -10.078 -5.653  -4.198  1.00 19.08 ? 1036 SER A OG  1 
ATOM   534  N N   . LYS A 1 59  ? -6.421  -6.937  -1.899  1.00 12.06 ? 1037 LYS A N   1 
ATOM   535  C CA  . LYS A 1 59  ? -5.293  -7.809  -1.515  1.00 12.11 ? 1037 LYS A CA  1 
ATOM   536  C C   . LYS A 1 59  ? -5.325  -8.107  0.005   1.00 12.79 ? 1037 LYS A C   1 
ATOM   537  O O   . LYS A 1 59  ? -4.985  -9.235  0.421   1.00 12.86 ? 1037 LYS A O   1 
ATOM   538  C CB  . LYS A 1 59  ? -3.970  -7.201  -1.994  1.00 11.90 ? 1037 LYS A CB  1 
ATOM   539  C CG  . LYS A 1 59  ? -3.768  -7.249  -3.520  1.00 12.60 ? 1037 LYS A CG  1 
ATOM   540  C CD  . LYS A 1 59  ? -2.389  -6.793  -3.979  1.00 13.10 ? 1037 LYS A CD  1 
ATOM   541  C CE  . LYS A 1 59  ? -1.245  -7.659  -3.498  1.00 14.76 ? 1037 LYS A CE  1 
ATOM   542  N NZ  . LYS A 1 59  ? 0.073   -7.374  -4.128  1.00 16.69 ? 1037 LYS A NZ  1 
ATOM   543  N N   . ILE A 1 60  ? -5.671  -7.129  0.837   1.00 12.86 ? 1038 ILE A N   1 
ATOM   544  C CA  . ILE A 1 60  ? -5.776  -7.378  2.308   1.00 13.12 ? 1038 ILE A CA  1 
ATOM   545  C C   . ILE A 1 60  ? -6.782  -8.512  2.509   1.00 12.61 ? 1038 ILE A C   1 
ATOM   546  O O   . ILE A 1 60  ? -6.507  -9.483  3.252   1.00 13.50 ? 1038 ILE A O   1 
ATOM   547  C CB  . ILE A 1 60  ? -6.200  -6.107  3.087   1.00 12.95 ? 1038 ILE A CB  1 
ATOM   548  C CG1 . ILE A 1 60  ? -5.126  -5.011  3.042   1.00 13.66 ? 1038 ILE A CG1 1 
ATOM   549  C CG2 . ILE A 1 60  ? -6.499  -6.523  4.552   1.00 13.88 ? 1038 ILE A CG2 1 
ATOM   550  C CD1 . ILE A 1 60  ? -5.619  -3.631  3.483   1.00 13.97 ? 1038 ILE A CD1 1 
ATOM   551  N N   . ASP A 1 61  ? -7.933  -8.438  1.865   1.00 12.35 ? 1039 ASP A N   1 
ATOM   552  C CA  . ASP A 1 61  ? -9.061  -9.377  2.053   1.00 15.20 ? 1039 ASP A CA  1 
ATOM   553  C C   . ASP A 1 61  ? -8.717  -10.751 1.447   1.00 16.39 ? 1039 ASP A C   1 
ATOM   554  O O   . ASP A 1 61  ? -9.325  -11.753 1.910   1.00 19.65 ? 1039 ASP A O   1 
ATOM   555  C CB  . ASP A 1 61  ? -10.346 -8.794  1.493   1.00 15.91 ? 1039 ASP A CB  1 
ATOM   556  C CG  . ASP A 1 61  ? -10.933 -7.593  2.256   1.00 20.36 ? 1039 ASP A CG  1 
ATOM   557  O OD1 . ASP A 1 61  ? -10.507 -7.364  3.429   1.00 22.62 ? 1039 ASP A OD1 1 
ATOM   558  O OD2 . ASP A 1 61  ? -11.807 -6.848  1.678   1.00 21.31 ? 1039 ASP A OD2 1 
ATOM   559  N N   . LEU A 1 62  ? -7.839  -10.817 0.439   1.00 14.79 ? 1040 LEU A N   1 
ATOM   560  C CA  . LEU A 1 62  ? -7.319  -12.095 -0.130  1.00 14.68 ? 1040 LEU A CA  1 
ATOM   561  C C   . LEU A 1 62  ? -6.201  -12.707 0.698   1.00 15.98 ? 1040 LEU A C   1 
ATOM   562  O O   . LEU A 1 62  ? -5.585  -13.768 0.334   1.00 17.97 ? 1040 LEU A O   1 
ATOM   563  C CB  . LEU A 1 62  ? -6.854  -11.841 -1.567  1.00 13.95 ? 1040 LEU A CB  1 
ATOM   564  C CG  . LEU A 1 62  ? -7.970  -11.640 -2.579  1.00 15.71 ? 1040 LEU A CG  1 
ATOM   565  C CD1 . LEU A 1 62  ? -7.390  -11.061 -3.871  1.00 16.98 ? 1040 LEU A CD1 1 
ATOM   566  C CD2 . LEU A 1 62  ? -8.762  -12.935 -2.872  1.00 18.19 ? 1040 LEU A CD2 1 
ATOM   567  N N   . HIS A 1 63  ? -5.822  -12.095 1.838   1.00 15.16 ? 1041 HIS A N   1 
ATOM   568  C CA  . HIS A 1 63  ? -4.742  -12.571 2.734   1.00 13.91 ? 1041 HIS A CA  1 
ATOM   569  C C   . HIS A 1 63  ? -3.394  -12.562 2.023   1.00 14.02 ? 1041 HIS A C   1 
ATOM   570  O O   . HIS A 1 63  ? -2.470  -13.390 2.292   1.00 17.68 ? 1041 HIS A O   1 
ATOM   571  C CB  . HIS A 1 63  ? -5.071  -13.963 3.371   1.00 16.19 ? 1041 HIS A CB  1 
ATOM   572  C CG  . HIS A 1 63  ? -6.305  -13.997 4.170   1.00 17.49 ? 1041 HIS A CG  1 
ATOM   573  N ND1 . HIS A 1 63  ? -6.593  -15.093 4.975   1.00 24.22 ? 1041 HIS A ND1 1 
ATOM   574  C CD2 . HIS A 1 63  ? -7.354  -13.175 4.262   1.00 17.99 ? 1041 HIS A CD2 1 
ATOM   575  C CE1 . HIS A 1 63  ? -7.774  -14.873 5.516   1.00 18.79 ? 1041 HIS A CE1 1 
ATOM   576  N NE2 . HIS A 1 63  ? -8.292  -13.717 5.160   1.00 21.78 ? 1041 HIS A NE2 1 
ATOM   577  N N   . LYS A 1 64  ? -3.131  -11.562 1.168   1.00 14.79 ? 1042 LYS A N   1 
ATOM   578  C CA  . LYS A 1 64  ? -1.849  -11.410 0.474   1.00 15.22 ? 1042 LYS A CA  1 
ATOM   579  C C   . LYS A 1 64  ? -0.739  -10.828 1.364   1.00 15.31 ? 1042 LYS A C   1 
ATOM   580  O O   . LYS A 1 64  ? 0.424   -10.983 0.993   1.00 16.68 ? 1042 LYS A O   1 
ATOM   581  C CB  . LYS A 1 64  ? -2.020  -10.546 -0.781  1.00 15.32 ? 1042 LYS A CB  1 
ATOM   582  C CG  . LYS A 1 64  ? -2.974  -11.025 -1.855  1.00 18.86 ? 1042 LYS A CG  1 
ATOM   583  C CD  . LYS A 1 64  ? -2.408  -11.963 -2.822  1.00 20.73 ? 1042 LYS A CD  1 
ATOM   584  C CE  . LYS A 1 64  ? -3.333  -12.226 -4.013  1.00 18.92 ? 1042 LYS A CE  1 
ATOM   585  N NZ  . LYS A 1 64  ? -2.593  -13.082 -4.971  1.00 22.73 ? 1042 LYS A NZ  1 
ATOM   586  N N   . TYR A 1 65  ? -1.084  -10.037 2.406   1.00 13.88 ? 1043 TYR A N   1 
ATOM   587  C CA  . TYR A 1 65  ? -0.068  -9.401  3.260   1.00 14.03 ? 1043 TYR A CA  1 
ATOM   588  C C   . TYR A 1 65  ? -0.021  -10.146 4.603   1.00 14.97 ? 1043 TYR A C   1 
ATOM   589  O O   . TYR A 1 65  ? -1.057  -10.246 5.326   1.00 17.65 ? 1043 TYR A O   1 
ATOM   590  C CB  . TYR A 1 65  ? -0.420  -7.924  3.466   1.00 14.34 ? 1043 TYR A CB  1 
ATOM   591  C CG  . TYR A 1 65  ? -0.650  -7.074  2.218   1.00 12.44 ? 1043 TYR A CG  1 
ATOM   592  C CD1 . TYR A 1 65  ? 0.333   -6.916  1.250   1.00 14.01 ? 1043 TYR A CD1 1 
ATOM   593  C CD2 . TYR A 1 65  ? -1.870  -6.461  1.994   1.00 13.03 ? 1043 TYR A CD2 1 
ATOM   594  C CE1 . TYR A 1 65  ? 0.123   -6.116  0.118   1.00 14.28 ? 1043 TYR A CE1 1 
ATOM   595  C CE2 . TYR A 1 65  ? -2.112  -5.675  0.851   1.00 13.00 ? 1043 TYR A CE2 1 
ATOM   596  C CZ  . TYR A 1 65  ? -1.105  -5.514  -0.073  1.00 12.64 ? 1043 TYR A CZ  1 
ATOM   597  O OH  . TYR A 1 65  ? -1.367  -4.754  -1.191  1.00 13.63 ? 1043 TYR A OH  1 
ATOM   598  N N   A LEU A 1 66  ? 1.158   -10.681 4.930   0.14 15.45 ? 1044 LEU A N   1 
ATOM   599  N N   B LEU A 1 66  ? 1.161   -10.680 4.944   0.23 15.02 ? 1044 LEU A N   1 
ATOM   600  N N   C LEU A 1 66  ? 1.158   -10.681 4.930   0.14 15.45 ? 1044 LEU A N   1 
ATOM   601  C CA  A LEU A 1 66  ? 1.429   -11.348 6.232   0.14 15.87 ? 1044 LEU A CA  1 
ATOM   602  C CA  B LEU A 1 66  ? 1.443   -11.341 6.258   0.23 15.34 ? 1044 LEU A CA  1 
ATOM   603  C CA  C LEU A 1 66  ? 1.429   -11.348 6.232   0.14 15.87 ? 1044 LEU A CA  1 
ATOM   604  C C   A LEU A 1 66  ? 2.214   -10.400 7.145   0.14 15.23 ? 1044 LEU A C   1 
ATOM   605  C C   B LEU A 1 66  ? 2.387   -10.488 7.101   0.23 14.88 ? 1044 LEU A C   1 
ATOM   606  C C   C LEU A 1 66  ? 2.214   -10.400 7.145   0.14 15.23 ? 1044 LEU A C   1 
ATOM   607  O O   A LEU A 1 66  ? 2.223   -10.655 8.371   0.14 14.43 ? 1044 LEU A O   1 
ATOM   608  O O   B LEU A 1 66  ? 2.754   -10.926 8.225   0.23 13.63 ? 1044 LEU A O   1 
ATOM   609  O O   C LEU A 1 66  ? 2.223   -10.655 8.371   0.14 14.43 ? 1044 LEU A O   1 
ATOM   610  C CB  A LEU A 1 66  ? 2.183   -12.660 5.981   0.14 17.34 ? 1044 LEU A CB  1 
ATOM   611  C CB  B LEU A 1 66  ? 2.067   -12.722 6.030   0.23 16.71 ? 1044 LEU A CB  1 
ATOM   612  C CB  C LEU A 1 66  ? 2.183   -12.660 5.981   0.14 17.34 ? 1044 LEU A CB  1 
ATOM   613  C CG  A LEU A 1 66  ? 1.432   -13.687 5.130   0.14 18.61 ? 1044 LEU A CG  1 
ATOM   614  C CG  B LEU A 1 66  ? 1.079   -13.847 5.736   0.23 17.74 ? 1044 LEU A CG  1 
ATOM   615  C CG  C LEU A 1 66  ? 1.432   -13.687 5.130   0.14 18.61 ? 1044 LEU A CG  1 
ATOM   616  C CD1 A LEU A 1 66  ? 2.160   -15.025 5.141   0.14 19.71 ? 1044 LEU A CD1 1 
ATOM   617  C CD1 B LEU A 1 66  ? 0.568   -13.762 4.313   0.23 18.11 ? 1044 LEU A CD1 1 
ATOM   618  C CD1 C LEU A 1 66  ? 2.160   -15.025 5.141   0.14 19.71 ? 1044 LEU A CD1 1 
ATOM   619  C CD2 A LEU A 1 66  ? -0.006  -13.848 5.603   0.14 19.19 ? 1044 LEU A CD2 1 
ATOM   620  C CD2 B LEU A 1 66  ? 1.730   -15.198 5.983   0.23 19.37 ? 1044 LEU A CD2 1 
ATOM   621  C CD2 C LEU A 1 66  ? -0.006  -13.848 5.603   0.14 19.19 ? 1044 LEU A CD2 1 
ATOM   622  N N   . THR A 1 67  ? 2.800   -9.323  6.595   1.00 14.25 ? 1045 THR A N   1 
ATOM   623  C CA  . THR A 1 67  ? 3.619   -8.366  7.370   1.00 14.39 ? 1045 THR A CA  1 
ATOM   624  C C   . THR A 1 67  ? 3.306   -6.925  6.944   1.00 14.52 ? 1045 THR A C   1 
ATOM   625  O O   . THR A 1 67  ? 2.835   -6.735  5.783   1.00 14.71 ? 1045 THR A O   1 
ATOM   626  C CB  . THR A 1 67  ? 5.119   -8.596  7.251   1.00 15.58 ? 1045 THR A CB  1 
ATOM   627  O OG1 . THR A 1 67  ? 5.598   -8.264  5.951   1.00 16.55 ? 1045 THR A OG1 1 
ATOM   628  C CG2 . THR A 1 67  ? 5.552   -10.018 7.588   1.00 16.24 ? 1045 THR A CG2 1 
ATOM   629  N N   . VAL A 1 68  ? 3.609   -5.944  7.776   1.00 13.51 ? 1046 VAL A N   1 
ATOM   630  C CA  . VAL A 1 68  ? 3.456   -4.518  7.345   1.00 13.82 ? 1046 VAL A CA  1 
ATOM   631  C C   . VAL A 1 68  ? 4.527   -4.237  6.296   1.00 15.41 ? 1046 VAL A C   1 
ATOM   632  O O   . VAL A 1 68  ? 4.282   -3.400  5.394   1.00 14.89 ? 1046 VAL A O   1 
ATOM   633  C CB  . VAL A 1 68  ? 3.472   -3.523  8.521   1.00 15.86 ? 1046 VAL A CB  1 
ATOM   634  C CG1 . VAL A 1 68  ? 3.217   -2.096  8.056   1.00 17.96 ? 1046 VAL A CG1 1 
ATOM   635  C CG2 . VAL A 1 68  ? 2.394   -3.858  9.548   1.00 18.30 ? 1046 VAL A CG2 1 
ATOM   636  N N   . LYS A 1 69  ? 5.696   -4.858  6.316   1.00 15.96 ? 1047 LYS A N   1 
ATOM   637  C CA  . LYS A 1 69  ? 6.729   -4.702  5.255   1.00 18.06 ? 1047 LYS A CA  1 
ATOM   638  C C   . LYS A 1 69  ? 6.147   -5.023  3.858   1.00 16.93 ? 1047 LYS A C   1 
ATOM   639  O O   . LYS A 1 69  ? 6.376   -4.232  2.888   1.00 18.30 ? 1047 LYS A O   1 
ATOM   640  C CB  . LYS A 1 69  ? 7.973   -5.508  5.665   1.00 22.53 ? 1047 LYS A CB  1 
ATOM   641  C CG  . LYS A 1 69  ? 9.140   -5.410  4.713   1.00 34.62 ? 1047 LYS A CG  1 
ATOM   642  C CD  . LYS A 1 69  ? 10.439  -5.996  5.315   1.00 43.91 ? 1047 LYS A CD  1 
ATOM   643  C CE  . LYS A 1 69  ? 11.218  -4.994  6.145   1.00 52.78 ? 1047 LYS A CE  1 
ATOM   644  N NZ  . LYS A 1 69  ? 10.899  -5.076  7.590   1.00 59.94 ? 1047 LYS A NZ  1 
ATOM   645  N N   A ASP A 1 70  ? 5.374   -6.090  3.698   0.24 15.41 ? 1048 ASP A N   1 
ATOM   646  N N   B ASP A 1 70  ? 5.435   -6.157  3.747   0.13 16.40 ? 1048 ASP A N   1 
ATOM   647  N N   C ASP A 1 70  ? 5.435   -6.157  3.747   0.13 16.40 ? 1048 ASP A N   1 
ATOM   648  C CA  A ASP A 1 70  ? 4.840   -6.467  2.361   0.24 16.03 ? 1048 ASP A CA  1 
ATOM   649  C CA  B ASP A 1 70  ? 4.705   -6.609  2.527   0.13 16.68 ? 1048 ASP A CA  1 
ATOM   650  C CA  C ASP A 1 70  ? 4.705   -6.609  2.527   0.13 16.68 ? 1048 ASP A CA  1 
ATOM   651  C C   A ASP A 1 70  ? 3.719   -5.478  1.949   0.24 14.88 ? 1048 ASP A C   1 
ATOM   652  C C   B ASP A 1 70  ? 3.823   -5.453  2.023   0.13 15.49 ? 1048 ASP A C   1 
ATOM   653  C C   C ASP A 1 70  ? 3.823   -5.453  2.023   0.13 15.49 ? 1048 ASP A C   1 
ATOM   654  O O   A ASP A 1 70  ? 3.527   -5.219  0.713   0.24 13.73 ? 1048 ASP A O   1 
ATOM   655  O O   B ASP A 1 70  ? 3.928   -5.078  0.834   0.13 15.56 ? 1048 ASP A O   1 
ATOM   656  O O   C ASP A 1 70  ? 3.928   -5.078  0.834   0.13 15.56 ? 1048 ASP A O   1 
ATOM   657  C CB  A ASP A 1 70  ? 4.472   -7.955  2.366   0.24 17.55 ? 1048 ASP A CB  1 
ATOM   658  C CB  B ASP A 1 70  ? 3.800   -7.831  2.778   0.13 17.95 ? 1048 ASP A CB  1 
ATOM   659  C CB  C ASP A 1 70  ? 3.800   -7.831  2.778   0.13 17.95 ? 1048 ASP A CB  1 
ATOM   660  C CG  A ASP A 1 70  ? 5.660   -8.919  2.318   0.24 19.43 ? 1048 ASP A CG  1 
ATOM   661  C CG  B ASP A 1 70  ? 4.470   -9.194  2.940   0.13 19.63 ? 1048 ASP A CG  1 
ATOM   662  C CG  C ASP A 1 70  ? 4.470   -9.194  2.940   0.13 19.63 ? 1048 ASP A CG  1 
ATOM   663  O OD1 A ASP A 1 70  ? 6.827   -8.459  2.151   0.24 21.08 ? 1048 ASP A OD1 1 
ATOM   664  O OD1 B ASP A 1 70  ? 5.713   -9.256  2.812   0.13 21.44 ? 1048 ASP A OD1 1 
ATOM   665  O OD1 C ASP A 1 70  ? 5.713   -9.256  2.812   0.13 21.44 ? 1048 ASP A OD1 1 
ATOM   666  O OD2 A ASP A 1 70  ? 5.422   -10.131 2.478   0.24 21.06 ? 1048 ASP A OD2 1 
ATOM   667  O OD2 B ASP A 1 70  ? 3.726   -10.205 3.196   0.13 20.25 ? 1048 ASP A OD2 1 
ATOM   668  O OD2 C ASP A 1 70  ? 3.726   -10.205 3.196   0.13 20.25 ? 1048 ASP A OD2 1 
ATOM   669  N N   . TYR A 1 71  ? 2.970   -4.929  2.906   1.00 14.26 ? 1049 TYR A N   1 
ATOM   670  C CA  . TYR A 1 71  ? 1.986   -3.854  2.588   1.00 13.18 ? 1049 TYR A CA  1 
ATOM   671  C C   . TYR A 1 71  ? 2.733   -2.603  2.099   1.00 12.64 ? 1049 TYR A C   1 
ATOM   672  O O   . TYR A 1 71  ? 2.317   -1.981  1.025   1.00 13.23 ? 1049 TYR A O   1 
ATOM   673  C CB  . TYR A 1 71  ? 1.149   -3.562  3.830   1.00 12.36 ? 1049 TYR A CB  1 
ATOM   674  C CG  . TYR A 1 71  ? 0.276   -2.334  3.751   1.00 11.13 ? 1049 TYR A CG  1 
ATOM   675  C CD1 . TYR A 1 71  ? -1.030  -2.370  3.286   1.00 11.72 ? 1049 TYR A CD1 1 
ATOM   676  C CD2 . TYR A 1 71  ? 0.717   -1.109  4.302   1.00 12.42 ? 1049 TYR A CD2 1 
ATOM   677  C CE1 . TYR A 1 71  ? -1.839  -1.245  3.271   1.00 11.98 ? 1049 TYR A CE1 1 
ATOM   678  C CE2 . TYR A 1 71  ? -0.077  0.018   4.280   1.00 12.10 ? 1049 TYR A CE2 1 
ATOM   679  C CZ  . TYR A 1 71  ? -1.367  -0.021  3.769   1.00 12.31 ? 1049 TYR A CZ  1 
ATOM   680  O OH  . TYR A 1 71  ? -2.188  1.078   3.758   1.00 13.58 ? 1049 TYR A OH  1 
ATOM   681  N N   . LEU A 1 72  ? 3.776   -2.201  2.807   1.00 13.23 ? 1050 LEU A N   1 
ATOM   682  C CA  . LEU A 1 72  ? 4.530   -0.952  2.442   1.00 14.15 ? 1050 LEU A CA  1 
ATOM   683  C C   . LEU A 1 72  ? 5.205   -1.131  1.081   1.00 14.09 ? 1050 LEU A C   1 
ATOM   684  O O   . LEU A 1 72  ? 5.385   -0.086  0.351   1.00 14.54 ? 1050 LEU A O   1 
ATOM   685  C CB  . LEU A 1 72  ? 5.495   -0.531  3.528   1.00 14.85 ? 1050 LEU A CB  1 
ATOM   686  C CG  . LEU A 1 72  ? 4.852   0.075   4.757   1.00 15.32 ? 1050 LEU A CG  1 
ATOM   687  C CD1 . LEU A 1 72  ? 5.939   0.221   5.835   1.00 18.69 ? 1050 LEU A CD1 1 
ATOM   688  C CD2 . LEU A 1 72  ? 4.179   1.408   4.517   1.00 18.50 ? 1050 LEU A CD2 1 
ATOM   689  N N   . ARG A 1 73  ? 5.548   -2.321  0.633   1.00 14.05 ? 1051 ARG A N   1 
ATOM   690  C CA  . ARG A 1 73  ? 6.095   -2.514  -0.732  1.00 15.28 ? 1051 ARG A CA  1 
ATOM   691  C C   . ARG A 1 73  ? 5.041   -2.100  -1.760  1.00 14.12 ? 1051 ARG A C   1 
ATOM   692  O O   . ARG A 1 73  ? 5.449   -1.496  -2.823  1.00 14.64 ? 1051 ARG A O   1 
ATOM   693  C CB  . ARG A 1 73  ? 6.541   -3.963  -0.991  1.00 20.25 ? 1051 ARG A CB  1 
ATOM   694  C CG  . ARG A 1 73  ? 7.757   -4.391  -0.192  1.00 27.50 ? 1051 ARG A CG  1 
ATOM   695  C CD  . ARG A 1 73  ? 8.155   -5.823  -0.605  1.00 36.51 ? 1051 ARG A CD  1 
ATOM   696  N NE  . ARG A 1 73  ? 8.507   -6.708  0.506   1.00 48.92 ? 1051 ARG A NE  1 
ATOM   697  C CZ  . ARG A 1 73  ? 9.665   -6.673  1.169   1.00 61.39 ? 1051 ARG A CZ  1 
ATOM   698  N NH1 . ARG A 1 73  ? 10.584  -5.771  0.855   1.00 65.82 ? 1051 ARG A NH1 1 
ATOM   699  N NH2 . ARG A 1 73  ? 9.892   -7.539  2.145   1.00 67.26 ? 1051 ARG A NH2 1 
ATOM   700  N N   . ASP A 1 74  ? 3.751   -2.339  -1.540  1.00 13.19 ? 1052 ASP A N   1 
ATOM   701  C CA  . ASP A 1 74  ? 2.701   -1.900  -2.498  1.00 12.19 ? 1052 ASP A CA  1 
ATOM   702  C C   . ASP A 1 74  ? 2.473   -0.362  -2.390  1.00 12.28 ? 1052 ASP A C   1 
ATOM   703  O O   . ASP A 1 74  ? 2.176   0.272   -3.437  1.00 12.31 ? 1052 ASP A O   1 
ATOM   704  C CB  . ASP A 1 74  ? 1.431   -2.740  -2.375  1.00 12.87 ? 1052 ASP A CB  1 
ATOM   705  C CG  . ASP A 1 74  ? 1.486   -4.036  -3.203  1.00 15.38 ? 1052 ASP A CG  1 
ATOM   706  O OD1 . ASP A 1 74  ? 2.362   -4.128  -4.109  1.00 16.86 ? 1052 ASP A OD1 1 
ATOM   707  O OD2 . ASP A 1 74  ? 0.584   -4.880  -3.004  1.00 14.97 ? 1052 ASP A OD2 1 
ATOM   708  N N   . ILE A 1 75  ? 2.504   0.230   -1.195  1.00 12.34 ? 1053 ILE A N   1 
ATOM   709  C CA  . ILE A 1 75  ? 2.418   1.729   -1.081  1.00 12.02 ? 1053 ILE A CA  1 
ATOM   710  C C   . ILE A 1 75  ? 3.618   2.337   -1.835  1.00 12.28 ? 1053 ILE A C   1 
ATOM   711  O O   . ILE A 1 75  ? 3.425   3.302   -2.644  1.00 12.58 ? 1053 ILE A O   1 
ATOM   712  C CB  . ILE A 1 75  ? 2.418   2.200   0.376   1.00 14.87 ? 1053 ILE A CB  1 
ATOM   713  C CG1 . ILE A 1 75  ? 1.236   1.625   1.156   1.00 14.86 ? 1053 ILE A CG1 1 
ATOM   714  C CG2 . ILE A 1 75  ? 2.489   3.718   0.411   1.00 16.82 ? 1053 ILE A CG2 1 
ATOM   715  C CD1 . ILE A 1 75  ? -0.143  1.972   0.589   1.00 17.61 ? 1053 ILE A CD1 1 
ATOM   716  N N   . ASP A 1 76  ? 4.810   1.794   -1.707  1.00 11.96 ? 1054 ASP A N   1 
ATOM   717  C CA  . ASP A 1 76  ? 6.015   2.270   -2.423  1.00 13.06 ? 1054 ASP A CA  1 
ATOM   718  C C   . ASP A 1 76  ? 5.785   2.134   -3.936  1.00 13.81 ? 1054 ASP A C   1 
ATOM   719  O O   . ASP A 1 76  ? 6.291   3.028   -4.687  1.00 14.22 ? 1054 ASP A O   1 
ATOM   720  C CB  . ASP A 1 76  ? 7.274   1.526   -1.983  1.00 14.97 ? 1054 ASP A CB  1 
ATOM   721  C CG  . ASP A 1 76  ? 7.800   1.845   -0.589  1.00 19.74 ? 1054 ASP A CG  1 
ATOM   722  O OD1 . ASP A 1 76  ? 7.539   2.915   -0.121  1.00 24.88 ? 1054 ASP A OD1 1 
ATOM   723  O OD2 . ASP A 1 76  ? 8.637   1.033   -0.152  1.00 30.73 ? 1054 ASP A OD2 1 
ATOM   724  N N   . LEU A 1 77  ? 5.133   1.071   -4.418  1.00 12.03 ? 1055 LEU A N   1 
ATOM   725  C CA  . LEU A 1 77  ? 4.886   0.844   -5.878  1.00 12.76 ? 1055 LEU A CA  1 
ATOM   726  C C   . LEU A 1 77  ? 3.880   1.880   -6.411  1.00 13.30 ? 1055 LEU A C   1 
ATOM   727  O O   . LEU A 1 77  ? 4.075   2.443   -7.525  1.00 13.20 ? 1055 LEU A O   1 
ATOM   728  C CB  . LEU A 1 77  ? 4.368   -0.606  -6.075  1.00 13.44 ? 1055 LEU A CB  1 
ATOM   729  C CG  . LEU A 1 77  ? 4.045   -1.064  -7.490  1.00 14.61 ? 1055 LEU A CG  1 
ATOM   730  C CD1 . LEU A 1 77  ? 5.248   -0.965  -8.424  1.00 15.75 ? 1055 LEU A CD1 1 
ATOM   731  C CD2 . LEU A 1 77  ? 3.500   -2.539  -7.443  1.00 15.64 ? 1055 LEU A CD2 1 
ATOM   732  N N   . ILE A 1 78  ? 2.832   2.223   -5.645  1.00 12.05 ? 1056 ILE A N   1 
ATOM   733  C CA  . ILE A 1 78  ? 1.926   3.329   -6.057  1.00 12.30 ? 1056 ILE A CA  1 
ATOM   734  C C   . ILE A 1 78  ? 2.760   4.588   -6.291  1.00 13.06 ? 1056 ILE A C   1 
ATOM   735  O O   . ILE A 1 78  ? 2.540   5.284   -7.374  1.00 13.21 ? 1056 ILE A O   1 
ATOM   736  C CB  . ILE A 1 78  ? 0.807   3.576   -5.032  1.00 12.77 ? 1056 ILE A CB  1 
ATOM   737  C CG1 . ILE A 1 78  ? -0.127  2.364   -4.901  1.00 12.62 ? 1056 ILE A CG1 1 
ATOM   738  C CG2 . ILE A 1 78  ? -0.016  4.819   -5.401  1.00 14.20 ? 1056 ILE A CG2 1 
ATOM   739  C CD1 . ILE A 1 78  ? -1.154  2.441   -3.790  1.00 13.72 ? 1056 ILE A CD1 1 
ATOM   740  N N   . CYS A 1 79  ? 3.622   4.948   -5.363  1.00 11.95 ? 1057 CYS A N   1 
ATOM   741  C CA  . CYS A 1 79  ? 4.443   6.194   -5.428  1.00 13.96 ? 1057 CYS A CA  1 
ATOM   742  C C   . CYS A 1 79  ? 5.439   6.086   -6.589  1.00 15.54 ? 1057 CYS A C   1 
ATOM   743  O O   . CYS A 1 79  ? 5.494   7.016   -7.469  1.00 15.19 ? 1057 CYS A O   1 
ATOM   744  C CB  . CYS A 1 79  ? 5.159   6.401   -4.122  1.00 14.54 ? 1057 CYS A CB  1 
ATOM   745  S SG  . CYS A 1 79  ? 6.173   7.919   -4.093  1.00 17.71 ? 1057 CYS A SG  1 
ATOM   746  N N   . SER A 1 80  ? 6.212   4.997   -6.701  1.00 13.58 ? 1058 SER A N   1 
ATOM   747  C CA  . SER A 1 80  ? 7.240   4.902   -7.777  1.00 14.23 ? 1058 SER A CA  1 
ATOM   748  C C   . SER A 1 80  ? 6.561   4.901   -9.152  1.00 14.63 ? 1058 SER A C   1 
ATOM   749  O O   . SER A 1 80  ? 7.138   5.533   -10.129 1.00 14.68 ? 1058 SER A O   1 
ATOM   750  C CB  . SER A 1 80  ? 8.183   3.737   -7.570  1.00 16.44 ? 1058 SER A CB  1 
ATOM   751  O OG  . SER A 1 80  ? 7.548   2.517   -7.616  1.00 19.80 ? 1058 SER A OG  1 
ATOM   752  N N   . ASN A 1 81  ? 5.431   4.260   -9.361  1.00 13.02 ? 1059 ASN A N   1 
ATOM   753  C CA  . ASN A 1 81  ? 4.691   4.267   -10.643 1.00 12.38 ? 1059 ASN A CA  1 
ATOM   754  C C   . ASN A 1 81  ? 4.366   5.736   -11.039 1.00 14.22 ? 1059 ASN A C   1 
ATOM   755  O O   . ASN A 1 81  ? 4.497   6.114   -12.214 1.00 13.89 ? 1059 ASN A O   1 
ATOM   756  C CB  . ASN A 1 81  ? 3.437   3.393   -10.636 1.00 12.08 ? 1059 ASN A CB  1 
ATOM   757  C CG  . ASN A 1 81  ? 3.692   1.888   -10.599 1.00 12.13 ? 1059 ASN A CG  1 
ATOM   758  O OD1 . ASN A 1 81  ? 4.794   1.442   -10.903 1.00 14.30 ? 1059 ASN A OD1 1 
ATOM   759  N ND2 . ASN A 1 81  ? 2.593   1.149   -10.344 1.00 13.95 ? 1059 ASN A ND2 1 
ATOM   760  N N   . ALA A 1 82  ? 3.843   6.526   -10.094 1.00 13.51 ? 1060 ALA A N   1 
ATOM   761  C CA  . ALA A 1 82  ? 3.495   7.951   -10.377 1.00 14.02 ? 1060 ALA A CA  1 
ATOM   762  C C   . ALA A 1 82  ? 4.761   8.736   -10.729 1.00 13.86 ? 1060 ALA A C   1 
ATOM   763  O O   . ALA A 1 82  ? 4.668   9.596   -11.680 1.00 14.95 ? 1060 ALA A O   1 
ATOM   764  C CB  . ALA A 1 82  ? 2.761   8.546   -9.167  1.00 14.07 ? 1060 ALA A CB  1 
ATOM   765  N N   . LEU A 1 83  ? 5.878   8.580   -10.069 1.00 14.19 ? 1061 LEU A N   1 
ATOM   766  C CA  . LEU A 1 83  ? 7.139   9.318   -10.355 1.00 15.45 ? 1061 LEU A CA  1 
ATOM   767  C C   . LEU A 1 83  ? 7.653   8.948   -11.760 1.00 18.19 ? 1061 LEU A C   1 
ATOM   768  O O   . LEU A 1 83  ? 8.157   9.850   -12.475 1.00 18.76 ? 1061 LEU A O   1 
ATOM   769  C CB  . LEU A 1 83  ? 8.206   9.079   -9.305  1.00 17.21 ? 1061 LEU A CB  1 
ATOM   770  C CG  . LEU A 1 83  ? 7.832   9.314   -7.829  1.00 21.11 ? 1061 LEU A CG  1 
ATOM   771  C CD1 . LEU A 1 83  ? 9.042   9.177   -6.929  1.00 21.52 ? 1061 LEU A CD1 1 
ATOM   772  C CD2 . LEU A 1 83  ? 7.139   10.631  -7.587  1.00 22.68 ? 1061 LEU A CD2 1 
ATOM   773  N N   A GLU A 1 84  ? 7.534   7.662   -12.134 0.14 17.84 ? 1062 GLU A N   1 
ATOM   774  N N   B GLU A 1 84  ? 7.506   7.693   -12.191 0.23 16.14 ? 1062 GLU A N   1 
ATOM   775  N N   C GLU A 1 84  ? 7.534   7.662   -12.134 0.14 17.84 ? 1062 GLU A N   1 
ATOM   776  C CA  A GLU A 1 84  ? 8.008   7.075   -13.427 0.14 19.17 ? 1062 GLU A CA  1 
ATOM   777  C CA  B GLU A 1 84  ? 8.078   7.222   -13.488 0.23 16.89 ? 1062 GLU A CA  1 
ATOM   778  C CA  C GLU A 1 84  ? 8.008   7.075   -13.427 0.14 19.17 ? 1062 GLU A CA  1 
ATOM   779  C C   A GLU A 1 84  ? 7.156   7.595   -14.588 0.14 17.83 ? 1062 GLU A C   1 
ATOM   780  C C   B GLU A 1 84  ? 7.141   7.574   -14.652 0.23 16.65 ? 1062 GLU A C   1 
ATOM   781  C C   C GLU A 1 84  ? 7.156   7.595   -14.588 0.14 17.83 ? 1062 GLU A C   1 
ATOM   782  O O   A GLU A 1 84  ? 7.761   8.061   -15.588 0.14 18.84 ? 1062 GLU A O   1 
ATOM   783  O O   B GLU A 1 84  ? 7.653   7.936   -15.752 0.23 17.24 ? 1062 GLU A O   1 
ATOM   784  O O   C GLU A 1 84  ? 7.761   8.061   -15.588 0.14 18.84 ? 1062 GLU A O   1 
ATOM   785  C CB  A GLU A 1 84  ? 7.963   5.536   -13.404 0.14 20.96 ? 1062 GLU A CB  1 
ATOM   786  C CB  B GLU A 1 84  ? 8.408   5.725   -13.410 0.23 17.13 ? 1062 GLU A CB  1 
ATOM   787  C CB  C GLU A 1 84  ? 7.963   5.536   -13.404 0.14 20.96 ? 1062 GLU A CB  1 
ATOM   788  C CG  A GLU A 1 84  ? 8.474   4.865   -14.684 0.14 22.79 ? 1062 GLU A CG  1 
ATOM   789  C CG  B GLU A 1 84  ? 9.443   5.407   -12.347 0.23 17.99 ? 1062 GLU A CG  1 
ATOM   790  C CG  C GLU A 1 84  ? 8.474   4.865   -14.684 0.14 22.79 ? 1062 GLU A CG  1 
ATOM   791  C CD  A GLU A 1 84  ? 8.486   3.334   -14.713 0.14 25.72 ? 1062 GLU A CD  1 
ATOM   792  C CD  B GLU A 1 84  ? 9.541   3.969   -11.839 0.23 19.63 ? 1062 GLU A CD  1 
ATOM   793  C CD  C GLU A 1 84  ? 8.486   3.334   -14.713 0.14 25.72 ? 1062 GLU A CD  1 
ATOM   794  O OE1 A GLU A 1 84  ? 8.783   2.765   -15.784 0.14 27.92 ? 1062 GLU A OE1 1 
ATOM   795  O OE1 B GLU A 1 84  ? 8.778   3.104   -12.315 0.23 18.60 ? 1062 GLU A OE1 1 
ATOM   796  O OE1 C GLU A 1 84  ? 8.783   2.765   -15.784 0.14 27.92 ? 1062 GLU A OE1 1 
ATOM   797  O OE2 A GLU A 1 84  ? 8.213   2.707   -13.678 0.14 27.84 ? 1062 GLU A OE2 1 
ATOM   798  O OE2 B GLU A 1 84  ? 10.388  3.714   -10.946 0.23 21.80 ? 1062 GLU A OE2 1 
ATOM   799  O OE2 C GLU A 1 84  ? 8.213   2.707   -13.678 0.14 27.84 ? 1062 GLU A OE2 1 
ATOM   800  N N   . TYR A 1 85  ? 5.825   7.502   -14.478 1.00 16.06 ? 1063 TYR A N   1 
ATOM   801  C CA  . TYR A 1 85  ? 4.883   7.836   -15.552 1.00 15.78 ? 1063 TYR A CA  1 
ATOM   802  C C   . TYR A 1 85  ? 4.832   9.367   -15.772 1.00 17.19 ? 1063 TYR A C   1 
ATOM   803  O O   . TYR A 1 85  ? 4.469   9.766   -16.901 1.00 17.13 ? 1063 TYR A O   1 
ATOM   804  C CB  . TYR A 1 85  ? 3.486   7.251   -15.372 1.00 16.04 ? 1063 TYR A CB  1 
ATOM   805  C CG  . TYR A 1 85  ? 2.645   7.352   -16.618 1.00 18.43 ? 1063 TYR A CG  1 
ATOM   806  C CD1 . TYR A 1 85  ? 2.912   6.521   -17.704 1.00 19.87 ? 1063 TYR A CD1 1 
ATOM   807  C CD2 . TYR A 1 85  ? 1.674   8.317   -16.764 1.00 19.11 ? 1063 TYR A CD2 1 
ATOM   808  C CE1 . TYR A 1 85  ? 2.183   6.644   -18.882 1.00 20.23 ? 1063 TYR A CE1 1 
ATOM   809  C CE2 . TYR A 1 85  ? 0.958   8.462   -17.941 1.00 21.90 ? 1063 TYR A CE2 1 
ATOM   810  C CZ  . TYR A 1 85  ? 1.206   7.617   -18.994 1.00 24.68 ? 1063 TYR A CZ  1 
ATOM   811  O OH  . TYR A 1 85  ? 0.488   7.789   -20.155 1.00 30.15 ? 1063 TYR A OH  1 
ATOM   812  N N   . ASN A 1 86  ? 5.031   10.141  -14.709 1.00 15.41 ? 1064 ASN A N   1 
ATOM   813  C CA  . ASN A 1 86  ? 4.778   11.636  -14.759 1.00 14.81 ? 1064 ASN A CA  1 
ATOM   814  C C   . ASN A 1 86  ? 6.056   12.380  -14.396 1.00 15.18 ? 1064 ASN A C   1 
ATOM   815  O O   . ASN A 1 86  ? 6.139   13.040  -13.330 1.00 16.30 ? 1064 ASN A O   1 
ATOM   816  C CB  . ASN A 1 86  ? 3.581   12.000  -13.846 1.00 14.55 ? 1064 ASN A CB  1 
ATOM   817  C CG  . ASN A 1 86  ? 2.329   11.213  -14.070 1.00 15.46 ? 1064 ASN A CG  1 
ATOM   818  O OD1 . ASN A 1 86  ? 1.540   11.460  -14.979 1.00 19.00 ? 1064 ASN A OD1 1 
ATOM   819  N ND2 . ASN A 1 86  ? 2.119   10.170  -13.222 1.00 15.65 ? 1064 ASN A ND2 1 
ATOM   820  N N   . PRO A 1 87  ? 7.175   12.300  -15.176 1.00 15.94 ? 1065 PRO A N   1 
ATOM   821  C CA  . PRO A 1 87  ? 8.492   12.823  -14.762 1.00 16.15 ? 1065 PRO A CA  1 
ATOM   822  C C   . PRO A 1 87  ? 8.856   14.282  -15.165 1.00 15.69 ? 1065 PRO A C   1 
ATOM   823  O O   . PRO A 1 87  ? 9.960   14.698  -14.837 1.00 19.56 ? 1065 PRO A O   1 
ATOM   824  C CB  . PRO A 1 87  ? 9.468   11.879  -15.481 1.00 18.73 ? 1065 PRO A CB  1 
ATOM   825  C CG  . PRO A 1 87  ? 8.739   11.556  -16.737 1.00 17.58 ? 1065 PRO A CG  1 
ATOM   826  C CD  . PRO A 1 87  ? 7.258   11.541  -16.445 1.00 18.28 ? 1065 PRO A CD  1 
ATOM   827  N N   . ASP A 1 88  ? 7.937   14.926  -15.866 1.00 17.25 ? 1066 ASP A N   1 
ATOM   828  C CA  . ASP A 1 88  ? 8.261   16.208  -16.579 1.00 17.44 ? 1066 ASP A CA  1 
ATOM   829  C C   . ASP A 1 88  ? 8.152   17.428  -15.651 1.00 19.77 ? 1066 ASP A C   1 
ATOM   830  O O   . ASP A 1 88  ? 7.644   17.360  -14.493 1.00 17.47 ? 1066 ASP A O   1 
ATOM   831  C CB  . ASP A 1 88  ? 7.338   16.326  -17.776 1.00 18.55 ? 1066 ASP A CB  1 
ATOM   832  C CG  . ASP A 1 88  ? 7.551   15.307  -18.896 1.00 23.45 ? 1066 ASP A CG  1 
ATOM   833  O OD1 . ASP A 1 88  ? 8.559   14.565  -18.851 1.00 25.55 ? 1066 ASP A OD1 1 
ATOM   834  O OD2 . ASP A 1 88  ? 6.681   15.286  -19.807 1.00 28.59 ? 1066 ASP A OD2 1 
ATOM   835  N N   . ARG A 1 89  ? 8.611   18.597  -16.149 1.00 18.27 ? 1067 ARG A N   1 
ATOM   836  C CA  . ARG A 1 89  ? 8.622   19.861  -15.348 1.00 17.57 ? 1067 ARG A CA  1 
ATOM   837  C C   . ARG A 1 89  ? 7.251   20.551  -15.335 1.00 16.50 ? 1067 ARG A C   1 
ATOM   838  O O   . ARG A 1 89  ? 7.114   21.491  -14.489 1.00 18.81 ? 1067 ARG A O   1 
ATOM   839  C CB  . ARG A 1 89  ? 9.756   20.824  -15.772 1.00 20.95 ? 1067 ARG A CB  1 
ATOM   840  C CG  . ARG A 1 89  ? 9.574   21.596  -17.082 1.00 25.63 ? 1067 ARG A CG  1 
ATOM   841  C CD  . ARG A 1 89  ? 8.943   23.012  -17.028 1.00 21.59 ? 1067 ARG A CD  1 
ATOM   842  N NE  . ARG A 1 89  ? 9.294   23.800  -15.860 1.00 22.73 ? 1067 ARG A NE  1 
ATOM   843  C CZ  . ARG A 1 89  ? 8.481   24.730  -15.281 1.00 21.30 ? 1067 ARG A CZ  1 
ATOM   844  N NH1 . ARG A 1 89  ? 8.899   25.463  -14.228 1.00 19.55 ? 1067 ARG A NH1 1 
ATOM   845  N NH2 . ARG A 1 89  ? 7.290   24.889  -15.809 1.00 19.30 ? 1067 ARG A NH2 1 
ATOM   846  N N   . ASP A 1 90  ? 6.318   20.161  -16.118 1.00 17.66 ? 1068 ASP A N   1 
ATOM   847  C CA  . ASP A 1 90  ? 5.077   20.932  -16.168 1.00 21.65 ? 1068 ASP A CA  1 
ATOM   848  C C   . ASP A 1 90  ? 4.257   20.728  -14.895 1.00 19.95 ? 1068 ASP A C   1 
ATOM   849  O O   . ASP A 1 90  ? 4.446   19.779  -14.117 1.00 17.80 ? 1068 ASP A O   1 
ATOM   850  C CB  . ASP A 1 90  ? 4.222   20.556  -17.330 1.00 22.99 ? 1068 ASP A CB  1 
ATOM   851  C CG  . ASP A 1 90  ? 3.779   19.132  -17.295 1.00 26.25 ? 1068 ASP A CG  1 
ATOM   852  O OD1 . ASP A 1 90  ? 4.577   18.301  -17.749 1.00 38.38 ? 1068 ASP A OD1 1 
ATOM   853  O OD2 . ASP A 1 90  ? 2.653   18.874  -16.763 1.00 36.28 ? 1068 ASP A OD2 1 
ATOM   854  N N   . PRO A 1 91  ? 3.373   21.680  -14.604 1.00 17.33 ? 1069 PRO A N   1 
ATOM   855  C CA  . PRO A 1 91  ? 2.657   21.691  -13.333 1.00 16.94 ? 1069 PRO A CA  1 
ATOM   856  C C   . PRO A 1 91  ? 1.821   20.424  -13.069 1.00 15.73 ? 1069 PRO A C   1 
ATOM   857  O O   . PRO A 1 91  ? 1.702   20.064  -11.870 1.00 15.69 ? 1069 PRO A O   1 
ATOM   858  C CB  . PRO A 1 91  ? 1.784   22.956  -13.386 1.00 18.36 ? 1069 PRO A CB  1 
ATOM   859  C CG  . PRO A 1 91  ? 2.473   23.848  -14.381 1.00 22.49 ? 1069 PRO A CG  1 
ATOM   860  C CD  . PRO A 1 91  ? 3.177   22.940  -15.372 1.00 18.20 ? 1069 PRO A CD  1 
ATOM   861  N N   . GLY A 1 92  ? 1.191   19.817  -14.064 1.00 16.47 ? 1070 GLY A N   1 
ATOM   862  C CA  . GLY A 1 92  ? 0.323   18.642  -13.815 1.00 16.21 ? 1070 GLY A CA  1 
ATOM   863  C C   . GLY A 1 92  ? 1.210   17.490  -13.348 1.00 16.82 ? 1070 GLY A C   1 
ATOM   864  O O   . GLY A 1 92  ? 0.861   16.785  -12.329 1.00 15.29 ? 1070 GLY A O   1 
ATOM   865  N N   . ASP A 1 93  ? 2.381   17.295  -13.948 1.00 15.73 ? 1071 ASP A N   1 
ATOM   866  C CA  . ASP A 1 93  ? 3.322   16.214  -13.509 1.00 15.83 ? 1071 ASP A CA  1 
ATOM   867  C C   . ASP A 1 93  ? 3.871   16.553  -12.135 1.00 14.36 ? 1071 ASP A C   1 
ATOM   868  O O   . ASP A 1 93  ? 3.949   15.664  -11.194 1.00 14.68 ? 1071 ASP A O   1 
ATOM   869  C CB  . ASP A 1 93  ? 4.445   15.939  -14.502 1.00 16.08 ? 1071 ASP A CB  1 
ATOM   870  C CG  . ASP A 1 93  ? 4.033   15.179  -15.753 1.00 17.36 ? 1071 ASP A CG  1 
ATOM   871  O OD1 . ASP A 1 93  ? 2.813   15.141  -16.058 1.00 20.92 ? 1071 ASP A OD1 1 
ATOM   872  O OD2 . ASP A 1 93  ? 4.979   14.554  -16.393 1.00 18.97 ? 1071 ASP A OD2 1 
ATOM   873  N N   . ARG A 1 94  ? 4.277   17.803  -11.847 1.00 13.55 ? 1072 ARG A N   1 
ATOM   874  C CA  . ARG A 1 94  ? 4.850   18.161  -10.541 1.00 14.45 ? 1072 ARG A CA  1 
ATOM   875  C C   . ARG A 1 94  ? 3.772   17.970  -9.434  1.00 13.71 ? 1072 ARG A C   1 
ATOM   876  O O   . ARG A 1 94  ? 4.184   17.556  -8.321  1.00 14.68 ? 1072 ARG A O   1 
ATOM   877  C CB  . ARG A 1 94  ? 5.478   19.568  -10.517 1.00 15.88 ? 1072 ARG A CB  1 
ATOM   878  C CG  . ARG A 1 94  ? 6.811   19.590  -11.256 1.00 19.03 ? 1072 ARG A CG  1 
ATOM   879  C CD  . ARG A 1 94  ? 7.474   20.966  -11.290 1.00 25.23 ? 1072 ARG A CD  1 
ATOM   880  N NE  . ARG A 1 94  ? 8.891   20.896  -11.712 1.00 30.41 ? 1072 ARG A NE  1 
ATOM   881  C CZ  . ARG A 1 94  ? 9.631   21.953  -12.125 1.00 39.91 ? 1072 ARG A CZ  1 
ATOM   882  N NH1 . ARG A 1 94  ? 9.078   23.147  -12.256 1.00 47.26 ? 1072 ARG A NH1 1 
ATOM   883  N NH2 . ARG A 1 94  ? 10.923  21.810  -12.407 1.00 38.97 ? 1072 ARG A NH2 1 
ATOM   884  N N   . LEU A 1 95  ? 2.536   18.291  -9.692  1.00 13.10 ? 1073 LEU A N   1 
ATOM   885  C CA  . LEU A 1 95  ? 1.437   18.148  -8.691  1.00 12.85 ? 1073 LEU A CA  1 
ATOM   886  C C   . LEU A 1 95  ? 1.243   16.651  -8.338  1.00 13.98 ? 1073 LEU A C   1 
ATOM   887  O O   . LEU A 1 95  ? 1.198   16.324  -7.117  1.00 13.25 ? 1073 LEU A O   1 
ATOM   888  C CB  . LEU A 1 95  ? 0.143   18.785  -9.143  1.00 12.60 ? 1073 LEU A CB  1 
ATOM   889  C CG  . LEU A 1 95  ? -1.073  18.640  -8.224  1.00 13.42 ? 1073 LEU A CG  1 
ATOM   890  C CD1 . LEU A 1 95  ? -0.812  19.292  -6.879  1.00 14.37 ? 1073 LEU A CD1 1 
ATOM   891  C CD2 . LEU A 1 95  ? -2.321  19.197  -8.854  1.00 15.81 ? 1073 LEU A CD2 1 
ATOM   892  N N   . ILE A 1 96  ? 1.158   15.766  -9.335  0.78 13.98 ? 1074 ILE A N   1 
ATOM   893  C CA  . ILE A 1 96  ? 0.940   14.315  -9.034  0.78 13.91 ? 1074 ILE A CA  1 
ATOM   894  C C   . ILE A 1 96  ? 2.172   13.754  -8.305  0.78 14.15 ? 1074 ILE A C   1 
ATOM   895  O O   . ILE A 1 96  ? 1.992   12.921  -7.372  0.78 13.70 ? 1074 ILE A O   1 
ATOM   896  C CB  . ILE A 1 96  ? 0.524   13.502  -10.279 0.78 14.72 ? 1074 ILE A CB  1 
ATOM   897  C CG1 . ILE A 1 96  ? -0.109  12.174  -9.839  0.78 15.52 ? 1074 ILE A CG1 1 
ATOM   898  C CG2 . ILE A 1 96  ? 1.689   13.283  -11.220 0.78 15.55 ? 1074 ILE A CG2 1 
ATOM   899  C CD1 . ILE A 1 96  ? -0.868  11.469  -10.929 0.78 17.04 ? 1074 ILE A CD1 1 
ATOM   900  N N   . ARG A 1 97  ? 3.395   14.173  -8.655  1.00 13.71 ? 1075 ARG A N   1 
ATOM   901  C CA  . ARG A 1 97  ? 4.621   13.699  -7.946  1.00 14.23 ? 1075 ARG A CA  1 
ATOM   902  C C   . ARG A 1 97  ? 4.565   14.155  -6.480  1.00 14.89 ? 1075 ARG A C   1 
ATOM   903  O O   . ARG A 1 97  ? 4.928   13.376  -5.567  1.00 13.93 ? 1075 ARG A O   1 
ATOM   904  C CB  . ARG A 1 97  ? 5.940   14.080  -8.604  1.00 15.18 ? 1075 ARG A CB  1 
ATOM   905  C CG  . ARG A 1 97  ? 6.128   13.433  -9.962  1.00 15.69 ? 1075 ARG A CG  1 
ATOM   906  C CD  . ARG A 1 97  ? 7.572   13.420  -10.375 1.00 18.67 ? 1075 ARG A CD  1 
ATOM   907  N NE  . ARG A 1 97  ? 8.291   14.690  -10.359 1.00 19.50 ? 1075 ARG A NE  1 
ATOM   908  C CZ  . ARG A 1 97  ? 8.257   15.607  -11.353 1.00 19.78 ? 1075 ARG A CZ  1 
ATOM   909  N NH1 . ARG A 1 97  ? 7.511   15.397  -12.411 1.00 18.25 ? 1075 ARG A NH1 1 
ATOM   910  N NH2 . ARG A 1 97  ? 8.957   16.728  -11.270 1.00 23.80 ? 1075 ARG A NH2 1 
ATOM   911  N N   . HIS A 1 98  ? 4.207   15.424  -6.207  1.00 13.20 ? 1076 HIS A N   1 
ATOM   912  C CA  . HIS A 1 98  ? 4.116   15.918  -4.820  1.00 14.02 ? 1076 HIS A CA  1 
ATOM   913  C C   . HIS A 1 98  ? 3.060   15.099  -4.047  1.00 13.32 ? 1076 HIS A C   1 
ATOM   914  O O   . HIS A 1 98  ? 3.377   14.760  -2.860  1.00 13.90 ? 1076 HIS A O   1 
ATOM   915  C CB  . HIS A 1 98  ? 3.825   17.433  -4.824  1.00 13.70 ? 1076 HIS A CB  1 
ATOM   916  C CG  . HIS A 1 98  ? 3.985   18.110  -3.492  1.00 15.06 ? 1076 HIS A CG  1 
ATOM   917  N ND1 . HIS A 1 98  ? 2.912   18.253  -2.607  1.00 17.05 ? 1076 HIS A ND1 1 
ATOM   918  C CD2 . HIS A 1 98  ? 5.072   18.644  -2.880  1.00 16.71 ? 1076 HIS A CD2 1 
ATOM   919  C CE1 . HIS A 1 98  ? 3.372   18.857  -1.490  1.00 18.10 ? 1076 HIS A CE1 1 
ATOM   920  N NE2 . HIS A 1 98  ? 4.701   19.099  -1.639  1.00 17.53 ? 1076 HIS A NE2 1 
ATOM   921  N N   . ARG A 1 99  ? 1.926   14.828  -4.644  1.00 12.81 ? 1077 ARG A N   1 
ATOM   922  C CA  . ARG A 1 99  ? 0.854   14.020  -3.989  1.00 12.62 ? 1077 ARG A CA  1 
ATOM   923  C C   . ARG A 1 99  ? 1.363   12.593  -3.754  1.00 13.66 ? 1077 ARG A C   1 
ATOM   924  O O   . ARG A 1 99  ? 1.034   12.024  -2.672  1.00 13.24 ? 1077 ARG A O   1 
ATOM   925  C CB  . ARG A 1 99  ? -0.434  14.056  -4.782  1.00 13.76 ? 1077 ARG A CB  1 
ATOM   926  C CG  . ARG A 1 99  ? -1.095  15.451  -4.804  1.00 14.78 ? 1077 ARG A CG  1 
ATOM   927  C CD  . ARG A 1 99  ? -2.211  15.557  -5.802  1.00 15.72 ? 1077 ARG A CD  1 
ATOM   928  N NE  . ARG A 1 99  ? -3.088  16.714  -5.564  1.00 15.21 ? 1077 ARG A NE  1 
ATOM   929  C CZ  . ARG A 1 99  ? -4.119  17.005  -6.302  1.00 15.86 ? 1077 ARG A CZ  1 
ATOM   930  N NH1 . ARG A 1 99  ? -4.357  16.369  -7.428  1.00 16.56 ? 1077 ARG A NH1 1 
ATOM   931  N NH2 . ARG A 1 99  ? -4.880  18.049  -5.977  1.00 19.51 ? 1077 ARG A NH2 1 
ATOM   932  N N   . ALA A 1 100 ? 2.070   11.988  -4.697  1.00 12.65 ? 1078 ALA A N   1 
ATOM   933  C CA  . ALA A 1 100 ? 2.600   10.599  -4.534  1.00 14.29 ? 1078 ALA A CA  1 
ATOM   934  C C   . ALA A 1 100 ? 3.552   10.574  -3.366  1.00 14.63 ? 1078 ALA A C   1 
ATOM   935  O O   . ALA A 1 100 ? 3.506   9.549   -2.554  1.00 15.45 ? 1078 ALA A O   1 
ATOM   936  C CB  . ALA A 1 100 ? 3.300   10.151  -5.815  1.00 15.25 ? 1078 ALA A CB  1 
ATOM   937  N N   . CYS A 1 101 ? 4.506   11.502  -3.229  1.00 13.81 ? 1079 CYS A N   1 
ATOM   938  C CA  . CYS A 1 101 ? 5.461   11.569  -2.136  1.00 14.52 ? 1079 CYS A CA  1 
ATOM   939  C C   . CYS A 1 101 ? 4.693   11.774  -0.818  1.00 14.32 ? 1079 CYS A C   1 
ATOM   940  O O   . CYS A 1 101 ? 5.068   11.168  0.226   1.00 15.53 ? 1079 CYS A O   1 
ATOM   941  C CB  . CYS A 1 101 ? 6.488   12.645  -2.356  1.00 17.32 ? 1079 CYS A CB  1 
ATOM   942  S SG  . CYS A 1 101 ? 7.653   12.210  -3.689  1.00 22.91 ? 1079 CYS A SG  1 
ATOM   943  N N   . ALA A 1 102 ? 3.643   12.564  -0.804  1.00 14.50 ? 1080 ALA A N   1 
ATOM   944  C CA  . ALA A 1 102 ? 2.839   12.815  0.416   1.00 14.97 ? 1080 ALA A CA  1 
ATOM   945  C C   . ALA A 1 102 ? 2.090   11.519  0.804   1.00 13.94 ? 1080 ALA A C   1 
ATOM   946  O O   . ALA A 1 102 ? 1.977   11.234  2.042   1.00 14.63 ? 1080 ALA A O   1 
ATOM   947  C CB  . ALA A 1 102 ? 1.898   13.985  0.241   1.00 14.29 ? 1080 ALA A CB  1 
ATOM   948  N N   . LEU A 1 103 ? 1.572   10.758  -0.151  1.00 13.76 ? 1081 LEU A N   1 
ATOM   949  C CA  . LEU A 1 103 ? 0.878   9.458   0.163   1.00 13.84 ? 1081 LEU A CA  1 
ATOM   950  C C   . LEU A 1 103 ? 1.891   8.557   0.850   1.00 14.14 ? 1081 LEU A C   1 
ATOM   951  O O   . LEU A 1 103 ? 1.562   7.965   1.964   1.00 13.67 ? 1081 LEU A O   1 
ATOM   952  C CB  . LEU A 1 103 ? 0.369   8.816   -1.132  1.00 13.72 ? 1081 LEU A CB  1 
ATOM   953  C CG  . LEU A 1 103 ? -0.182  7.398   -0.946  1.00 15.90 ? 1081 LEU A CG  1 
ATOM   954  C CD1 . LEU A 1 103 ? -1.509  7.501   -0.324  1.00 18.61 ? 1081 LEU A CD1 1 
ATOM   955  C CD2 . LEU A 1 103 ? -0.235  6.665   -2.294  1.00 20.98 ? 1081 LEU A CD2 1 
ATOM   956  N N   . ARG A 1 104 ? 3.077   8.386   0.309   1.00 13.34 ? 1082 ARG A N   1 
ATOM   957  C CA  . ARG A 1 104 ? 4.115   7.510   0.883   1.00 13.71 ? 1082 ARG A CA  1 
ATOM   958  C C   . ARG A 1 104 ? 4.489   8.011   2.278   1.00 14.85 ? 1082 ARG A C   1 
ATOM   959  O O   . ARG A 1 104 ? 4.511   7.188   3.256   1.00 14.36 ? 1082 ARG A O   1 
ATOM   960  C CB  . ARG A 1 104 ? 5.305   7.445   -0.083  1.00 16.25 ? 1082 ARG A CB  1 
ATOM   961  C CG  . ARG A 1 104 ? 6.502   6.613   0.403   1.00 19.57 ? 1082 ARG A CG  1 
ATOM   962  C CD  . ARG A 1 104 ? 7.779   7.072   -0.378  1.00 29.55 ? 1082 ARG A CD  1 
ATOM   963  N NE  . ARG A 1 104 ? 8.085   8.517   -0.042  1.00 36.67 ? 1082 ARG A NE  1 
ATOM   964  C CZ  . ARG A 1 104 ? 8.789   9.411   -0.763  1.00 37.70 ? 1082 ARG A CZ  1 
ATOM   965  N NH1 . ARG A 1 104 ? 8.940   10.645  -0.315  1.00 39.90 ? 1082 ARG A NH1 1 
ATOM   966  N NH2 . ARG A 1 104 ? 9.369   9.069   -1.910  1.00 41.96 ? 1082 ARG A NH2 1 
ATOM   967  N N   . ASP A 1 105 ? 4.834   9.297   2.410   1.00 14.33 ? 1083 ASP A N   1 
ATOM   968  C CA  . ASP A 1 105 ? 5.274   9.854   3.708   1.00 14.22 ? 1083 ASP A CA  1 
ATOM   969  C C   . ASP A 1 105 ? 4.157   9.692   4.764   1.00 14.41 ? 1083 ASP A C   1 
ATOM   970  O O   . ASP A 1 105 ? 4.506   9.418   5.985   1.00 15.24 ? 1083 ASP A O   1 
ATOM   971  C CB  . ASP A 1 105 ? 5.741   11.298  3.546   1.00 16.36 ? 1083 ASP A CB  1 
ATOM   972  C CG  . ASP A 1 105 ? 7.019   11.461  2.729   1.00 20.76 ? 1083 ASP A CG  1 
ATOM   973  O OD1 . ASP A 1 105 ? 7.753   10.505  2.447   1.00 22.41 ? 1083 ASP A OD1 1 
ATOM   974  O OD2 . ASP A 1 105 ? 7.227   12.646  2.337   1.00 25.93 ? 1083 ASP A OD2 1 
ATOM   975  N N   . THR A 1 106 ? 2.902   9.916   4.391   1.00 13.35 ? 1084 THR A N   1 
ATOM   976  C CA  . THR A 1 106 ? 1.769   9.827   5.315   1.00 14.59 ? 1084 THR A CA  1 
ATOM   977  C C   . THR A 1 106 ? 1.618   8.362   5.799   1.00 13.93 ? 1084 THR A C   1 
ATOM   978  O O   . THR A 1 106 ? 1.461   8.099   7.031   1.00 13.93 ? 1084 THR A O   1 
ATOM   979  C CB  . THR A 1 106 ? 0.480   10.383  4.727   1.00 15.13 ? 1084 THR A CB  1 
ATOM   980  O OG1 . THR A 1 106 ? 0.639   11.778  4.377   1.00 16.30 ? 1084 THR A OG1 1 
ATOM   981  C CG2 . THR A 1 106 ? -0.663  10.264  5.700   1.00 15.87 ? 1084 THR A CG2 1 
ATOM   982  N N   . ALA A 1 107 ? 1.639   7.368   4.897   1.00 12.94 ? 1085 ALA A N   1 
ATOM   983  C CA  . ALA A 1 107 ? 1.541   5.952   5.294   1.00 12.67 ? 1085 ALA A CA  1 
ATOM   984  C C   . ALA A 1 107 ? 2.650   5.606   6.262   1.00 13.58 ? 1085 ALA A C   1 
ATOM   985  O O   . ALA A 1 107 ? 2.398   4.963   7.336   1.00 12.74 ? 1085 ALA A O   1 
ATOM   986  C CB  . ALA A 1 107 ? 1.599   5.088   4.054   1.00 12.81 ? 1085 ALA A CB  1 
ATOM   987  N N   . TYR A 1 108 ? 3.895   5.955   5.960   1.00 12.18 ? 1086 TYR A N   1 
ATOM   988  C CA  . TYR A 1 108 ? 5.029   5.603   6.854   1.00 13.37 ? 1086 TYR A CA  1 
ATOM   989  C C   . TYR A 1 108 ? 4.857   6.316   8.213   1.00 14.35 ? 1086 TYR A C   1 
ATOM   990  O O   . TYR A 1 108 ? 5.232   5.692   9.250   1.00 15.65 ? 1086 TYR A O   1 
ATOM   991  C CB  . TYR A 1 108 ? 6.400   5.939   6.246   1.00 15.06 ? 1086 TYR A CB  1 
ATOM   992  C CG  . TYR A 1 108 ? 6.963   4.904   5.314   1.00 14.72 ? 1086 TYR A CG  1 
ATOM   993  C CD1 . TYR A 1 108 ? 6.540   4.753   3.996   1.00 15.86 ? 1086 TYR A CD1 1 
ATOM   994  C CD2 . TYR A 1 108 ? 7.911   3.967   5.722   1.00 17.54 ? 1086 TYR A CD2 1 
ATOM   995  C CE1 . TYR A 1 108 ? 7.065   3.808   3.117   1.00 16.94 ? 1086 TYR A CE1 1 
ATOM   996  C CE2 . TYR A 1 108 ? 8.443   3.010   4.876   1.00 18.76 ? 1086 TYR A CE2 1 
ATOM   997  C CZ  . TYR A 1 108 ? 8.026   2.907   3.551   1.00 17.61 ? 1086 TYR A CZ  1 
ATOM   998  O OH  . TYR A 1 108 ? 8.549   1.948   2.700   1.00 20.20 ? 1086 TYR A OH  1 
ATOM   999  N N   . ALA A 1 109 ? 4.364   7.554   8.264   1.00 13.38 ? 1087 ALA A N   1 
ATOM   1000 C CA  . ALA A 1 109 ? 4.199   8.302   9.527   1.00 14.49 ? 1087 ALA A CA  1 
ATOM   1001 C C   . ALA A 1 109 ? 3.117   7.667   10.412  1.00 15.09 ? 1087 ALA A C   1 
ATOM   1002 O O   . ALA A 1 109 ? 3.282   7.558   11.676  1.00 17.03 ? 1087 ALA A O   1 
ATOM   1003 C CB  . ALA A 1 109 ? 3.978   9.757   9.256   1.00 17.02 ? 1087 ALA A CB  1 
ATOM   1004 N N   . ILE A 1 110 ? 2.003   7.257   9.824   1.00 13.57 ? 1088 ILE A N   1 
ATOM   1005 C CA  . ILE A 1 110 ? 0.920   6.567   10.603  1.00 13.60 ? 1088 ILE A CA  1 
ATOM   1006 C C   . ILE A 1 110 ? 1.478   5.270   11.175  1.00 14.02 ? 1088 ILE A C   1 
ATOM   1007 O O   . ILE A 1 110 ? 1.247   4.988   12.381  1.00 15.04 ? 1088 ILE A O   1 
ATOM   1008 C CB  . ILE A 1 110 ? -0.301  6.295   9.723   1.00 13.71 ? 1088 ILE A CB  1 
ATOM   1009 C CG1 . ILE A 1 110 ? -0.991  7.573   9.319   1.00 15.09 ? 1088 ILE A CG1 1 
ATOM   1010 C CG2 . ILE A 1 110 ? -1.260  5.318   10.419  1.00 14.32 ? 1088 ILE A CG2 1 
ATOM   1011 C CD1 . ILE A 1 110 ? -2.097  7.434   8.282   1.00 16.60 ? 1088 ILE A CD1 1 
ATOM   1012 N N   . ILE A 1 111 ? 2.204   4.486   10.380  1.00 13.55 ? 1089 ILE A N   1 
ATOM   1013 C CA  . ILE A 1 111 ? 2.790   3.209   10.856  1.00 14.85 ? 1089 ILE A CA  1 
ATOM   1014 C C   . ILE A 1 111 ? 3.831   3.485   11.951  1.00 17.35 ? 1089 ILE A C   1 
ATOM   1015 O O   . ILE A 1 111 ? 3.818   2.745   12.985  1.00 16.55 ? 1089 ILE A O   1 
ATOM   1016 C CB  . ILE A 1 111 ? 3.280   2.391   9.647   1.00 16.55 ? 1089 ILE A CB  1 
ATOM   1017 C CG1 . ILE A 1 111 ? 2.046   1.808   8.925   1.00 18.62 ? 1089 ILE A CG1 1 
ATOM   1018 C CG2 . ILE A 1 111 ? 4.301   1.350   10.068  1.00 21.35 ? 1089 ILE A CG2 1 
ATOM   1019 C CD1 . ILE A 1 111 ? 2.261   1.359   7.486   1.00 24.51 ? 1089 ILE A CD1 1 
ATOM   1020 N N   . LYS A 1 112 ? 4.680   4.490   11.810  1.00 17.12 ? 1090 LYS A N   1 
ATOM   1021 C CA  . LYS A 1 112 ? 5.712   4.766   12.853  1.00 19.68 ? 1090 LYS A CA  1 
ATOM   1022 C C   . LYS A 1 112 ? 4.997   5.065   14.179  1.00 18.72 ? 1090 LYS A C   1 
ATOM   1023 O O   . LYS A 1 112 ? 5.503   4.557   15.242  1.00 22.17 ? 1090 LYS A O   1 
ATOM   1024 C CB  . LYS A 1 112 ? 6.603   5.939   12.422  1.00 22.55 ? 1090 LYS A CB  1 
ATOM   1025 C CG  . LYS A 1 112 ? 7.785   6.151   13.390  1.00 28.33 ? 1090 LYS A CG  1 
ATOM   1026 C CD  . LYS A 1 112 ? 8.688   7.288   12.994  1.00 35.20 ? 1090 LYS A CD  1 
ATOM   1027 C CE  . LYS A 1 112 ? 9.816   7.485   14.001  1.00 40.72 ? 1090 LYS A CE  1 
ATOM   1028 N NZ  . LYS A 1 112 ? 10.701  8.583   13.556  1.00 48.57 ? 1090 LYS A NZ  1 
ATOM   1029 N N   . GLU A 1 113 ? 3.904   5.806   14.180  1.00 17.03 ? 1091 GLU A N   1 
ATOM   1030 C CA  . GLU A 1 113 ? 3.188   6.234   15.416  1.00 19.47 ? 1091 GLU A CA  1 
ATOM   1031 C C   . GLU A 1 113 ? 2.298   5.115   15.969  1.00 20.47 ? 1091 GLU A C   1 
ATOM   1032 O O   . GLU A 1 113 ? 2.111   5.093   17.217  1.00 24.17 ? 1091 GLU A O   1 
ATOM   1033 C CB  . GLU A 1 113 ? 2.289   7.456   15.267  1.00 24.72 ? 1091 GLU A CB  1 
ATOM   1034 C CG  . GLU A 1 113 ? 2.976   8.795   15.057  1.00 37.70 ? 1091 GLU A CG  1 
ATOM   1035 C CD  . GLU A 1 113 ? 2.087   10.016  15.312  1.00 51.15 ? 1091 GLU A CD  1 
ATOM   1036 O OE1 . GLU A 1 113 ? 0.934   10.079  14.749  1.00 49.00 ? 1091 GLU A OE1 1 
ATOM   1037 O OE2 . GLU A 1 113 ? 2.539   10.921  16.075  1.00 60.55 ? 1091 GLU A OE2 1 
ATOM   1038 N N   . GLU A 1 114 ? 1.713   4.243   15.144  1.00 14.36 ? 1092 GLU A N   1 
ATOM   1039 C CA  . GLU A 1 114 ? 0.578   3.384   15.576  1.00 15.20 ? 1092 GLU A CA  1 
ATOM   1040 C C   . GLU A 1 114 ? 0.900   1.895   15.513  1.00 15.00 ? 1092 GLU A C   1 
ATOM   1041 O O   . GLU A 1 114 ? 0.112   1.116   16.129  1.00 17.79 ? 1092 GLU A O   1 
ATOM   1042 C CB  . GLU A 1 114 ? -0.653  3.698   14.714  1.00 14.64 ? 1092 GLU A CB  1 
ATOM   1043 C CG  . GLU A 1 114 ? -1.131  5.155   14.885  1.00 15.46 ? 1092 GLU A CG  1 
ATOM   1044 C CD  . GLU A 1 114 ? -2.341  5.525   14.068  1.00 16.22 ? 1092 GLU A CD  1 
ATOM   1045 O OE1 . GLU A 1 114 ? -3.198  4.640   13.753  1.00 16.64 ? 1092 GLU A OE1 1 
ATOM   1046 O OE2 . GLU A 1 114 ? -2.472  6.775   13.724  1.00 16.54 ? 1092 GLU A OE2 1 
ATOM   1047 N N   . LEU A 1 115 ? 1.934   1.442   14.848  1.00 14.77 ? 1093 LEU A N   1 
ATOM   1048 C CA  . LEU A 1 115 ? 2.333   0.012   14.802  1.00 15.17 ? 1093 LEU A CA  1 
ATOM   1049 C C   . LEU A 1 115 ? 3.333   -0.273  15.913  1.00 16.58 ? 1093 LEU A C   1 
ATOM   1050 O O   . LEU A 1 115 ? 4.423   0.308   15.914  1.00 18.69 ? 1093 LEU A O   1 
ATOM   1051 C CB  . LEU A 1 115 ? 2.936   -0.298  13.430  1.00 17.70 ? 1093 LEU A CB  1 
ATOM   1052 C CG  . LEU A 1 115 ? 3.666   -1.639  13.293  1.00 22.66 ? 1093 LEU A CG  1 
ATOM   1053 C CD1 . LEU A 1 115 ? 2.647   -2.721  13.338  1.00 18.68 ? 1093 LEU A CD1 1 
ATOM   1054 C CD2 . LEU A 1 115 ? 4.498   -1.756  12.015  1.00 22.06 ? 1093 LEU A CD2 1 
ATOM   1055 N N   . ASP A 1 116 ? 3.060   -1.250  16.775  1.00 15.36 ? 1094 ASP A N   1 
ATOM   1056 C CA  . ASP A 1 116 ? 4.083   -1.667  17.752  1.00 16.64 ? 1094 ASP A CA  1 
ATOM   1057 C C   . ASP A 1 116 ? 5.152   -2.522  17.041  1.00 16.47 ? 1094 ASP A C   1 
ATOM   1058 O O   . ASP A 1 116 ? 4.803   -3.490  16.337  1.00 15.86 ? 1094 ASP A O   1 
ATOM   1059 C CB  . ASP A 1 116 ? 3.376   -2.493  18.827  1.00 18.83 ? 1094 ASP A CB  1 
ATOM   1060 C CG  . ASP A 1 116 ? 4.249   -2.774  20.055  1.00 23.29 ? 1094 ASP A CG  1 
ATOM   1061 O OD1 . ASP A 1 116 ? 5.397   -3.282  19.908  1.00 25.63 ? 1094 ASP A OD1 1 
ATOM   1062 O OD2 . ASP A 1 116 ? 3.773   -2.491  21.182  1.00 24.51 ? 1094 ASP A OD2 1 
ATOM   1063 N N   A GLU A 1 117 ? 6.433   -2.193  17.236  0.15 17.82 ? 1095 GLU A N   1 
ATOM   1064 N N   B GLU A 1 117 ? 6.436   -2.199  17.234  0.19 16.80 ? 1095 GLU A N   1 
ATOM   1065 N N   C GLU A 1 117 ? 6.433   -2.193  17.236  0.15 17.82 ? 1095 GLU A N   1 
ATOM   1066 C CA  A GLU A 1 117 ? 7.581   -2.901  16.599  0.15 18.77 ? 1095 GLU A CA  1 
ATOM   1067 C CA  B GLU A 1 117 ? 7.573   -2.905  16.568  0.19 17.01 ? 1095 GLU A CA  1 
ATOM   1068 C CA  C GLU A 1 117 ? 7.581   -2.901  16.599  0.15 18.77 ? 1095 GLU A CA  1 
ATOM   1069 C C   A GLU A 1 117 ? 7.601   -4.389  16.984  0.15 16.92 ? 1095 GLU A C   1 
ATOM   1070 C C   B GLU A 1 117 ? 7.606   -4.390  16.983  0.19 15.66 ? 1095 GLU A C   1 
ATOM   1071 C C   C GLU A 1 117 ? 7.601   -4.389  16.984  0.15 16.92 ? 1095 GLU A C   1 
ATOM   1072 O O   A GLU A 1 117 ? 8.130   -5.212  16.193  0.15 16.18 ? 1095 GLU A O   1 
ATOM   1073 O O   B GLU A 1 117 ? 8.110   -5.224  16.197  0.19 14.54 ? 1095 GLU A O   1 
ATOM   1074 O O   C GLU A 1 117 ? 8.130   -5.212  16.193  0.15 16.18 ? 1095 GLU A O   1 
ATOM   1075 C CB  A GLU A 1 117 ? 8.915   -2.279  17.023  0.15 22.34 ? 1095 GLU A CB  1 
ATOM   1076 C CB  B GLU A 1 117 ? 8.913   -2.213  16.867  0.19 19.39 ? 1095 GLU A CB  1 
ATOM   1077 C CB  C GLU A 1 117 ? 8.915   -2.279  17.023  0.15 22.34 ? 1095 GLU A CB  1 
ATOM   1078 C CG  A GLU A 1 117 ? 9.185   -0.921  16.407  0.15 25.67 ? 1095 GLU A CG  1 
ATOM   1079 C CG  B GLU A 1 117 ? 9.292   -2.210  18.344  0.19 21.10 ? 1095 GLU A CG  1 
ATOM   1080 C CG  C GLU A 1 117 ? 9.185   -0.921  16.407  0.15 25.67 ? 1095 GLU A CG  1 
ATOM   1081 C CD  A GLU A 1 117 ? 10.601  -0.409  16.629  0.15 28.60 ? 1095 GLU A CD  1 
ATOM   1082 C CD  B GLU A 1 117 ? 10.500  -1.374  18.758  0.19 23.65 ? 1095 GLU A CD  1 
ATOM   1083 C CD  C GLU A 1 117 ? 10.601  -0.409  16.629  0.15 28.60 ? 1095 GLU A CD  1 
ATOM   1084 O OE1 A GLU A 1 117 ? 11.446  -1.185  17.148  0.15 30.26 ? 1095 GLU A OE1 1 
ATOM   1085 O OE1 B GLU A 1 117 ? 10.798  -0.361  18.096  0.19 26.37 ? 1095 GLU A OE1 1 
ATOM   1086 O OE1 C GLU A 1 117 ? 11.446  -1.185  17.148  0.15 30.26 ? 1095 GLU A OE1 1 
ATOM   1087 O OE2 A GLU A 1 117 ? 10.855  0.765   16.291  0.15 34.27 ? 1095 GLU A OE2 1 
ATOM   1088 O OE2 B GLU A 1 117 ? 11.127  -1.725  19.768  0.19 24.99 ? 1095 GLU A OE2 1 
ATOM   1089 O OE2 C GLU A 1 117 ? 10.855  0.765   16.291  0.15 34.27 ? 1095 GLU A OE2 1 
ATOM   1090 N N   . ASP A 1 118 ? 7.096   -4.736  18.176  1.00 16.51 ? 1096 ASP A N   1 
ATOM   1091 C CA  . ASP A 1 118 ? 7.065   -6.178  18.586  1.00 16.73 ? 1096 ASP A CA  1 
ATOM   1092 C C   . ASP A 1 118 ? 5.902   -6.939  17.900  1.00 15.14 ? 1096 ASP A C   1 
ATOM   1093 O O   . ASP A 1 118 ? 5.989   -8.159  17.712  1.00 14.81 ? 1096 ASP A O   1 
ATOM   1094 C CB  . ASP A 1 118 ? 7.015   -6.337  20.094  1.00 16.28 ? 1096 ASP A CB  1 
ATOM   1095 C CG  . ASP A 1 118 ? 8.287   -5.877  20.814  1.00 20.33 ? 1096 ASP A CG  1 
ATOM   1096 O OD1 . ASP A 1 118 ? 9.366   -5.864  20.207  1.00 21.80 ? 1096 ASP A OD1 1 
ATOM   1097 O OD2 . ASP A 1 118 ? 8.088   -5.460  21.969  1.00 26.64 ? 1096 ASP A OD2 1 
ATOM   1098 N N   . PHE A 1 119 ? 4.819   -6.254  17.505  1.00 14.18 ? 1097 PHE A N   1 
ATOM   1099 C CA  . PHE A 1 119 ? 3.726   -6.878  16.706  1.00 13.36 ? 1097 PHE A CA  1 
ATOM   1100 C C   . PHE A 1 119 ? 4.273   -7.180  15.293  1.00 13.09 ? 1097 PHE A C   1 
ATOM   1101 O O   . PHE A 1 119 ? 4.039   -8.314  14.805  1.00 13.40 ? 1097 PHE A O   1 
ATOM   1102 C CB  . PHE A 1 119 ? 2.493   -5.957  16.679  1.00 13.38 ? 1097 PHE A CB  1 
ATOM   1103 C CG  . PHE A 1 119 ? 1.343   -6.558  15.905  1.00 12.95 ? 1097 PHE A CG  1 
ATOM   1104 C CD1 . PHE A 1 119 ? 0.447   -7.428  16.502  1.00 14.67 ? 1097 PHE A CD1 1 
ATOM   1105 C CD2 . PHE A 1 119 ? 1.198   -6.299  14.538  1.00 13.70 ? 1097 PHE A CD2 1 
ATOM   1106 C CE1 . PHE A 1 119 ? -0.555  -8.029  15.767  1.00 15.33 ? 1097 PHE A CE1 1 
ATOM   1107 C CE2 . PHE A 1 119 ? 0.184   -6.910  13.819  1.00 14.62 ? 1097 PHE A CE2 1 
ATOM   1108 C CZ  . PHE A 1 119 ? -0.687  -7.757  14.438  1.00 14.20 ? 1097 PHE A CZ  1 
ATOM   1109 N N   . GLU A 1 120 ? 4.980   -6.239  14.680  1.00 13.49 ? 1098 GLU A N   1 
ATOM   1110 C CA  . GLU A 1 120 ? 5.567   -6.487  13.350  1.00 13.98 ? 1098 GLU A CA  1 
ATOM   1111 C C   . GLU A 1 120 ? 6.569   -7.662  13.437  1.00 13.87 ? 1098 GLU A C   1 
ATOM   1112 O O   . GLU A 1 120 ? 6.597   -8.502  12.525  1.00 14.30 ? 1098 GLU A O   1 
ATOM   1113 C CB  . GLU A 1 120 ? 6.207   -5.212  12.784  1.00 15.13 ? 1098 GLU A CB  1 
ATOM   1114 C CG  . GLU A 1 120 ? 6.940   -5.436  11.477  1.00 16.31 ? 1098 GLU A CG  1 
ATOM   1115 C CD  . GLU A 1 120 ? 6.159   -5.869  10.229  1.00 18.26 ? 1098 GLU A CD  1 
ATOM   1116 O OE1 . GLU A 1 120 ? 4.931   -5.974  10.328  1.00 18.63 ? 1098 GLU A OE1 1 
ATOM   1117 O OE2 . GLU A 1 120 ? 6.822   -6.145  9.174   1.00 21.47 ? 1098 GLU A OE2 1 
ATOM   1118 N N   . GLN A 1 121 ? 7.436   -7.681  14.476  1.00 14.61 ? 1099 GLN A N   1 
ATOM   1119 C CA  . GLN A 1 121 ? 8.456   -8.773  14.575  1.00 15.30 ? 1099 GLN A CA  1 
ATOM   1120 C C   . GLN A 1 121 ? 7.766   -10.127 14.715  1.00 14.96 ? 1099 GLN A C   1 
ATOM   1121 O O   . GLN A 1 121 ? 8.214   -11.108 14.100  1.00 15.03 ? 1099 GLN A O   1 
ATOM   1122 C CB  . GLN A 1 121 ? 9.360   -8.425  15.747  1.00 16.20 ? 1099 GLN A CB  1 
ATOM   1123 C CG  . GLN A 1 121 ? 10.525  -9.402  15.886  1.00 17.79 ? 1099 GLN A CG  1 
ATOM   1124 C CD  . GLN A 1 121 ? 11.491  -9.263  14.736  1.00 22.43 ? 1099 GLN A CD  1 
ATOM   1125 O OE1 . GLN A 1 121 ? 11.700  -8.138  14.219  1.00 24.69 ? 1099 GLN A OE1 1 
ATOM   1126 N NE2 . GLN A 1 121 ? 12.052  -10.403 14.312  1.00 23.89 ? 1099 GLN A NE2 1 
ATOM   1127 N N   . LEU A 1 122 ? 6.654   -10.203 15.481  1.00 13.94 ? 1100 LEU A N   1 
ATOM   1128 C CA  . LEU A 1 122 ? 5.873   -11.440 15.615  1.00 13.77 ? 1100 LEU A CA  1 
ATOM   1129 C C   . LEU A 1 122 ? 5.350   -11.890 14.235  1.00 15.73 ? 1100 LEU A C   1 
ATOM   1130 O O   . LEU A 1 122 ? 5.472   -13.074 13.858  1.00 15.22 ? 1100 LEU A O   1 
ATOM   1131 C CB  . LEU A 1 122 ? 4.736   -11.288 16.628  1.00 13.65 ? 1100 LEU A CB  1 
ATOM   1132 C CG  . LEU A 1 122 ? 3.825   -12.493 16.783  1.00 14.40 ? 1100 LEU A CG  1 
ATOM   1133 C CD1 . LEU A 1 122 ? 4.605   -13.780 17.186  1.00 16.88 ? 1100 LEU A CD1 1 
ATOM   1134 C CD2 . LEU A 1 122 ? 2.684   -12.221 17.728  1.00 16.21 ? 1100 LEU A CD2 1 
ATOM   1135 N N   . CYS A 1 123 ? 4.755   -10.968 13.449  1.00 13.73 ? 1101 CYS A N   1 
ATOM   1136 C CA  . CYS A 1 123 ? 4.249   -11.339 12.106  1.00 14.68 ? 1101 CYS A CA  1 
ATOM   1137 C C   . CYS A 1 123 ? 5.418   -11.872 11.246  1.00 15.60 ? 1101 CYS A C   1 
ATOM   1138 O O   . CYS A 1 123 ? 5.181   -12.866 10.546  1.00 15.72 ? 1101 CYS A O   1 
ATOM   1139 C CB  . CYS A 1 123 ? 3.617   -10.110 11.457  1.00 14.39 ? 1101 CYS A CB  1 
ATOM   1140 S SG  . CYS A 1 123 ? 2.033   -9.571  12.153  1.00 15.12 ? 1101 CYS A SG  1 
ATOM   1141 N N   . GLU A 1 124 ? 6.583   -11.240 11.289  1.00 15.46 ? 1102 GLU A N   1 
ATOM   1142 C CA  . GLU A 1 124 ? 7.761   -11.631 10.464  1.00 17.29 ? 1102 GLU A CA  1 
ATOM   1143 C C   . GLU A 1 124 ? 8.187   -13.050 10.880  1.00 19.34 ? 1102 GLU A C   1 
ATOM   1144 O O   . GLU A 1 124 ? 8.492   -13.902 9.992   1.00 20.25 ? 1102 GLU A O   1 
ATOM   1145 C CB  . GLU A 1 124 ? 8.872   -10.576 10.527  1.00 18.41 ? 1102 GLU A CB  1 
ATOM   1146 C CG  . GLU A 1 124 ? 8.532   -9.232  9.865   1.00 22.40 ? 1102 GLU A CG  1 
ATOM   1147 C CD  . GLU A 1 124 ? 9.585   -8.113  9.843   1.00 30.92 ? 1102 GLU A CD  1 
ATOM   1148 O OE1 . GLU A 1 124 ? 10.736  -8.456  10.107  1.00 35.17 ? 1102 GLU A OE1 1 
ATOM   1149 O OE2 . GLU A 1 124 ? 9.270   -6.870  9.557   1.00 26.82 ? 1102 GLU A OE2 1 
ATOM   1150 N N   . GLU A 1 125 ? 8.198   -13.342 12.181  1.00 17.30 ? 1103 GLU A N   1 
ATOM   1151 C CA  . GLU A 1 125 ? 8.635   -14.681 12.672  1.00 17.70 ? 1103 GLU A CA  1 
ATOM   1152 C C   . GLU A 1 125 ? 7.615   -15.757 12.318  1.00 20.01 ? 1103 GLU A C   1 
ATOM   1153 O O   . GLU A 1 125 ? 8.053   -16.893 11.902  1.00 23.32 ? 1103 GLU A O   1 
ATOM   1154 C CB  . GLU A 1 125 ? 9.044   -14.594 14.168  1.00 17.76 ? 1103 GLU A CB  1 
ATOM   1155 C CG  . GLU A 1 125 ? 10.299  -13.809 14.368  1.00 17.45 ? 1103 GLU A CG  1 
ATOM   1156 C CD  . GLU A 1 125 ? 10.906  -13.631 15.776  1.00 17.63 ? 1103 GLU A CD  1 
ATOM   1157 O OE1 . GLU A 1 125 ? 10.395  -14.288 16.702  1.00 18.69 ? 1103 GLU A OE1 1 
ATOM   1158 O OE2 . GLU A 1 125 ? 11.908  -12.859 15.887  1.00 20.23 ? 1103 GLU A OE2 1 
ATOM   1159 N N   . ILE A 1 126 ? 6.310   -15.535 12.378  1.00 16.92 ? 1104 ILE A N   1 
ATOM   1160 C CA  . ILE A 1 126 ? 5.311   -16.520 11.918  1.00 17.66 ? 1104 ILE A CA  1 
ATOM   1161 C C   . ILE A 1 126 ? 5.541   -16.730 10.404  1.00 23.10 ? 1104 ILE A C   1 
ATOM   1162 O O   . ILE A 1 126 ? 5.567   -17.900 9.982   1.00 25.36 ? 1104 ILE A O   1 
ATOM   1163 C CB  . ILE A 1 126 ? 3.862   -16.103 12.245  1.00 18.38 ? 1104 ILE A CB  1 
ATOM   1164 C CG1 . ILE A 1 126 ? 3.635   -15.831 13.740  1.00 18.32 ? 1104 ILE A CG1 1 
ATOM   1165 C CG2 . ILE A 1 126 ? 2.905   -17.158 11.730  1.00 18.28 ? 1104 ILE A CG2 1 
ATOM   1166 C CD1 . ILE A 1 126 ? 2.392   -15.052 14.072  1.00 19.52 ? 1104 ILE A CD1 1 
ATOM   1167 N N   . GLN A 1 127 ? 5.621   -15.651 9.598   1.00 22.67 ? 1105 GLN A N   1 
ATOM   1168 C CA  . GLN A 1 127 ? 5.847   -15.752 8.101   1.00 25.73 ? 1105 GLN A CA  1 
ATOM   1169 C C   . GLN A 1 127 ? 7.062   -16.663 7.792   1.00 29.13 ? 1105 GLN A C   1 
ATOM   1170 O O   . GLN A 1 127 ? 6.947   -17.597 6.928   1.00 26.31 ? 1105 GLN A O   1 
ATOM   1171 C CB  . GLN A 1 127 ? 5.974   -14.354 7.465   1.00 24.44 ? 1105 GLN A CB  1 
ATOM   1172 C CG  . GLN A 1 127 ? 6.255   -14.335 5.942   1.00 27.49 ? 1105 GLN A CG  1 
ATOM   1173 C CD  . GLN A 1 127 ? 6.493   -12.943 5.378   1.00 29.23 ? 1105 GLN A CD  1 
ATOM   1174 O OE1 . GLN A 1 127 ? 7.426   -12.216 5.777   1.00 31.92 ? 1105 GLN A OE1 1 
ATOM   1175 N NE2 . GLN A 1 127 ? 5.698   -12.570 4.372   1.00 31.92 ? 1105 GLN A NE2 1 
ATOM   1176 N N   A GLU A 1 128 ? 8.195   -16.410 8.456   0.15 29.16 ? 1106 GLU A N   1 
ATOM   1177 N N   B GLU A 1 128 ? 8.192   -16.429 8.473   0.20 26.83 ? 1106 GLU A N   1 
ATOM   1178 N N   C GLU A 1 128 ? 8.195   -16.410 8.456   0.15 29.16 ? 1106 GLU A N   1 
ATOM   1179 C CA  A GLU A 1 128 ? 9.475   -17.143 8.250   0.15 32.04 ? 1106 GLU A CA  1 
ATOM   1180 C CA  B GLU A 1 128 ? 9.473   -17.150 8.232   0.20 28.93 ? 1106 GLU A CA  1 
ATOM   1181 C CA  C GLU A 1 128 ? 9.475   -17.143 8.250   0.15 32.04 ? 1106 GLU A CA  1 
ATOM   1182 C C   A GLU A 1 128 ? 9.276   -18.637 8.545   0.15 33.26 ? 1106 GLU A C   1 
ATOM   1183 C C   B GLU A 1 128 ? 9.337   -18.633 8.600   0.20 31.63 ? 1106 GLU A C   1 
ATOM   1184 C C   C GLU A 1 128 ? 9.276   -18.637 8.545   0.15 33.26 ? 1106 GLU A C   1 
ATOM   1185 O O   A GLU A 1 128 ? 9.873   -19.467 7.819   0.15 34.18 ? 1106 GLU A O   1 
ATOM   1186 O O   B GLU A 1 128 ? 10.089  -19.449 8.009   0.20 33.46 ? 1106 GLU A O   1 
ATOM   1187 O O   C GLU A 1 128 ? 9.873   -19.467 7.819   0.15 34.18 ? 1106 GLU A O   1 
ATOM   1188 C CB  A GLU A 1 128 ? 10.575  -16.521 9.111   0.15 33.62 ? 1106 GLU A CB  1 
ATOM   1189 C CB  B GLU A 1 128 ? 10.620  -16.526 9.026   0.20 28.19 ? 1106 GLU A CB  1 
ATOM   1190 C CB  C GLU A 1 128 ? 10.575  -16.521 9.111   0.15 33.62 ? 1106 GLU A CB  1 
ATOM   1191 C CG  A GLU A 1 128 ? 11.384  -15.472 8.370   0.15 36.53 ? 1106 GLU A CG  1 
ATOM   1192 C CG  B GLU A 1 128 ? 11.904  -17.336 8.940   0.20 29.44 ? 1106 GLU A CG  1 
ATOM   1193 C CG  C GLU A 1 128 ? 11.384  -15.472 8.370   0.15 36.53 ? 1106 GLU A CG  1 
ATOM   1194 C CD  A GLU A 1 128 ? 11.722  -14.220 9.161   0.15 40.00 ? 1106 GLU A CD  1 
ATOM   1195 C CD  B GLU A 1 128 ? 12.528  -17.358 7.555   0.20 31.38 ? 1106 GLU A CD  1 
ATOM   1196 C CD  C GLU A 1 128 ? 11.722  -14.220 9.161   0.15 40.00 ? 1106 GLU A CD  1 
ATOM   1197 O OE1 A GLU A 1 128 ? 11.796  -14.300 10.408  0.15 41.36 ? 1106 GLU A OE1 1 
ATOM   1198 O OE1 B GLU A 1 128 ? 13.257  -18.321 7.249   0.20 32.56 ? 1106 GLU A OE1 1 
ATOM   1199 O OE1 C GLU A 1 128 ? 11.796  -14.300 10.408  0.15 41.36 ? 1106 GLU A OE1 1 
ATOM   1200 O OE2 A GLU A 1 128 ? 11.901  -13.159 8.527   0.15 42.63 ? 1106 GLU A OE2 1 
ATOM   1201 O OE2 B GLU A 1 128 ? 12.293  -16.406 6.789   0.20 31.69 ? 1106 GLU A OE2 1 
ATOM   1202 O OE2 C GLU A 1 128 ? 11.901  -13.159 8.527   0.15 42.63 ? 1106 GLU A OE2 1 
ATOM   1203 N N   . SER A 1 129 ? 8.445   -18.971 9.539   1.00 32.63 ? 1107 SER A N   1 
ATOM   1204 C CA  . SER A 1 129 ? 8.187   -20.381 9.958   1.00 35.00 ? 1107 SER A CA  1 
ATOM   1205 C C   . SER A 1 129 ? 7.305   -21.146 8.965   1.00 41.10 ? 1107 SER A C   1 
ATOM   1206 O O   . SER A 1 129 ? 7.130   -22.361 9.193   1.00 44.43 ? 1107 SER A O   1 
ATOM   1207 C CB  . SER A 1 129 ? 7.544   -20.439 11.325  1.00 34.49 ? 1107 SER A CB  1 
ATOM   1208 O OG  . SER A 1 129 ? 6.123   -20.234 11.207  1.00 35.21 ? 1107 SER A OG  1 
ATOM   1209 N N   . ARG A 1 130 ? 6.660   -20.499 7.997   1.00 42.66 ? 1108 ARG A N   1 
ATOM   1210 C CA  . ARG A 1 130 ? 5.654   -21.201 7.153   1.00 45.55 ? 1108 ARG A CA  1 
ATOM   1211 C C   . ARG A 1 130 ? 6.375   -21.861 5.969   1.00 55.72 ? 1108 ARG A C   1 
ATOM   1212 O O   . ARG A 1 130 ? 7.561   -21.580 5.683   1.00 54.96 ? 1108 ARG A O   1 
ATOM   1213 C CB  . ARG A 1 130 ? 4.530   -20.252 6.726   1.00 45.49 ? 1108 ARG A CB  1 
ATOM   1214 C CG  . ARG A 1 130 ? 3.824   -19.649 7.930   1.00 49.24 ? 1108 ARG A CG  1 
ATOM   1215 C CD  . ARG A 1 130 ? 2.330   -19.806 7.933   1.00 52.64 ? 1108 ARG A CD  1 
ATOM   1216 N NE  . ARG A 1 130 ? 1.787   -19.919 9.290   1.00 48.35 ? 1108 ARG A NE  1 
ATOM   1217 C CZ  . ARG A 1 130 ? 0.565   -19.525 9.642   1.00 45.09 ? 1108 ARG A CZ  1 
ATOM   1218 N NH1 . ARG A 1 130 ? -0.247  -19.000 8.733   1.00 60.45 ? 1108 ARG A NH1 1 
ATOM   1219 N NH2 . ARG A 1 130 ? 0.135   -19.666 10.883  1.00 39.55 ? 1108 ARG A NH2 1 
ATOM   1220 O OXT . ARG A 1 130 ? 5.751   -22.708 5.298   1.00 58.79 ? 1108 ARG A OXT 1 
HETATM 1221 S S   . SO4 B 2 .   ? 12.514  24.753  -14.456 1.00 26.57 ? 1201 SO4 A S   1 
HETATM 1222 O O1  . SO4 B 2 .   ? 12.651  25.750  -15.444 1.00 28.18 ? 1201 SO4 A O1  1 
HETATM 1223 O O2  . SO4 B 2 .   ? 11.781  23.624  -15.067 1.00 26.11 ? 1201 SO4 A O2  1 
HETATM 1224 O O3  . SO4 B 2 .   ? 13.725  24.431  -13.912 1.00 23.23 ? 1201 SO4 A O3  1 
HETATM 1225 O O4  . SO4 B 2 .   ? 11.621  25.279  -13.383 1.00 30.56 ? 1201 SO4 A O4  1 
HETATM 1226 S S   . SO4 C 2 .   ? 0.925   -11.538 -6.064  0.50 30.87 ? 1202 SO4 A S   1 
HETATM 1227 O O1  . SO4 C 2 .   ? 2.044   -12.455 -6.212  0.50 30.68 ? 1202 SO4 A O1  1 
HETATM 1228 O O2  . SO4 C 2 .   ? 1.241   -10.298 -6.752  0.50 28.67 ? 1202 SO4 A O2  1 
HETATM 1229 O O3  . SO4 C 2 .   ? 0.677   -11.267 -4.651  0.50 30.51 ? 1202 SO4 A O3  1 
HETATM 1230 O O4  . SO4 C 2 .   ? -0.265  -12.130 -6.644  0.50 28.60 ? 1202 SO4 A O4  1 
HETATM 1231 C C1  . EDO D 3 .   ? -0.369  -2.825  15.421  1.00 29.21 ? 1203 EDO A C1  1 
HETATM 1232 O O1  . EDO D 3 .   ? 0.396   -2.760  16.664  1.00 23.34 ? 1203 EDO A O1  1 
HETATM 1233 C C2  . EDO D 3 .   ? -1.420  -3.941  15.383  1.00 21.67 ? 1203 EDO A C2  1 
HETATM 1234 O O2  . EDO D 3 .   ? -2.583  -3.580  16.072  1.00 23.81 ? 1203 EDO A O2  1 
HETATM 1235 C C1  . EDO E 3 .   ? 0.452   1.478   19.489  1.00 51.21 ? 1204 EDO A C1  1 
HETATM 1236 O O1  . EDO E 3 .   ? 0.387   1.248   20.885  1.00 54.94 ? 1204 EDO A O1  1 
HETATM 1237 C C2  . EDO E 3 .   ? 1.817   1.271   18.959  1.00 51.66 ? 1204 EDO A C2  1 
HETATM 1238 O O2  . EDO E 3 .   ? 2.699   2.316   19.286  1.00 53.97 ? 1204 EDO A O2  1 
HETATM 1239 C C1  . EDO F 3 .   ? -6.489  -7.262  -6.399  1.00 25.20 ? 1205 EDO A C1  1 
HETATM 1240 O O1  . EDO F 3 .   ? -5.186  -7.163  -6.980  1.00 28.01 ? 1205 EDO A O1  1 
HETATM 1241 C C2  . EDO F 3 .   ? -7.191  -8.569  -6.715  1.00 24.35 ? 1205 EDO A C2  1 
HETATM 1242 O O2  . EDO F 3 .   ? -7.577  -8.547  -8.085  1.00 29.96 ? 1205 EDO A O2  1 
HETATM 1243 C C13 . RH7 G 4 .   ? -5.623  10.794  -17.136 0.78 36.42 ? 1206 RH7 A C13 1 
HETATM 1244 C C15 . RH7 G 4 .   ? -6.985  11.388  -18.972 0.78 41.34 ? 1206 RH7 A C15 1 
HETATM 1245 C C01 . RH7 G 4 .   ? -1.779  7.717   -10.649 0.78 19.04 ? 1206 RH7 A C01 1 
HETATM 1246 C C03 . RH7 G 4 .   ? -1.550  8.663   -12.762 0.78 20.03 ? 1206 RH7 A C03 1 
HETATM 1247 C C06 . RH7 G 4 .   ? -1.511  9.651   -15.185 0.78 25.99 ? 1206 RH7 A C06 1 
HETATM 1248 C C07 . RH7 G 4 .   ? -2.811  9.825   -16.172 0.78 30.35 ? 1206 RH7 A C07 1 
HETATM 1249 C C08 . RH7 G 4 .   ? -2.541  10.673  -17.179 0.78 31.69 ? 1206 RH7 A C08 1 
HETATM 1250 C C09 . RH7 G 4 .   ? -3.302  11.839  -17.043 0.78 34.21 ? 1206 RH7 A C09 1 
HETATM 1251 C C11 . RH7 G 4 .   ? -3.850  10.320  -15.319 0.78 29.59 ? 1206 RH7 A C11 1 
HETATM 1252 C C12 . RH7 G 4 .   ? -5.296  10.036  -15.804 0.78 33.17 ? 1206 RH7 A C12 1 
HETATM 1253 C C16 . RH7 G 4 .   ? -5.962  12.231  -19.490 0.78 40.54 ? 1206 RH7 A C16 1 
HETATM 1254 C C18 . RH7 G 4 .   ? -4.570  11.705  -17.719 0.78 36.75 ? 1206 RH7 A C18 1 
HETATM 1255 C C19 . RH7 G 4 .   ? -3.581  9.766   -13.818 0.78 26.04 ? 1206 RH7 A C19 1 
HETATM 1256 N N05 . RH7 G 4 .   ? -2.160  9.291   -13.869 0.78 23.24 ? 1206 RH7 A N05 1 
HETATM 1257 N N14 . RH7 G 4 .   ? -6.797  10.695  -17.816 0.78 40.99 ? 1206 RH7 A N14 1 
HETATM 1258 N N17 . RH7 G 4 .   ? -4.798  12.365  -18.872 0.78 39.69 ? 1206 RH7 A N17 1 
HETATM 1259 O O02 . RH7 G 4 .   ? -2.409  8.402   -11.708 0.78 20.33 ? 1206 RH7 A O02 1 
HETATM 1260 O O04 . RH7 G 4 .   ? -0.399  8.411   -12.782 0.78 20.20 ? 1206 RH7 A O04 1 
HETATM 1261 O O10 . RH7 G 4 .   ? -3.596  11.867  -15.416 0.78 34.96 ? 1206 RH7 A O10 1 
HETATM 1262 C C1  . EDO H 3 .   ? -6.280  7.599   -12.261 0.78 38.44 ? 1207 EDO A C1  1 
HETATM 1263 O O1  . EDO H 3 .   ? -6.777  8.134   -13.476 0.78 39.54 ? 1207 EDO A O1  1 
HETATM 1264 C C2  . EDO H 3 .   ? -7.342  7.182   -11.324 0.78 37.21 ? 1207 EDO A C2  1 
HETATM 1265 O O2  . EDO H 3 .   ? -8.319  6.305   -11.869 0.78 39.28 ? 1207 EDO A O2  1 
HETATM 1266 O O   . HOH I 5 .   ? 9.082   -1.074  0.215   1.00 37.06 ? 1301 HOH A O   1 
HETATM 1267 O O   . HOH I 5 .   ? 12.058  27.609  -14.392 1.00 39.52 ? 1302 HOH A O   1 
HETATM 1268 O O   . HOH I 5 .   ? -7.955  7.019   -15.099 0.78 35.17 ? 1303 HOH A O   1 
HETATM 1269 O O   . HOH I 5 .   ? -4.738  -16.000 8.336   1.00 44.40 ? 1304 HOH A O   1 
HETATM 1270 O O   . HOH I 5 .   ? -15.163 -8.788  13.068  1.00 30.92 ? 1305 HOH A O   1 
HETATM 1271 O O   . HOH I 5 .   ? 3.879   7.521   -22.271 1.00 43.87 ? 1306 HOH A O   1 
HETATM 1272 O O   . HOH I 5 .   ? 5.211   -20.083 13.839  1.00 35.03 ? 1307 HOH A O   1 
HETATM 1273 O O   . HOH I 5 .   ? 0.931   -20.197 18.486  1.00 49.08 ? 1308 HOH A O   1 
HETATM 1274 O O   . HOH I 5 .   ? -9.979  4.252   9.071   1.00 42.49 ? 1309 HOH A O   1 
HETATM 1275 O O   . HOH I 5 .   ? 10.258  5.867   -9.643  1.00 39.70 ? 1310 HOH A O   1 
HETATM 1276 O O   . HOH I 5 .   ? -1.268  8.897   14.428  1.00 36.13 ? 1311 HOH A O   1 
HETATM 1277 O O   . HOH I 5 .   ? -9.107  -15.339 10.340  1.00 54.79 ? 1312 HOH A O   1 
HETATM 1278 O O   . HOH I 5 .   ? 11.083  14.657  -18.337 1.00 44.64 ? 1313 HOH A O   1 
HETATM 1279 O O   . HOH I 5 .   ? 4.619   13.464  -18.703 1.00 30.32 ? 1314 HOH A O   1 
HETATM 1280 O O   . HOH I 5 .   ? 0.293   -7.029  -9.108  1.00 21.05 ? 1315 HOH A O   1 
HETATM 1281 O O   . HOH I 5 .   ? 10.204  8.131   -16.438 1.00 31.30 ? 1316 HOH A O   1 
HETATM 1282 O O   . HOH I 5 .   ? 9.396   -12.733 7.379   1.00 40.18 ? 1317 HOH A O   1 
HETATM 1283 O O   . HOH I 5 .   ? 10.234  -18.085 12.705  1.00 27.66 ? 1318 HOH A O   1 
HETATM 1284 O O   . HOH I 5 .   ? -12.470 -7.149  -0.830  1.00 24.71 ? 1319 HOH A O   1 
HETATM 1285 O O   . HOH I 5 .   ? 3.159   -21.109 11.174  1.00 48.19 ? 1320 HOH A O   1 
HETATM 1286 O O   . HOH I 5 .   ? 1.000   6.204   -11.739 1.00 18.11 ? 1321 HOH A O   1 
HETATM 1287 O O   . HOH I 5 .   ? -8.710  9.045   -17.038 0.78 54.57 ? 1322 HOH A O   1 
HETATM 1288 O O   . HOH I 5 .   ? -1.352  -11.488 -8.969  1.00 19.38 ? 1323 HOH A O   1 
HETATM 1289 O O   . HOH I 5 .   ? -6.299  -10.125 -9.782  1.00 23.33 ? 1324 HOH A O   1 
HETATM 1290 O O   . HOH I 5 .   ? 7.057   -4.569  -9.647  1.00 29.31 ? 1325 HOH A O   1 
HETATM 1291 O O   . HOH I 5 .   ? -12.699 -4.702  2.963   1.00 38.53 ? 1326 HOH A O   1 
HETATM 1292 O O   . HOH I 5 .   ? -3.925  -0.418  -10.387 1.00 20.25 ? 1327 HOH A O   1 
HETATM 1293 O O   . HOH I 5 .   ? 3.895   -6.781  -1.408  1.00 32.99 ? 1328 HOH A O   1 
HETATM 1294 O O   . HOH I 5 .   ? -9.015  15.794  -5.092  1.00 37.67 ? 1329 HOH A O   1 
HETATM 1295 O O   . HOH I 5 .   ? 12.425  -16.158 12.210  1.00 35.03 ? 1330 HOH A O   1 
HETATM 1296 O O   . HOH I 5 .   ? -10.480 2.805   -12.961 1.00 43.73 ? 1331 HOH A O   1 
HETATM 1297 O O   . HOH I 5 .   ? 4.618   -12.696 -5.522  1.00 38.82 ? 1332 HOH A O   1 
HETATM 1298 O O   . HOH I 5 .   ? -9.749  -12.205 15.836  0.50 32.20 ? 1333 HOH A O   1 
HETATM 1299 O O   . HOH I 5 .   ? 7.527   1.714   -10.387 1.00 19.75 ? 1334 HOH A O   1 
HETATM 1300 O O   . HOH I 5 .   ? -0.571  2.461   -10.912 0.78 21.67 ? 1335 HOH A O   1 
HETATM 1301 O O   . HOH I 5 .   ? 1.759   -9.391  -3.049  1.00 31.08 ? 1336 HOH A O   1 
HETATM 1302 O O   . HOH I 5 .   ? 14.534  -13.151 15.361  1.00 34.25 ? 1337 HOH A O   1 
HETATM 1303 O O   . HOH I 5 .   ? -0.496  13.886  5.624   1.00 26.12 ? 1338 HOH A O   1 
HETATM 1304 O O   . HOH I 5 .   ? -12.502 6.993   -5.828  1.00 45.72 ? 1339 HOH A O   1 
HETATM 1305 O O   . HOH I 5 .   ? 8.854   13.771  0.496   1.00 53.94 ? 1340 HOH A O   1 
HETATM 1306 O O   . HOH I 5 .   ? 11.078  -6.662  18.254  1.00 32.15 ? 1341 HOH A O   1 
HETATM 1307 O O   . HOH I 5 .   ? 2.083   21.984  -9.982  1.00 21.36 ? 1342 HOH A O   1 
HETATM 1308 O O   . HOH I 5 .   ? 8.042   -9.277  5.312   1.00 29.22 ? 1343 HOH A O   1 
HETATM 1309 O O   . HOH I 5 .   ? -4.834  -15.431 -1.686  1.00 45.21 ? 1344 HOH A O   1 
HETATM 1310 O O   . HOH I 5 .   ? -1.617  -5.620  19.551  1.00 18.94 ? 1345 HOH A O   1 
HETATM 1311 O O   . HOH I 5 .   ? 11.332  13.659  -12.721 1.00 32.56 ? 1346 HOH A O   1 
HETATM 1312 O O   . HOH I 5 .   ? -0.991  -11.447 18.456  1.00 29.01 ? 1347 HOH A O   1 
HETATM 1313 O O   . HOH I 5 .   ? 1.055   -3.271  -17.338 1.00 28.80 ? 1348 HOH A O   1 
HETATM 1314 O O   . HOH I 5 .   ? 1.934   12.723  -17.372 1.00 30.56 ? 1349 HOH A O   1 
HETATM 1315 O O   . HOH I 5 .   ? 2.379   -6.343  -5.723  1.00 21.33 ? 1350 HOH A O   1 
HETATM 1316 O O   . HOH I 5 .   ? -2.022  4.470   -8.895  0.78 28.96 ? 1351 HOH A O   1 
HETATM 1317 O O   . HOH I 5 .   ? 7.829   -1.399  -4.196  1.00 20.74 ? 1352 HOH A O   1 
HETATM 1318 O O   . HOH I 5 .   ? -2.590  0.867   16.596  1.00 23.31 ? 1353 HOH A O   1 
HETATM 1319 O O   . HOH I 5 .   ? 4.571   -14.581 2.867   1.00 57.73 ? 1354 HOH A O   1 
HETATM 1320 O O   . HOH I 5 .   ? -7.795  10.996  6.223   1.00 27.65 ? 1355 HOH A O   1 
HETATM 1321 O O   . HOH I 5 .   ? -9.512  10.641  -1.966  1.00 20.61 ? 1356 HOH A O   1 
HETATM 1322 O O   . HOH I 5 .   ? 7.123   9.693   6.830   1.00 23.17 ? 1357 HOH A O   1 
HETATM 1323 O O   . HOH I 5 .   ? 5.332   14.601  1.850   1.00 44.09 ? 1358 HOH A O   1 
HETATM 1324 O O   . HOH I 5 .   ? -7.452  10.778  -12.985 0.78 45.95 ? 1359 HOH A O   1 
HETATM 1325 O O   . HOH I 5 .   ? 9.094   -16.677 17.253  1.00 20.26 ? 1360 HOH A O   1 
HETATM 1326 O O   . HOH I 5 .   ? -9.666  -4.796  -6.808  1.00 29.16 ? 1361 HOH A O   1 
HETATM 1327 O O   . HOH I 5 .   ? 8.678   0.997   -19.165 1.00 40.45 ? 1362 HOH A O   1 
HETATM 1328 O O   . HOH I 5 .   ? 10.444  11.254  -11.730 1.00 26.42 ? 1363 HOH A O   1 
HETATM 1329 O O   . HOH I 5 .   ? 6.088   -7.906  -7.873  1.00 40.76 ? 1364 HOH A O   1 
HETATM 1330 O O   . HOH I 5 .   ? 3.283   -4.070  -20.337 1.00 49.10 ? 1365 HOH A O   1 
HETATM 1331 O O   . HOH I 5 .   ? -6.572  16.678  2.382   1.00 49.27 ? 1366 HOH A O   1 
HETATM 1332 O O   . HOH I 5 .   ? -4.977  1.345   12.105  1.00 27.59 ? 1367 HOH A O   1 
HETATM 1333 O O   . HOH I 5 .   ? -4.186  -1.293  15.830  1.00 17.90 ? 1368 HOH A O   1 
HETATM 1334 O O   . HOH I 5 .   ? -2.236  -16.061 3.115   1.00 44.29 ? 1369 HOH A O   1 
HETATM 1335 O O   . HOH I 5 .   ? 0.502   5.693   -9.259  0.78 18.72 ? 1370 HOH A O   1 
HETATM 1336 O O   . HOH I 5 .   ? -11.595 -2.798  -3.261  1.00 25.57 ? 1371 HOH A O   1 
HETATM 1337 O O   . HOH I 5 .   ? -10.308 -1.963  9.982   1.00 13.40 ? 1372 HOH A O   1 
HETATM 1338 O O   . HOH I 5 .   ? -3.368  -3.687  -15.189 1.00 48.05 ? 1373 HOH A O   1 
HETATM 1339 O O   . HOH I 5 .   ? 7.884   12.246  -20.296 1.00 30.75 ? 1374 HOH A O   1 
HETATM 1340 O O   . HOH I 5 .   ? 8.608   0.643   -5.803  1.00 23.15 ? 1375 HOH A O   1 
HETATM 1341 O O   . HOH I 5 .   ? -1.792  16.488  -11.423 0.78 24.65 ? 1376 HOH A O   1 
HETATM 1342 O O   . HOH I 5 .   ? -3.350  -9.246  -6.488  1.00 24.10 ? 1377 HOH A O   1 
HETATM 1343 O O   . HOH I 5 .   ? 10.326  -6.319  12.555  1.00 43.54 ? 1378 HOH A O   1 
HETATM 1344 O O   . HOH I 5 .   ? -4.300  5.296   -9.869  0.78 33.33 ? 1379 HOH A O   1 
HETATM 1345 O O   . HOH I 5 .   ? 11.165  2.079   0.579   1.00 47.35 ? 1380 HOH A O   1 
HETATM 1346 O O   . HOH I 5 .   ? 5.277   9.208   12.837  1.00 31.66 ? 1381 HOH A O   1 
HETATM 1347 O O   . HOH I 5 .   ? -4.289  10.124  10.562  1.00 40.49 ? 1382 HOH A O   1 
HETATM 1348 O O   . HOH I 5 .   ? -9.285  -2.577  -7.958  1.00 38.65 ? 1383 HOH A O   1 
HETATM 1349 O O   . HOH I 5 .   ? 14.790  23.243  -11.558 1.00 55.15 ? 1384 HOH A O   1 
HETATM 1350 O O   . HOH I 5 .   ? 1.046   -1.747  21.545  1.00 32.12 ? 1385 HOH A O   1 
HETATM 1351 O O   . HOH I 5 .   ? 5.461   -0.916  -12.359 1.00 16.27 ? 1386 HOH A O   1 
HETATM 1352 O O   . HOH I 5 .   ? 1.562   16.034  4.191   1.00 43.05 ? 1387 HOH A O   1 
HETATM 1353 O O   . HOH I 5 .   ? 5.729   23.494  -12.992 1.00 20.87 ? 1388 HOH A O   1 
HETATM 1354 O O   . HOH I 5 .   ? -6.089  -15.148 9.942   1.00 25.07 ? 1389 HOH A O   1 
HETATM 1355 O O   . HOH I 5 .   ? 6.659   19.408  -19.379 1.00 47.22 ? 1390 HOH A O   1 
HETATM 1356 O O   . HOH I 5 .   ? -12.396 7.498   -1.433  1.00 36.62 ? 1391 HOH A O   1 
HETATM 1357 O O   . HOH I 5 .   ? 5.023   15.855  -0.784  1.00 24.11 ? 1392 HOH A O   1 
HETATM 1358 O O   . HOH I 5 .   ? 7.449   3.876   9.376   1.00 30.88 ? 1393 HOH A O   1 
HETATM 1359 O O   . HOH I 5 .   ? 6.045   23.768  -18.145 1.00 26.63 ? 1394 HOH A O   1 
HETATM 1360 O O   . HOH I 5 .   ? 11.412  1.885   -8.975  1.00 54.80 ? 1395 HOH A O   1 
HETATM 1361 O O   . HOH I 5 .   ? 9.704   -4.609  13.858  1.00 35.10 ? 1396 HOH A O   1 
HETATM 1362 O O   . HOH I 5 .   ? 2.913   -5.776  -17.537 1.00 23.94 ? 1397 HOH A O   1 
HETATM 1363 O O   . HOH I 5 .   ? -8.445  6.930   -8.906  1.00 43.37 ? 1398 HOH A O   1 
HETATM 1364 O O   . HOH I 5 .   ? 1.084   -13.495 -0.259  1.00 35.97 ? 1399 HOH A O   1 
HETATM 1365 O O   . HOH I 5 .   ? -5.055  -4.013  19.521  1.00 14.65 ? 1400 HOH A O   1 
HETATM 1366 O O   . HOH I 5 .   ? 6.975   0.092   18.919  1.00 31.18 ? 1401 HOH A O   1 
HETATM 1367 O O   . HOH I 5 .   ? 5.194   -4.696  -4.197  1.00 31.26 ? 1402 HOH A O   1 
HETATM 1368 O O   . HOH I 5 .   ? 10.706  18.809  -12.548 1.00 28.03 ? 1403 HOH A O   1 
HETATM 1369 O O   . HOH I 5 .   ? 11.356  17.227  -14.634 1.00 34.63 ? 1404 HOH A O   1 
HETATM 1370 O O   . HOH I 5 .   ? -12.915 12.173  0.216   1.00 50.41 ? 1405 HOH A O   1 
HETATM 1371 O O   . HOH I 5 .   ? -5.686  13.341  -6.247  1.00 19.64 ? 1406 HOH A O   1 
HETATM 1372 O O   . HOH I 5 .   ? 8.713   -2.535  2.552   1.00 32.54 ? 1407 HOH A O   1 
HETATM 1373 O O   . HOH I 5 .   ? 6.060   -3.548  22.813  1.00 41.14 ? 1408 HOH A O   1 
HETATM 1374 O O   . HOH I 5 .   ? -2.684  -21.790 11.784  1.00 51.27 ? 1409 HOH A O   1 
HETATM 1375 O O   . HOH I 5 .   ? -1.017  -15.179 -3.690  1.00 43.14 ? 1410 HOH A O   1 
HETATM 1376 O O   . HOH I 5 .   ? -8.771  12.285  -9.478  1.00 41.82 ? 1411 HOH A O   1 
HETATM 1377 O O   . HOH I 5 .   ? 0.545   21.053  -16.634 1.00 41.39 ? 1412 HOH A O   1 
HETATM 1378 O O   . HOH I 5 .   ? -3.250  1.436   -20.140 1.00 31.77 ? 1413 HOH A O   1 
HETATM 1379 O O   . HOH I 5 .   ? -3.644  -9.470  3.912   1.00 14.94 ? 1414 HOH A O   1 
HETATM 1380 O O   . HOH I 5 .   ? -5.854  -13.673 20.185  1.00 44.80 ? 1415 HOH A O   1 
HETATM 1381 O O   . HOH I 5 .   ? -12.053 -11.915 3.052   1.00 30.47 ? 1416 HOH A O   1 
HETATM 1382 O O   . HOH I 5 .   ? 3.257   11.190  -19.200 1.00 40.33 ? 1417 HOH A O   1 
HETATM 1383 O O   . HOH I 5 .   ? 6.897   17.863  -7.134  1.00 35.85 ? 1418 HOH A O   1 
HETATM 1384 O O   . HOH I 5 .   ? 6.659   -5.895  -21.256 1.00 31.93 ? 1419 HOH A O   1 
HETATM 1385 O O   . HOH I 5 .   ? -2.777  14.799  -9.413  0.78 21.52 ? 1420 HOH A O   1 
HETATM 1386 O O   . HOH I 5 .   ? 8.599   4.640   -3.685  1.00 25.21 ? 1421 HOH A O   1 
HETATM 1387 O O   . HOH I 5 .   ? 14.290  -7.294  12.970  1.00 56.19 ? 1422 HOH A O   1 
HETATM 1388 O O   . HOH I 5 .   ? -3.505  -12.110 6.127   1.00 19.04 ? 1423 HOH A O   1 
HETATM 1389 O O   . HOH I 5 .   ? 9.359   -0.651  3.958   1.00 36.03 ? 1424 HOH A O   1 
HETATM 1390 O O   . HOH I 5 .   ? -1.109  10.327  -20.418 0.78 47.52 ? 1425 HOH A O   1 
HETATM 1391 O O   . HOH I 5 .   ? -10.854 -9.183  -2.051  1.00 20.18 ? 1426 HOH A O   1 
HETATM 1392 O O   . HOH I 5 .   ? -9.846  3.403   -2.743  1.00 30.83 ? 1427 HOH A O   1 
HETATM 1393 O O   . HOH I 5 .   ? -9.256  15.572  2.824   1.00 32.89 ? 1428 HOH A O   1 
HETATM 1394 O O   . HOH I 5 .   ? -9.415  -14.759 1.642   1.00 36.37 ? 1429 HOH A O   1 
HETATM 1395 O O   . HOH I 5 .   ? -10.149 -6.987  -8.377  1.00 31.75 ? 1430 HOH A O   1 
HETATM 1396 O O   . HOH I 5 .   ? 13.588  22.897  -17.388 1.00 32.02 ? 1431 HOH A O   1 
HETATM 1397 O O   . HOH I 5 .   ? -6.271  9.963   9.690   1.00 32.42 ? 1432 HOH A O   1 
HETATM 1398 O O   . HOH I 5 .   ? 2.548   -9.617  -0.703  1.00 29.96 ? 1433 HOH A O   1 
HETATM 1399 O O   . HOH I 5 .   ? 3.162   11.061  12.921  1.00 56.32 ? 1434 HOH A O   1 
HETATM 1400 O O   . HOH I 5 .   ? 0.594   17.837  0.682   1.00 20.25 ? 1435 HOH A O   1 
HETATM 1401 O O   . HOH I 5 .   ? -3.303  1.843   -11.923 0.78 19.92 ? 1436 HOH A O   1 
HETATM 1402 O O   . HOH I 5 .   ? 3.164   -22.558 16.002  1.00 44.99 ? 1437 HOH A O   1 
HETATM 1403 O O   . HOH I 5 .   ? -10.223 -16.994 17.838  1.00 64.27 ? 1438 HOH A O   1 
HETATM 1404 O O   . HOH I 5 .   ? -0.634  -2.962  19.536  1.00 34.72 ? 1439 HOH A O   1 
HETATM 1405 O O   . HOH I 5 .   ? 6.669   0.933   13.929  1.00 49.95 ? 1440 HOH A O   1 
HETATM 1406 O O   . HOH I 5 .   ? 7.095   -0.225  -14.541 1.00 22.47 ? 1441 HOH A O   1 
HETATM 1407 O O   . HOH I 5 .   ? -4.509  -23.905 17.892  1.00 48.25 ? 1442 HOH A O   1 
HETATM 1408 O O   . HOH I 5 .   ? 0.886   -15.624 17.728  1.00 27.68 ? 1443 HOH A O   1 
HETATM 1409 O O   . HOH I 5 .   ? -4.818  -17.640 4.655   1.00 56.44 ? 1444 HOH A O   1 
HETATM 1410 O O   . HOH I 5 .   ? -10.742 -14.525 6.929   1.00 47.09 ? 1445 HOH A O   1 
HETATM 1411 O O   . HOH I 5 .   ? 8.883   8.382   4.451   1.00 42.74 ? 1446 HOH A O   1 
HETATM 1412 O O   . HOH I 5 .   ? 10.913  12.524  -1.865  1.00 61.96 ? 1447 HOH A O   1 
HETATM 1413 O O   . HOH I 5 .   ? -4.460  10.857  5.211   1.00 31.22 ? 1448 HOH A O   1 
HETATM 1414 O O   . HOH I 5 .   ? 0.935   10.246  11.562  1.00 51.96 ? 1449 HOH A O   1 
HETATM 1415 O O   . HOH I 5 .   ? -9.368  1.941   -0.882  1.00 37.06 ? 1450 HOH A O   1 
HETATM 1416 O O   . HOH I 5 .   ? -6.669  18.739  -8.562  1.00 38.37 ? 1451 HOH A O   1 
HETATM 1417 O O   . HOH I 5 .   ? -5.433  13.039  -13.042 0.78 39.83 ? 1452 HOH A O   1 
HETATM 1418 O O   . HOH I 5 .   ? 5.892   -5.872  -6.144  1.00 59.90 ? 1453 HOH A O   1 
HETATM 1419 O O   . HOH I 5 .   ? 10.128  4.689   0.860   1.00 39.56 ? 1454 HOH A O   1 
HETATM 1420 O O   . HOH I 5 .   ? 10.439  18.354  -18.890 1.00 18.79 ? 1455 HOH A O   1 
HETATM 1421 O O   . HOH I 5 .   ? -1.996  -13.906 19.570  1.00 47.44 ? 1456 HOH A O   1 
HETATM 1422 O O   . HOH I 5 .   ? 9.847   -1.364  -2.150  1.00 28.94 ? 1457 HOH A O   1 
HETATM 1423 O O   . HOH I 5 .   ? -10.899 8.176   -9.462  1.00 59.40 ? 1458 HOH A O   1 
HETATM 1424 O O   . HOH I 5 .   ? 3.120   14.037  3.897   1.00 44.18 ? 1459 HOH A O   1 
HETATM 1425 O O   . HOH I 5 .   ? -0.908  -15.731 -6.396  1.00 34.92 ? 1460 HOH A O   1 
HETATM 1426 O O   . HOH I 5 .   ? -11.182 0.133   8.287   1.00 26.18 ? 1461 HOH A O   1 
HETATM 1427 O O   . HOH I 5 .   ? 9.599   13.797  -7.263  1.00 40.99 ? 1462 HOH A O   1 
HETATM 1428 O O   . HOH I 5 .   ? 1.109   -18.871 5.476   1.00 44.56 ? 1463 HOH A O   1 
HETATM 1429 O O   . HOH I 5 .   ? -11.779 -11.413 -0.664  1.00 22.48 ? 1464 HOH A O   1 
HETATM 1430 O O   . HOH I 5 .   ? 11.373  16.055  -8.688  1.00 66.38 ? 1465 HOH A O   1 
HETATM 1431 O O   . HOH I 5 .   ? -7.628  14.904  -7.823  1.00 43.28 ? 1466 HOH A O   1 
HETATM 1432 O O   . HOH I 5 .   ? -3.273  -15.015 6.425   1.00 30.66 ? 1467 HOH A O   1 
HETATM 1433 O O   . HOH I 5 .   ? -12.967 -4.835  -2.096  1.00 32.22 ? 1468 HOH A O   1 
HETATM 1434 O O   . HOH I 5 .   ? 11.726  9.402   -13.204 1.00 48.69 ? 1469 HOH A O   1 
HETATM 1435 O O   . HOH I 5 .   ? -2.592  10.878  15.397  1.00 39.60 ? 1470 HOH A O   1 
HETATM 1436 O O   . HOH I 5 .   ? -0.974  18.763  4.742   1.00 44.52 ? 1471 HOH A O   1 
HETATM 1437 O O   . HOH I 5 .   ? 7.810   15.852  -5.536  1.00 43.30 ? 1472 HOH A O   1 
HETATM 1438 O O   . HOH I 5 .   ? 3.733   12.984  6.553   1.00 36.12 ? 1473 HOH A O   1 
HETATM 1439 O O   . HOH I 5 .   ? 1.922   21.489  -19.319 1.00 57.23 ? 1474 HOH A O   1 
HETATM 1440 O O   . HOH I 5 .   ? 7.883   8.534   9.244   1.00 29.01 ? 1475 HOH A O   1 
HETATM 1441 O O   . HOH I 5 .   ? 6.188   8.499   15.551  1.00 40.70 ? 1476 HOH A O   1 
HETATM 1442 O O   . HOH I 5 .   ? 7.836   2.344   11.660  1.00 51.76 ? 1477 HOH A O   1 
HETATM 1443 O O   . HOH I 5 .   ? 0.987   17.324  5.616   1.00 56.43 ? 1478 HOH A O   1 
HETATM 1444 O O   . HOH I 5 .   ? -9.415  13.312  5.449   1.00 47.53 ? 1479 HOH A O   1 
HETATM 1445 O O   . HOH I 5 .   ? 9.376   6.418   -4.817  1.00 40.04 ? 1480 HOH A O   1 
HETATM 1446 O O   . HOH I 5 .   ? -12.280 -0.207  -1.716  1.00 47.98 ? 1481 HOH A O   1 
HETATM 1447 O O   . HOH I 5 .   ? 3.087   17.492  1.595   1.00 29.53 ? 1482 HOH A O   1 
HETATM 1448 O O   . HOH I 5 .   ? 6.885   12.283  7.369   1.00 40.20 ? 1483 HOH A O   1 
HETATM 1449 O O   . HOH I 5 .   ? 7.488   16.283  -1.304  1.00 63.89 ? 1484 HOH A O   1 
HETATM 1450 O O   . HOH I 5 .   ? 7.464   -3.727  -5.493  1.00 42.99 ? 1485 HOH A O   1 
HETATM 1451 O O   . HOH I 5 .   ? 12.022  12.520  -19.153 1.00 47.13 ? 1486 HOH A O   1 
HETATM 1452 O O   . HOH I 5 .   ? -8.505  18.546  -4.150  1.00 45.48 ? 1487 HOH A O   1 
HETATM 1453 O O   . HOH I 5 .   ? -9.691  -16.595 8.220   1.00 51.48 ? 1488 HOH A O   1 
HETATM 1454 O O   . HOH I 5 .   ? 9.575   -1.020  -7.985  1.00 39.83 ? 1489 HOH A O   1 
HETATM 1455 O O   . HOH I 5 .   ? -11.206 2.237   2.017   1.00 47.79 ? 1490 HOH A O   1 
HETATM 1456 O O   . HOH I 5 .   ? 11.088  11.951  -9.149  1.00 39.07 ? 1491 HOH A O   1 
HETATM 1457 O O   . HOH I 5 .   ? -6.202  -0.572  13.891  1.00 19.82 ? 1492 HOH A O   1 
HETATM 1458 O O   . HOH I 5 .   ? -5.256  14.180  -10.813 0.78 38.15 ? 1493 HOH A O   1 
HETATM 1459 O O   . HOH I 5 .   ? -6.691  18.666  0.208   1.00 51.46 ? 1494 HOH A O   1 
HETATM 1460 O O   . HOH I 5 .   ? 10.383  2.312   -4.372  1.00 52.93 ? 1495 HOH A O   1 
HETATM 1461 O O   . HOH I 5 .   ? 9.395   6.035   9.151   1.00 38.16 ? 1496 HOH A O   1 
HETATM 1462 O O   . HOH I 5 .   ? -2.352  13.153  7.530   1.00 48.77 ? 1497 HOH A O   1 
HETATM 1463 O O   . HOH I 5 .   ? 9.412   -1.354  -15.091 1.00 55.28 ? 1498 HOH A O   1 
HETATM 1464 O O   . HOH I 5 .   ? -11.636 -14.032 -0.855  1.00 30.40 ? 1499 HOH A O   1 
HETATM 1465 O O   . HOH I 5 .   ? 8.906   -0.648  -10.164 1.00 28.28 ? 1500 HOH A O   1 
HETATM 1466 O O   . HOH I 5 .   ? 11.959  3.492   -6.930  1.00 52.52 ? 1501 HOH A O   1 
HETATM 1467 O O   . HOH I 5 .   ? 7.425   -2.678  -11.421 1.00 24.36 ? 1502 HOH A O   1 
HETATM 1468 O O   . HOH I 5 .   ? -14.206 -3.382  0.547   1.00 60.17 ? 1503 HOH A O   1 
HETATM 1469 O O   . HOH I 5 .   ? -12.178 4.901   -2.701  1.00 43.98 ? 1504 HOH A O   1 
HETATM 1470 O O   . HOH I 5 .   ? -11.789 0.428   3.352   1.00 39.60 ? 1505 HOH A O   1 
HETATM 1471 O O   . HOH I 5 .   ? 11.009  6.005   -7.249  1.00 47.72 ? 1506 HOH A O   1 
HETATM 1472 O O   . HOH I 5 .   ? 7.239   10.185  11.318  1.00 32.96 ? 1507 HOH A O   1 
HETATM 1473 O O   . HOH I 5 .   ? 2.368   12.842  8.313   1.00 53.98 ? 1508 HOH A O   1 
HETATM 1474 O O   . HOH I 5 .   ? 0.382   11.467  9.720   1.00 51.03 ? 1509 HOH A O   1 
HETATM 1475 O O   . HOH I 5 .   ? -7.385  -16.957 -2.187  1.00 42.47 ? 1510 HOH A O   1 
HETATM 1476 O O   . HOH I 5 .   ? -11.762 12.119  -2.300  1.00 35.59 ? 1511 HOH A O   1 
HETATM 1477 O O   . HOH I 5 .   ? 8.198   -1.754  13.117  1.00 37.23 ? 1512 HOH A O   1 
HETATM 1478 O O   . HOH I 5 .   ? 4.683   23.210  -10.516 1.00 23.34 ? 1513 HOH A O   1 
HETATM 1479 O O   . HOH I 5 .   ? 8.453   -3.624  -7.757  1.00 46.16 ? 1514 HOH A O   1 
HETATM 1480 O O   . HOH I 5 .   ? 0.302   -2.244  24.121  1.00 47.04 ? 1515 HOH A O   1 
HETATM 1481 O O   . HOH I 5 .   ? -11.804 -1.915  3.825   1.00 46.83 ? 1516 HOH A O   1 
HETATM 1482 O O   . HOH I 5 .   ? -3.899  10.895  7.641   1.00 38.70 ? 1517 HOH A O   1 
HETATM 1483 O O   . HOH I 5 .   ? 10.609  6.948   4.298   1.00 62.55 ? 1518 HOH A O   1 
HETATM 1484 O O   . HOH I 5 .   ? 3.028   -18.401 3.956   1.00 53.81 ? 1519 HOH A O   1 
HETATM 1485 O O   . HOH I 5 .   ? 10.945  12.492  -5.506  1.00 53.33 ? 1520 HOH A O   1 
HETATM 1486 O O   . HOH I 5 .   ? 9.025   -3.550  -13.509 1.00 38.53 ? 1521 HOH A O   1 
HETATM 1487 O O   . HOH I 5 .   ? 6.783   12.574  9.951   1.00 41.47 ? 1522 HOH A O   1 
HETATM 1488 O O   . HOH I 5 .   ? 4.017   13.243  10.680  1.00 54.23 ? 1523 HOH A O   1 
HETATM 1489 O O   . HOH I 5 .   ? -13.143 -0.290  0.694   1.00 51.44 ? 1524 HOH A O   1 
# 
